data_2Q4L
#
_entry.id   2Q4L
#
_cell.length_a   59.984
_cell.length_b   95.535
_cell.length_c   110.522
_cell.angle_alpha   90.000
_cell.angle_beta   90.000
_cell.angle_gamma   90.000
#
_symmetry.space_group_name_H-M   'P 21 21 21'
#
loop_
_entity.id
_entity.type
_entity.pdbx_description
1 polymer 'Probable galactose-1-phosphate uridyl transferase'
2 non-polymer 'ZINC ION'
3 water water
#
_entity_poly.entity_id   1
_entity_poly.type   'polypeptide(L)'
_entity_poly.pdbx_seq_one_letter_code
;MTSPSHASDRGGGDGDSVENQSPELRKDPVTNRWVIFSPARAKRPTDFKSKSPQNPNPKPSSCPFCIGREQECAPELFRV
PDHDPNWKLRVIENLYPALSRNLETQSTQPETGTSRTIVGFGFHDVVIESPVHSIQLSDIDPVGIGDILIAYKKRINQIA
QHDSINYIQVFKNQGASAGASMSHSHSQMMALPVVPPTVSSRLDGTKDYFEETGKCCLCEAKSKHFVIDESSHFVSVAPF
AATYPFEIWIIPKDHSSHFHHLDDVKAVDLGGLLKLMLQKIAKQLNDPPYNYMIHTSPLKVTESQLPYTHWFLQIVPQLS
GVGGFEIGTGCYINPVFPEDVAKVMREVSLT
;
_entity_poly.pdbx_strand_id   A,B
#
loop_
_chem_comp.id
_chem_comp.type
_chem_comp.name
_chem_comp.formula
ZN non-polymer 'ZINC ION' 'Zn 2'
#
# COMPACT_ATOMS: atom_id res chain seq x y z
N PRO A 23 -1.33 6.23 -22.39
CA PRO A 23 -0.73 5.28 -21.43
C PRO A 23 0.75 5.59 -21.24
N GLU A 24 1.12 5.97 -20.02
CA GLU A 24 2.50 6.32 -19.72
C GLU A 24 2.81 6.22 -18.22
N LEU A 25 4.09 6.36 -17.89
CA LEU A 25 4.55 6.31 -16.51
C LEU A 25 4.97 7.72 -16.10
N ARG A 26 4.41 8.22 -15.01
CA ARG A 26 4.75 9.55 -14.52
C ARG A 26 5.36 9.42 -13.15
N LYS A 27 6.41 10.19 -12.89
CA LYS A 27 7.11 10.16 -11.60
C LYS A 27 7.12 11.52 -10.92
N ASP A 28 7.29 11.52 -9.61
CA ASP A 28 7.31 12.76 -8.85
C ASP A 28 8.31 12.66 -7.71
N PRO A 29 9.01 13.76 -7.41
CA PRO A 29 9.98 13.73 -6.31
C PRO A 29 9.33 13.27 -5.00
N VAL A 30 8.16 13.82 -4.70
CA VAL A 30 7.44 13.49 -3.46
C VAL A 30 7.24 12.00 -3.19
N THR A 31 6.61 11.30 -4.12
CA THR A 31 6.37 9.88 -3.95
C THR A 31 7.66 9.13 -4.25
N ASN A 32 8.47 9.70 -5.14
CA ASN A 32 9.72 9.09 -5.55
C ASN A 32 9.50 7.75 -6.24
N ARG A 33 8.28 7.51 -6.74
CA ARG A 33 8.00 6.26 -7.44
C ARG A 33 7.16 6.48 -8.70
N TRP A 34 7.25 5.54 -9.63
CA TRP A 34 6.48 5.65 -10.87
C TRP A 34 5.06 5.12 -10.63
N VAL A 35 4.11 5.63 -11.40
CA VAL A 35 2.73 5.17 -11.32
C VAL A 35 2.30 4.93 -12.77
N ILE A 36 1.34 4.04 -12.97
CA ILE A 36 0.87 3.76 -14.30
C ILE A 36 -0.50 4.38 -14.50
N PHE A 37 -0.62 5.20 -15.54
CA PHE A 37 -1.90 5.81 -15.83
C PHE A 37 -2.54 5.04 -16.98
N SER A 38 -3.77 4.57 -16.78
CA SER A 38 -4.48 3.82 -17.80
C SER A 38 -5.96 4.15 -17.78
N PRO A 39 -6.37 5.14 -18.60
CA PRO A 39 -7.78 5.55 -18.67
C PRO A 39 -8.73 4.42 -19.03
N PHE A 48 -16.64 7.81 -12.54
CA PHE A 48 -16.21 7.24 -11.27
C PHE A 48 -17.05 7.78 -10.12
N LYS A 49 -17.60 6.89 -9.31
CA LYS A 49 -18.44 7.28 -8.18
C LYS A 49 -18.27 6.37 -6.98
N SER A 50 -18.99 6.68 -5.90
CA SER A 50 -18.92 5.91 -4.66
C SER A 50 -19.45 4.48 -4.84
N LYS A 51 -19.80 3.85 -3.73
CA LYS A 51 -20.32 2.48 -3.76
C LYS A 51 -21.27 2.25 -2.58
N SER A 62 -27.35 7.68 20.58
CA SER A 62 -26.27 8.56 20.20
C SER A 62 -24.99 7.76 19.90
N CYS A 63 -23.94 8.04 20.65
CA CYS A 63 -22.66 7.35 20.47
C CYS A 63 -21.65 7.80 21.52
N PRO A 64 -20.76 6.89 21.95
CA PRO A 64 -19.73 7.16 22.95
C PRO A 64 -18.83 8.36 22.68
N PHE A 65 -18.95 8.94 21.49
CA PHE A 65 -18.15 10.11 21.12
C PHE A 65 -18.98 11.39 21.14
N CYS A 66 -20.25 11.27 21.48
CA CYS A 66 -21.14 12.43 21.56
C CYS A 66 -20.98 13.10 22.91
N ILE A 67 -21.34 14.37 22.98
CA ILE A 67 -21.23 15.12 24.23
C ILE A 67 -22.07 14.46 25.32
N GLY A 68 -21.53 14.40 26.53
CA GLY A 68 -22.24 13.77 27.63
C GLY A 68 -21.70 12.40 27.98
N ARG A 69 -21.47 11.58 26.96
CA ARG A 69 -20.93 10.24 27.16
C ARG A 69 -19.41 10.28 27.19
N GLU A 70 -18.88 11.49 27.35
CA GLU A 70 -17.43 11.74 27.39
C GLU A 70 -16.72 10.96 28.50
N GLN A 71 -17.47 10.15 29.23
CA GLN A 71 -16.90 9.35 30.30
C GLN A 71 -16.72 7.89 29.89
N GLU A 72 -17.04 7.59 28.64
CA GLU A 72 -16.91 6.23 28.11
C GLU A 72 -15.62 6.10 27.31
N CYS A 73 -14.97 7.22 27.08
CA CYS A 73 -13.74 7.23 26.29
C CYS A 73 -12.47 7.12 27.14
N ALA A 74 -11.35 6.88 26.48
CA ALA A 74 -10.06 6.74 27.14
C ALA A 74 -9.64 8.09 27.72
N PRO A 75 -8.66 8.09 28.65
CA PRO A 75 -8.16 9.32 29.30
C PRO A 75 -8.05 10.51 28.36
N GLU A 76 -8.63 11.64 28.76
CA GLU A 76 -8.62 12.85 27.96
C GLU A 76 -7.31 13.62 28.14
N LEU A 77 -6.75 14.13 27.04
CA LEU A 77 -5.50 14.89 27.11
C LEU A 77 -5.79 16.39 27.11
N PHE A 78 -6.88 16.77 26.47
CA PHE A 78 -7.31 18.17 26.40
C PHE A 78 -8.50 18.32 25.47
N ARG A 79 -9.12 19.50 25.50
CA ARG A 79 -10.27 19.78 24.67
C ARG A 79 -10.21 21.25 24.27
N VAL A 80 -11.12 21.65 23.38
CA VAL A 80 -11.17 23.02 22.91
C VAL A 80 -12.62 23.47 22.85
N PRO A 81 -12.94 24.64 23.45
CA PRO A 81 -11.99 25.51 24.15
C PRO A 81 -11.53 24.85 25.45
N ASP A 82 -10.44 25.35 26.02
CA ASP A 82 -9.88 24.81 27.27
C ASP A 82 -10.99 24.33 28.21
N HIS A 83 -10.88 23.07 28.63
CA HIS A 83 -11.84 22.42 29.52
C HIS A 83 -13.16 23.16 29.72
N ASP A 84 -13.88 23.34 28.61
CA ASP A 84 -15.17 24.00 28.60
C ASP A 84 -16.25 22.98 28.27
N PRO A 85 -17.29 22.88 29.12
CA PRO A 85 -18.39 21.93 28.91
C PRO A 85 -19.18 22.14 27.63
N ASN A 86 -18.92 23.26 26.96
CA ASN A 86 -19.59 23.57 25.71
C ASN A 86 -18.56 23.44 24.58
N TRP A 87 -17.88 22.29 24.58
CA TRP A 87 -16.81 21.97 23.63
C TRP A 87 -17.16 21.87 22.15
N LYS A 88 -16.14 22.06 21.32
CA LYS A 88 -16.26 22.01 19.87
C LYS A 88 -15.41 20.88 19.28
N LEU A 89 -14.42 20.44 20.05
CA LEU A 89 -13.53 19.36 19.62
C LEU A 89 -12.67 18.96 20.80
N ARG A 90 -12.08 17.76 20.74
CA ARG A 90 -11.21 17.29 21.80
C ARG A 90 -10.38 16.07 21.41
N VAL A 91 -9.26 15.88 22.10
CA VAL A 91 -8.39 14.74 21.82
C VAL A 91 -8.38 13.81 23.03
N ILE A 92 -8.54 12.53 22.72
CA ILE A 92 -8.59 11.46 23.71
C ILE A 92 -7.57 10.38 23.36
N GLU A 93 -7.34 9.44 24.27
CA GLU A 93 -6.40 8.36 24.03
C GLU A 93 -6.96 7.35 23.03
N ASN A 94 -6.69 6.08 23.32
CA ASN A 94 -7.14 4.97 22.49
C ASN A 94 -7.05 3.69 23.33
N LEU A 95 -8.20 3.16 23.72
CA LEU A 95 -8.28 1.96 24.55
C LEU A 95 -7.41 0.80 24.08
N TYR A 96 -7.41 0.57 22.78
CA TYR A 96 -6.63 -0.50 22.17
C TYR A 96 -5.78 0.12 21.07
N PRO A 97 -4.71 0.82 21.46
CA PRO A 97 -3.79 1.50 20.54
C PRO A 97 -2.93 0.58 19.67
N ALA A 98 -2.43 1.15 18.57
CA ALA A 98 -1.56 0.42 17.65
C ALA A 98 -0.14 0.45 18.23
N LEU A 99 0.10 1.40 19.10
CA LEU A 99 1.38 1.58 19.78
C LEU A 99 1.03 2.08 21.17
N SER A 100 1.70 1.57 22.20
CA SER A 100 1.41 1.99 23.56
C SER A 100 2.26 3.14 24.05
N ARG A 101 1.62 4.06 24.76
CA ARG A 101 2.33 5.21 25.31
C ARG A 101 2.89 4.79 26.67
N ASN A 102 2.55 3.58 27.08
CA ASN A 102 3.02 3.06 28.37
C ASN A 102 4.20 2.12 28.24
N LEU A 103 5.05 2.34 27.24
CA LEU A 103 6.23 1.49 27.05
C LEU A 103 7.44 2.28 26.55
N GLU A 104 7.39 3.61 26.68
CA GLU A 104 8.47 4.47 26.21
C GLU A 104 9.88 3.93 26.45
N THR A 105 10.48 3.40 25.39
CA THR A 105 11.83 2.85 25.43
C THR A 105 12.76 3.69 24.56
N ARG A 116 16.35 -5.33 14.56
CA ARG A 116 15.33 -6.22 13.99
C ARG A 116 13.98 -6.03 14.67
N THR A 117 14.00 -5.42 15.85
CA THR A 117 12.76 -5.20 16.60
C THR A 117 12.84 -3.96 17.49
N ILE A 118 11.67 -3.40 17.80
CA ILE A 118 11.55 -2.23 18.65
C ILE A 118 10.22 -2.32 19.39
N VAL A 119 10.27 -2.27 20.72
CA VAL A 119 9.06 -2.35 21.52
C VAL A 119 8.02 -1.39 20.96
N GLY A 120 6.76 -1.81 20.96
CA GLY A 120 5.69 -1.01 20.41
C GLY A 120 5.32 0.30 21.08
N PHE A 121 6.31 1.09 21.47
CA PHE A 121 6.03 2.36 22.12
C PHE A 121 5.58 3.43 21.12
N GLY A 122 4.59 4.22 21.50
CA GLY A 122 4.10 5.26 20.62
C GLY A 122 2.92 6.00 21.24
N PHE A 123 2.35 6.95 20.50
CA PHE A 123 1.20 7.68 21.03
C PHE A 123 0.05 7.51 20.04
N HIS A 124 -0.99 6.78 20.46
CA HIS A 124 -2.13 6.58 19.59
C HIS A 124 -3.31 7.38 20.15
N ASP A 125 -3.52 8.57 19.60
CA ASP A 125 -4.57 9.45 20.05
C ASP A 125 -5.67 9.69 19.02
N VAL A 126 -6.85 10.05 19.53
CA VAL A 126 -8.05 10.30 18.74
C VAL A 126 -8.55 11.75 18.91
N VAL A 127 -8.98 12.35 17.81
CA VAL A 127 -9.47 13.72 17.85
C VAL A 127 -10.94 13.77 17.45
N ILE A 128 -11.79 14.09 18.42
CA ILE A 128 -13.21 14.21 18.17
C ILE A 128 -13.42 15.60 17.61
N GLU A 129 -13.83 15.63 16.34
CA GLU A 129 -14.02 16.86 15.60
C GLU A 129 -15.27 17.64 15.95
N SER A 130 -16.15 17.05 16.75
CA SER A 130 -17.38 17.71 17.12
C SER A 130 -18.21 16.93 18.14
N PRO A 131 -19.15 17.63 18.80
CA PRO A 131 -20.04 17.04 19.80
C PRO A 131 -21.27 16.48 19.06
N VAL A 132 -21.60 17.15 17.96
CA VAL A 132 -22.73 16.79 17.11
C VAL A 132 -22.44 15.56 16.25
N HIS A 133 -23.25 14.52 16.44
CA HIS A 133 -23.07 13.28 15.70
C HIS A 133 -23.44 13.34 14.21
N SER A 134 -24.18 14.37 13.82
CA SER A 134 -24.59 14.49 12.41
C SER A 134 -23.61 15.28 11.56
N ILE A 135 -22.79 16.11 12.20
CA ILE A 135 -21.83 16.93 11.46
C ILE A 135 -20.52 16.21 11.16
N GLN A 136 -20.06 16.34 9.92
CA GLN A 136 -18.81 15.73 9.47
C GLN A 136 -17.82 16.85 9.21
N LEU A 137 -16.60 16.50 8.81
CA LEU A 137 -15.57 17.51 8.54
C LEU A 137 -15.91 18.39 7.34
N SER A 138 -16.87 17.97 6.55
CA SER A 138 -17.25 18.74 5.37
C SER A 138 -18.25 19.83 5.74
N ASP A 139 -18.94 19.64 6.86
CA ASP A 139 -19.94 20.60 7.31
C ASP A 139 -19.35 21.72 8.18
N ILE A 140 -18.40 21.36 9.04
CA ILE A 140 -17.78 22.33 9.93
C ILE A 140 -17.46 23.64 9.21
N ASP A 141 -17.60 24.74 9.92
CA ASP A 141 -17.31 26.04 9.34
C ASP A 141 -15.80 26.14 9.19
N PRO A 142 -15.32 26.85 8.16
CA PRO A 142 -13.88 27.00 7.95
C PRO A 142 -13.10 27.35 9.22
N VAL A 143 -13.71 28.16 10.08
CA VAL A 143 -13.08 28.57 11.33
C VAL A 143 -12.99 27.35 12.25
N GLY A 144 -13.97 26.46 12.13
CA GLY A 144 -14.01 25.25 12.94
C GLY A 144 -12.93 24.27 12.54
N ILE A 145 -12.72 24.13 11.23
CA ILE A 145 -11.68 23.24 10.73
C ILE A 145 -10.38 23.79 11.30
N GLY A 146 -10.27 25.11 11.29
CA GLY A 146 -9.09 25.77 11.82
C GLY A 146 -8.87 25.34 13.26
N ASP A 147 -9.96 25.18 14.00
CA ASP A 147 -9.88 24.74 15.39
C ASP A 147 -9.23 23.36 15.38
N ILE A 148 -9.62 22.55 14.40
CA ILE A 148 -9.09 21.20 14.27
C ILE A 148 -7.61 21.24 13.92
N LEU A 149 -7.27 21.99 12.88
CA LEU A 149 -5.89 22.12 12.44
C LEU A 149 -4.98 22.70 13.52
N ILE A 150 -5.46 23.73 14.23
CA ILE A 150 -4.68 24.34 15.30
C ILE A 150 -4.59 23.34 16.46
N ALA A 151 -5.59 22.48 16.56
CA ALA A 151 -5.60 21.46 17.59
C ALA A 151 -4.56 20.38 17.26
N TYR A 152 -4.50 19.95 16.00
CA TYR A 152 -3.50 18.93 15.60
C TYR A 152 -2.16 19.51 16.03
N LYS A 153 -1.95 20.77 15.68
CA LYS A 153 -0.71 21.47 16.01
C LYS A 153 -0.41 21.34 17.50
N LYS A 154 -1.45 21.51 18.31
CA LYS A 154 -1.29 21.42 19.75
C LYS A 154 -0.73 20.06 20.15
N ARG A 155 -1.50 19.01 19.90
CA ARG A 155 -1.08 17.66 20.24
C ARG A 155 0.26 17.30 19.59
N ILE A 156 0.53 17.85 18.41
CA ILE A 156 1.80 17.58 17.75
C ILE A 156 2.94 18.31 18.45
N ASN A 157 2.68 19.53 18.92
CA ASN A 157 3.73 20.28 19.60
C ASN A 157 4.13 19.66 20.95
N GLN A 158 3.20 18.93 21.56
CA GLN A 158 3.45 18.27 22.84
C GLN A 158 4.29 17.00 22.65
N ILE A 159 4.00 16.26 21.58
CA ILE A 159 4.73 15.03 21.29
C ILE A 159 6.20 15.30 20.95
N ALA A 160 6.46 16.42 20.27
CA ALA A 160 7.82 16.78 19.88
C ALA A 160 8.80 16.82 21.06
N GLN A 161 8.26 17.00 22.26
CA GLN A 161 9.10 17.04 23.45
C GLN A 161 9.75 15.69 23.72
N HIS A 162 9.12 14.63 23.23
CA HIS A 162 9.64 13.26 23.41
C HIS A 162 10.61 12.95 22.28
N ASP A 163 11.90 12.92 22.60
CA ASP A 163 12.93 12.65 21.60
C ASP A 163 12.82 11.25 20.99
N SER A 164 12.01 10.40 21.61
CA SER A 164 11.80 9.04 21.12
C SER A 164 10.81 8.98 19.95
N ILE A 165 10.15 10.09 19.67
CA ILE A 165 9.20 10.12 18.57
C ILE A 165 9.90 10.48 17.25
N ASN A 166 10.03 9.50 16.37
CA ASN A 166 10.67 9.75 15.09
C ASN A 166 9.69 10.44 14.16
N TYR A 167 8.53 9.82 13.96
CA TYR A 167 7.52 10.41 13.08
C TYR A 167 6.15 10.39 13.71
N ILE A 168 5.28 11.26 13.22
CA ILE A 168 3.93 11.33 13.74
C ILE A 168 2.95 11.40 12.60
N GLN A 169 2.13 10.37 12.44
CA GLN A 169 1.16 10.39 11.35
C GLN A 169 -0.23 10.82 11.83
N VAL A 170 -0.71 11.93 11.28
CA VAL A 170 -2.05 12.43 11.61
C VAL A 170 -2.93 12.12 10.40
N PHE A 171 -4.11 11.55 10.62
CA PHE A 171 -4.99 11.21 9.50
C PHE A 171 -6.49 11.16 9.81
N LYS A 172 -7.28 11.16 8.74
CA LYS A 172 -8.74 11.14 8.78
C LYS A 172 -9.33 10.01 7.93
N ASN A 173 -10.20 9.22 8.55
CA ASN A 173 -10.90 8.12 7.90
C ASN A 173 -12.41 8.34 7.95
N GLN A 174 -13.04 8.53 6.79
CA GLN A 174 -14.49 8.68 6.72
C GLN A 174 -15.03 7.53 5.87
N GLY A 175 -15.75 6.63 6.53
CA GLY A 175 -16.31 5.47 5.84
C GLY A 175 -15.69 4.19 6.38
N ALA A 176 -16.53 3.19 6.66
CA ALA A 176 -16.06 1.92 7.20
C ALA A 176 -14.96 1.26 6.35
N SER A 177 -15.22 1.12 5.06
CA SER A 177 -14.26 0.51 4.15
C SER A 177 -12.93 1.24 4.08
N ALA A 178 -12.94 2.52 4.45
CA ALA A 178 -11.74 3.34 4.42
C ALA A 178 -11.06 3.37 5.79
N GLY A 179 -11.43 2.43 6.65
CA GLY A 179 -10.85 2.32 7.97
C GLY A 179 -11.47 3.18 9.07
N ALA A 180 -12.78 3.38 9.02
CA ALA A 180 -13.45 4.18 10.02
C ALA A 180 -14.66 3.46 10.62
N SER A 181 -14.51 3.03 11.86
CA SER A 181 -15.59 2.34 12.54
C SER A 181 -16.76 3.31 12.77
N MET A 182 -16.64 4.16 13.79
CA MET A 182 -17.67 5.14 14.11
C MET A 182 -17.94 6.14 13.00
N SER A 183 -19.17 6.66 12.97
CA SER A 183 -19.58 7.65 11.98
C SER A 183 -19.29 9.04 12.51
N HIS A 184 -19.24 9.17 13.83
CA HIS A 184 -18.96 10.44 14.48
C HIS A 184 -17.67 10.97 13.90
N SER A 185 -17.61 12.27 13.61
CA SER A 185 -16.41 12.86 13.03
C SER A 185 -15.19 12.72 13.96
N HIS A 186 -14.18 11.99 13.50
CA HIS A 186 -12.98 11.78 14.28
C HIS A 186 -11.72 11.63 13.44
N SER A 187 -10.59 11.99 14.05
CA SER A 187 -9.28 11.90 13.42
C SER A 187 -8.34 11.17 14.39
N GLN A 188 -7.11 10.90 13.96
CA GLN A 188 -6.18 10.18 14.83
C GLN A 188 -4.72 10.63 14.76
N MET A 189 -3.92 10.11 15.68
CA MET A 189 -2.50 10.41 15.74
C MET A 189 -1.75 9.22 16.32
N MET A 190 -0.78 8.70 15.56
CA MET A 190 0.01 7.56 16.01
C MET A 190 1.49 7.91 16.01
N ALA A 191 2.04 8.26 17.17
CA ALA A 191 3.46 8.60 17.23
C ALA A 191 4.25 7.36 16.81
N LEU A 192 5.31 7.57 16.05
CA LEU A 192 6.10 6.44 15.59
C LEU A 192 7.57 6.55 15.93
N PRO A 193 8.19 5.45 16.37
CA PRO A 193 9.61 5.46 16.71
C PRO A 193 10.43 5.10 15.45
N VAL A 194 9.89 5.43 14.28
CA VAL A 194 10.58 5.12 13.03
C VAL A 194 10.10 5.95 11.85
N VAL A 195 10.99 6.70 11.23
CA VAL A 195 10.60 7.49 10.05
C VAL A 195 10.10 6.46 9.01
N PRO A 196 8.81 6.54 8.63
CA PRO A 196 8.10 5.68 7.67
C PRO A 196 8.62 5.76 6.23
N PRO A 197 8.30 4.76 5.41
CA PRO A 197 8.72 4.68 4.00
C PRO A 197 8.37 5.87 3.09
N THR A 198 7.14 6.38 3.18
CA THR A 198 6.74 7.51 2.34
C THR A 198 7.59 8.74 2.64
N VAL A 199 8.06 8.83 3.88
CA VAL A 199 8.87 9.97 4.27
C VAL A 199 10.30 9.76 3.75
N SER A 200 10.86 8.59 4.03
CA SER A 200 12.19 8.28 3.54
C SER A 200 12.20 8.48 2.02
N SER A 201 11.19 7.96 1.33
CA SER A 201 11.13 8.12 -0.13
C SER A 201 11.10 9.58 -0.55
N ARG A 202 10.26 10.36 0.14
CA ARG A 202 10.08 11.79 -0.12
C ARG A 202 11.37 12.58 0.10
N LEU A 203 12.08 12.24 1.17
CA LEU A 203 13.32 12.94 1.46
C LEU A 203 14.23 12.73 0.26
N ASP A 204 14.42 11.45 -0.09
CA ASP A 204 15.26 11.07 -1.23
C ASP A 204 14.81 11.67 -2.56
N GLY A 205 13.51 11.62 -2.82
CA GLY A 205 12.98 12.14 -4.07
C GLY A 205 13.22 13.62 -4.27
N THR A 206 12.62 14.42 -3.42
CA THR A 206 12.74 15.87 -3.50
C THR A 206 14.21 16.28 -3.43
N LYS A 207 15.00 15.57 -2.63
CA LYS A 207 16.41 15.90 -2.52
C LYS A 207 17.02 15.72 -3.91
N ASP A 208 17.07 14.48 -4.39
CA ASP A 208 17.62 14.20 -5.70
C ASP A 208 17.18 15.30 -6.66
N TYR A 209 15.89 15.62 -6.65
CA TYR A 209 15.38 16.66 -7.53
C TYR A 209 16.09 17.99 -7.26
N PHE A 210 16.13 18.38 -5.99
CA PHE A 210 16.77 19.62 -5.59
C PHE A 210 18.25 19.67 -5.95
N GLU A 211 18.94 18.53 -5.85
CA GLU A 211 20.36 18.49 -6.20
C GLU A 211 20.54 18.74 -7.68
N GLU A 212 19.60 18.26 -8.49
CA GLU A 212 19.68 18.43 -9.93
C GLU A 212 18.90 19.61 -10.47
N THR A 213 18.19 20.35 -9.61
CA THR A 213 17.41 21.49 -10.08
C THR A 213 17.41 22.68 -9.15
N GLY A 214 17.85 22.47 -7.92
CA GLY A 214 17.88 23.54 -6.94
C GLY A 214 16.50 24.03 -6.56
N LYS A 215 15.47 23.40 -7.11
CA LYS A 215 14.10 23.80 -6.83
C LYS A 215 13.34 22.83 -5.91
N CYS A 216 12.40 23.37 -5.15
CA CYS A 216 11.58 22.58 -4.23
C CYS A 216 10.31 22.22 -4.97
N CYS A 217 10.30 21.02 -5.55
CA CYS A 217 9.15 20.52 -6.30
C CYS A 217 7.80 21.06 -5.83
N LEU A 218 7.50 20.95 -4.54
CA LEU A 218 6.21 21.45 -4.04
C LEU A 218 6.14 22.97 -3.92
N CYS A 219 7.23 23.64 -4.28
CA CYS A 219 7.28 25.10 -4.22
C CYS A 219 6.88 25.66 -5.57
N GLU A 220 7.04 24.84 -6.60
CA GLU A 220 6.68 25.23 -7.96
C GLU A 220 5.42 24.44 -8.31
N ALA A 221 4.54 24.27 -7.32
CA ALA A 221 3.30 23.53 -7.50
C ALA A 221 2.48 23.99 -8.71
N LYS A 222 2.42 25.30 -8.91
CA LYS A 222 1.65 25.86 -10.02
C LYS A 222 2.21 25.39 -11.36
N SER A 223 3.51 25.09 -11.40
CA SER A 223 4.13 24.61 -12.63
C SER A 223 4.38 23.11 -12.60
N LYS A 224 3.71 22.41 -11.69
CA LYS A 224 3.88 20.96 -11.56
C LYS A 224 2.58 20.15 -11.59
N HIS A 225 1.61 20.54 -10.77
CA HIS A 225 0.35 19.83 -10.67
C HIS A 225 -0.86 20.55 -11.25
N PHE A 226 -2.07 20.09 -10.90
CA PHE A 226 -3.27 20.70 -11.44
C PHE A 226 -4.20 21.27 -10.37
N VAL A 227 -4.13 22.60 -10.25
CA VAL A 227 -4.90 23.40 -9.30
C VAL A 227 -6.41 23.25 -9.37
N ILE A 228 -7.01 22.92 -8.24
CA ILE A 228 -8.45 22.75 -8.18
C ILE A 228 -9.04 24.02 -7.60
N ASP A 229 -8.35 24.57 -6.61
CA ASP A 229 -8.75 25.80 -5.93
C ASP A 229 -7.53 26.46 -5.29
N GLU A 230 -7.66 27.74 -4.97
CA GLU A 230 -6.56 28.49 -4.38
C GLU A 230 -7.04 29.47 -3.32
N SER A 231 -6.36 29.49 -2.17
CA SER A 231 -6.69 30.39 -1.08
C SER A 231 -5.54 31.36 -0.80
N SER A 232 -5.65 32.10 0.30
CA SER A 232 -4.63 33.07 0.67
C SER A 232 -3.23 32.49 0.78
N HIS A 233 -3.08 31.44 1.58
CA HIS A 233 -1.77 30.81 1.77
C HIS A 233 -1.66 29.36 1.29
N PHE A 234 -2.69 28.88 0.60
CA PHE A 234 -2.71 27.52 0.09
C PHE A 234 -3.29 27.37 -1.31
N VAL A 235 -3.05 26.21 -1.92
CA VAL A 235 -3.57 25.93 -3.24
C VAL A 235 -3.67 24.42 -3.39
N SER A 236 -4.88 23.93 -3.63
CA SER A 236 -5.11 22.49 -3.79
C SER A 236 -4.71 22.10 -5.21
N VAL A 237 -4.42 20.81 -5.42
CA VAL A 237 -4.04 20.34 -6.75
C VAL A 237 -4.34 18.87 -6.99
N ALA A 238 -4.28 18.50 -8.26
CA ALA A 238 -4.46 17.13 -8.72
C ALA A 238 -3.01 16.78 -9.05
N PRO A 239 -2.43 15.84 -8.29
CA PRO A 239 -1.03 15.42 -8.50
C PRO A 239 -0.70 14.96 -9.92
N PHE A 240 0.38 15.50 -10.47
CA PHE A 240 0.81 15.15 -11.81
C PHE A 240 1.04 13.65 -11.94
N ALA A 241 1.45 13.03 -10.83
CA ALA A 241 1.72 11.60 -10.79
C ALA A 241 0.93 10.92 -9.69
N ALA A 242 -0.28 11.43 -9.46
CA ALA A 242 -1.17 10.90 -8.44
C ALA A 242 -1.28 9.39 -8.41
N THR A 243 -1.33 8.85 -7.19
CA THR A 243 -1.41 7.43 -6.93
C THR A 243 -2.83 6.87 -7.11
N TYR A 244 -3.81 7.59 -6.59
CA TYR A 244 -5.20 7.16 -6.61
C TYR A 244 -6.09 8.03 -7.49
N PRO A 245 -7.21 7.46 -7.97
CA PRO A 245 -8.11 8.23 -8.82
C PRO A 245 -8.71 9.38 -8.01
N PHE A 246 -8.65 10.59 -8.58
CA PHE A 246 -9.15 11.79 -7.93
C PHE A 246 -8.46 12.14 -6.63
N GLU A 247 -7.15 11.90 -6.56
CA GLU A 247 -6.36 12.23 -5.38
C GLU A 247 -6.15 13.75 -5.46
N ILE A 248 -6.12 14.41 -4.31
CA ILE A 248 -5.94 15.86 -4.26
C ILE A 248 -4.89 16.26 -3.22
N TRP A 249 -4.03 17.20 -3.57
CA TRP A 249 -3.02 17.69 -2.64
C TRP A 249 -3.27 19.17 -2.35
N ILE A 250 -3.16 19.54 -1.07
CA ILE A 250 -3.30 20.93 -0.70
C ILE A 250 -1.95 21.23 -0.06
N ILE A 251 -1.15 22.04 -0.75
CA ILE A 251 0.20 22.39 -0.31
C ILE A 251 0.26 23.82 0.22
N PRO A 252 1.04 24.06 1.29
CA PRO A 252 1.10 25.44 1.78
C PRO A 252 1.85 26.27 0.74
N LYS A 253 1.60 27.57 0.68
CA LYS A 253 2.29 28.39 -0.32
C LYS A 253 3.72 28.77 0.07
N ASP A 254 4.00 28.78 1.36
CA ASP A 254 5.34 29.11 1.85
C ASP A 254 6.14 27.81 2.07
N HIS A 255 7.39 27.79 1.66
CA HIS A 255 8.22 26.61 1.84
C HIS A 255 8.49 26.38 3.31
N SER A 256 7.72 25.50 3.92
CA SER A 256 7.88 25.14 5.33
C SER A 256 8.06 23.63 5.40
N SER A 257 9.05 23.18 6.15
CA SER A 257 9.32 21.75 6.26
C SER A 257 8.42 21.00 7.23
N HIS A 258 7.54 21.70 7.95
CA HIS A 258 6.66 21.01 8.89
C HIS A 258 5.31 21.66 9.11
N PHE A 259 4.32 20.81 9.31
CA PHE A 259 2.93 21.22 9.54
C PHE A 259 2.71 22.08 10.77
N HIS A 260 3.32 21.73 11.91
CA HIS A 260 3.13 22.50 13.13
C HIS A 260 3.91 23.81 13.17
N HIS A 261 3.77 24.58 12.11
CA HIS A 261 4.43 25.87 11.94
C HIS A 261 3.37 26.88 11.54
N LEU A 262 2.18 26.38 11.22
CA LEU A 262 1.07 27.24 10.81
C LEU A 262 0.46 27.97 12.00
N ASP A 263 -0.16 29.11 11.73
CA ASP A 263 -0.81 29.92 12.75
C ASP A 263 -2.32 29.92 12.54
N ASP A 264 -3.05 30.53 13.47
CA ASP A 264 -4.51 30.57 13.41
C ASP A 264 -5.08 31.15 12.12
N VAL A 265 -4.54 32.27 11.66
CA VAL A 265 -5.03 32.90 10.44
C VAL A 265 -4.91 31.93 9.26
N LYS A 266 -3.79 31.23 9.18
CA LYS A 266 -3.58 30.28 8.10
C LYS A 266 -4.35 28.97 8.28
N ALA A 267 -4.62 28.58 9.54
CA ALA A 267 -5.36 27.36 9.81
C ALA A 267 -6.83 27.48 9.37
N VAL A 268 -7.34 28.71 9.40
CA VAL A 268 -8.71 28.96 9.00
C VAL A 268 -8.76 29.10 7.48
N ASP A 269 -7.67 29.57 6.89
CA ASP A 269 -7.59 29.74 5.44
C ASP A 269 -7.44 28.35 4.81
N LEU A 270 -6.61 27.51 5.43
CA LEU A 270 -6.39 26.17 4.92
C LEU A 270 -7.66 25.37 5.19
N GLY A 271 -8.39 25.76 6.23
CA GLY A 271 -9.62 25.07 6.56
C GLY A 271 -10.62 25.15 5.41
N GLY A 272 -10.85 26.37 4.93
CA GLY A 272 -11.78 26.57 3.84
C GLY A 272 -11.39 25.84 2.57
N LEU A 273 -10.10 25.87 2.24
CA LEU A 273 -9.63 25.19 1.04
C LEU A 273 -9.84 23.69 1.21
N LEU A 274 -9.65 23.19 2.44
CA LEU A 274 -9.84 21.77 2.71
C LEU A 274 -11.34 21.47 2.70
N LYS A 275 -12.12 22.43 3.18
CA LYS A 275 -13.57 22.30 3.21
C LYS A 275 -14.11 22.31 1.78
N LEU A 276 -13.58 23.19 0.96
CA LEU A 276 -14.03 23.28 -0.44
C LEU A 276 -13.68 22.03 -1.22
N MET A 277 -12.52 21.43 -0.92
CA MET A 277 -12.09 20.23 -1.63
C MET A 277 -12.89 18.99 -1.22
N LEU A 278 -13.21 18.88 0.07
CA LEU A 278 -13.99 17.75 0.53
C LEU A 278 -15.43 17.85 0.00
N GLN A 279 -15.90 19.08 -0.16
CA GLN A 279 -17.26 19.32 -0.66
C GLN A 279 -17.37 18.98 -2.14
N LYS A 280 -16.41 19.44 -2.93
CA LYS A 280 -16.43 19.12 -4.36
C LYS A 280 -16.26 17.61 -4.53
N ILE A 281 -15.55 16.99 -3.59
CA ILE A 281 -15.33 15.55 -3.63
C ILE A 281 -16.66 14.88 -3.32
N ALA A 282 -17.21 15.20 -2.15
CA ALA A 282 -18.47 14.61 -1.73
C ALA A 282 -19.56 14.65 -2.80
N LYS A 283 -19.56 15.67 -3.67
CA LYS A 283 -20.57 15.74 -4.72
C LYS A 283 -20.13 15.03 -5.98
N GLN A 284 -19.31 15.73 -6.76
CA GLN A 284 -18.80 15.22 -8.03
C GLN A 284 -18.52 13.71 -8.04
N LEU A 285 -18.15 13.15 -6.89
CA LEU A 285 -17.85 11.72 -6.82
C LEU A 285 -18.89 10.90 -6.07
N ASN A 286 -20.06 11.49 -5.85
CA ASN A 286 -21.17 10.82 -5.18
C ASN A 286 -20.90 10.42 -3.74
N ASP A 287 -20.47 11.39 -2.94
CA ASP A 287 -20.19 11.20 -1.51
C ASP A 287 -19.41 9.92 -1.23
N PRO A 288 -18.30 9.71 -1.94
CA PRO A 288 -17.51 8.50 -1.72
C PRO A 288 -16.75 8.57 -0.41
N PRO A 289 -16.32 7.41 0.10
CA PRO A 289 -15.54 7.38 1.35
C PRO A 289 -14.18 7.96 0.98
N TYR A 290 -13.48 8.53 1.95
CA TYR A 290 -12.17 9.07 1.64
C TYR A 290 -11.23 8.94 2.82
N ASN A 291 -9.94 9.05 2.54
CA ASN A 291 -8.94 9.01 3.59
C ASN A 291 -8.26 10.37 3.51
N TYR A 292 -7.84 10.86 4.66
CA TYR A 292 -7.15 12.13 4.77
C TYR A 292 -5.94 11.91 5.65
N MET A 293 -4.78 12.37 5.17
CA MET A 293 -3.53 12.24 5.89
C MET A 293 -2.60 13.40 5.60
N ILE A 294 -1.85 13.81 6.62
CA ILE A 294 -0.91 14.92 6.52
C ILE A 294 0.53 14.44 6.43
N HIS A 295 1.25 14.92 5.44
CA HIS A 295 2.65 14.55 5.23
C HIS A 295 3.60 15.68 5.65
N THR A 296 4.64 15.33 6.40
CA THR A 296 5.62 16.32 6.84
C THR A 296 6.93 15.69 7.28
N SER A 297 8.00 16.48 7.28
CA SER A 297 9.32 16.01 7.68
C SER A 297 9.36 15.51 9.12
N PRO A 298 10.18 14.49 9.39
CA PRO A 298 10.23 14.02 10.78
C PRO A 298 10.58 15.14 11.74
N LEU A 299 10.61 14.82 13.04
CA LEU A 299 10.93 15.82 14.04
C LEU A 299 12.44 16.12 14.05
N LYS A 300 13.23 15.13 13.66
CA LYS A 300 14.68 15.30 13.62
C LYS A 300 15.19 15.71 12.26
N VAL A 301 14.29 16.18 11.39
CA VAL A 301 14.71 16.60 10.06
C VAL A 301 15.94 17.51 10.17
N THR A 302 16.89 17.35 9.25
CA THR A 302 18.11 18.14 9.26
C THR A 302 18.05 19.45 8.49
N GLU A 303 18.88 20.39 8.91
CA GLU A 303 18.96 21.69 8.27
C GLU A 303 19.18 21.48 6.78
N SER A 304 20.13 20.62 6.46
CA SER A 304 20.45 20.33 5.08
C SER A 304 19.23 19.87 4.25
N GLN A 305 18.29 19.20 4.88
CA GLN A 305 17.09 18.70 4.19
C GLN A 305 16.03 19.77 3.99
N LEU A 306 16.09 20.82 4.81
CA LEU A 306 15.15 21.92 4.79
C LEU A 306 14.85 22.62 3.45
N PRO A 307 15.85 22.76 2.57
CA PRO A 307 15.62 23.43 1.29
C PRO A 307 14.58 22.75 0.39
N TYR A 308 14.57 21.41 0.39
CA TYR A 308 13.64 20.66 -0.43
C TYR A 308 12.53 19.96 0.35
N THR A 309 12.46 20.20 1.65
CA THR A 309 11.42 19.57 2.45
C THR A 309 10.30 20.57 2.68
N HIS A 310 9.09 20.20 2.28
CA HIS A 310 7.91 21.05 2.34
C HIS A 310 6.69 20.12 2.50
N TRP A 311 5.93 20.31 3.58
CA TRP A 311 4.78 19.45 3.84
C TRP A 311 3.58 19.75 2.97
N PHE A 312 2.67 18.77 2.85
CA PHE A 312 1.46 18.94 2.06
C PHE A 312 0.31 18.10 2.58
N LEU A 313 -0.89 18.47 2.18
CA LEU A 313 -2.07 17.78 2.60
C LEU A 313 -2.59 16.95 1.42
N GLN A 314 -3.00 15.72 1.70
CA GLN A 314 -3.48 14.80 0.66
C GLN A 314 -4.81 14.15 1.03
N ILE A 315 -5.73 14.14 0.07
CA ILE A 315 -7.05 13.53 0.23
C ILE A 315 -7.20 12.41 -0.80
N VAL A 316 -7.64 11.25 -0.34
CA VAL A 316 -7.83 10.11 -1.23
C VAL A 316 -9.21 9.51 -1.11
N PRO A 317 -10.07 9.76 -2.11
CA PRO A 317 -11.40 9.19 -2.04
C PRO A 317 -11.26 7.71 -2.42
N GLN A 318 -11.94 6.84 -1.69
CA GLN A 318 -11.88 5.41 -1.94
C GLN A 318 -12.78 5.04 -3.13
N LEU A 319 -12.17 4.99 -4.31
CA LEU A 319 -12.89 4.68 -5.53
C LEU A 319 -12.64 3.27 -6.06
N SER A 320 -11.56 2.64 -5.61
CA SER A 320 -11.25 1.30 -6.07
C SER A 320 -10.15 0.66 -5.26
N GLY A 321 -10.15 -0.67 -5.22
CA GLY A 321 -9.15 -1.42 -4.48
C GLY A 321 -7.97 -1.85 -5.34
N VAL A 322 -7.08 -2.64 -4.73
CA VAL A 322 -5.89 -3.11 -5.42
C VAL A 322 -5.85 -4.63 -5.58
N GLY A 323 -4.87 -5.11 -6.35
CA GLY A 323 -4.71 -6.53 -6.57
C GLY A 323 -3.26 -6.96 -6.38
N GLY A 324 -2.90 -8.09 -6.97
CA GLY A 324 -1.56 -8.63 -6.83
C GLY A 324 -0.47 -7.81 -7.48
N PHE A 325 -0.79 -7.10 -8.53
CA PHE A 325 0.19 -6.28 -9.21
C PHE A 325 0.71 -5.17 -8.31
N GLU A 326 -0.20 -4.44 -7.70
CA GLU A 326 0.18 -3.34 -6.82
C GLU A 326 0.92 -3.85 -5.58
N ILE A 327 0.36 -4.83 -4.89
CA ILE A 327 0.99 -5.37 -3.69
C ILE A 327 2.42 -5.80 -3.94
N GLY A 328 2.59 -6.73 -4.89
CA GLY A 328 3.92 -7.21 -5.21
C GLY A 328 4.94 -6.19 -5.69
N THR A 329 4.48 -5.08 -6.26
CA THR A 329 5.44 -4.09 -6.76
C THR A 329 5.52 -2.76 -6.03
N GLY A 330 4.43 -2.35 -5.39
CA GLY A 330 4.43 -1.06 -4.73
C GLY A 330 3.97 -0.08 -5.79
N CYS A 331 4.07 -0.54 -7.04
CA CYS A 331 3.65 0.26 -8.18
C CYS A 331 2.13 0.16 -8.25
N TYR A 332 1.49 1.23 -8.71
CA TYR A 332 0.04 1.23 -8.80
C TYR A 332 -0.46 1.72 -10.16
N ILE A 333 -1.77 1.66 -10.33
CA ILE A 333 -2.39 2.09 -11.57
C ILE A 333 -3.52 3.07 -11.25
N ASN A 334 -3.58 4.16 -12.02
CA ASN A 334 -4.59 5.18 -11.84
C ASN A 334 -5.47 5.23 -13.08
N PRO A 335 -6.75 4.94 -12.91
CA PRO A 335 -7.69 4.96 -14.04
C PRO A 335 -8.24 6.34 -14.40
N VAL A 336 -7.67 7.39 -13.82
CA VAL A 336 -8.13 8.76 -14.08
C VAL A 336 -7.02 9.80 -14.06
N PHE A 337 -6.54 10.22 -15.23
CA PHE A 337 -5.47 11.22 -15.28
C PHE A 337 -5.76 12.46 -14.45
N PRO A 338 -4.71 13.14 -13.96
CA PRO A 338 -4.90 14.35 -13.15
C PRO A 338 -5.34 15.50 -14.05
N GLU A 339 -4.99 15.41 -15.33
CA GLU A 339 -5.38 16.45 -16.29
C GLU A 339 -6.90 16.46 -16.43
N ASP A 340 -7.52 15.32 -16.19
CA ASP A 340 -8.96 15.24 -16.30
C ASP A 340 -9.60 15.41 -14.93
N VAL A 341 -8.78 15.49 -13.89
CA VAL A 341 -9.33 15.70 -12.57
C VAL A 341 -9.47 17.20 -12.38
N ALA A 342 -8.43 17.93 -12.78
CA ALA A 342 -8.42 19.38 -12.65
C ALA A 342 -9.63 20.04 -13.30
N LYS A 343 -9.96 19.63 -14.52
CA LYS A 343 -11.10 20.18 -15.22
C LYS A 343 -12.38 19.97 -14.43
N VAL A 344 -12.76 18.70 -14.29
CA VAL A 344 -13.95 18.30 -13.57
C VAL A 344 -14.06 18.96 -12.20
N MET A 345 -12.92 19.07 -11.51
CA MET A 345 -12.90 19.66 -10.19
C MET A 345 -13.20 21.15 -10.22
N ARG A 346 -12.65 21.86 -11.20
CA ARG A 346 -12.89 23.29 -11.31
C ARG A 346 -14.29 23.57 -11.85
N GLU A 347 -15.04 22.50 -12.14
CA GLU A 347 -16.40 22.66 -12.67
C GLU A 347 -17.49 22.35 -11.66
N VAL A 348 -17.32 21.29 -10.90
CA VAL A 348 -18.31 20.91 -9.89
C VAL A 348 -18.81 22.15 -9.17
N SER A 349 -20.11 22.17 -8.87
CA SER A 349 -20.73 23.30 -8.19
C SER A 349 -21.42 22.89 -6.88
N LEU A 350 -21.87 23.88 -6.12
CA LEU A 350 -22.55 23.62 -4.85
C LEU A 350 -23.83 24.45 -4.72
N THR A 351 -24.41 24.82 -5.86
CA THR A 351 -25.64 25.62 -5.89
C THR A 351 -26.77 24.93 -5.11
N GLN B 21 -0.31 -10.64 22.31
CA GLN B 21 0.90 -10.06 22.94
C GLN B 21 0.90 -8.54 22.81
N SER B 22 1.87 -7.89 23.47
CA SER B 22 1.99 -6.44 23.45
C SER B 22 2.61 -5.98 22.12
N PRO B 23 2.31 -4.74 21.71
CA PRO B 23 2.84 -4.18 20.46
C PRO B 23 4.33 -4.42 20.28
N GLU B 24 4.73 -4.76 19.05
CA GLU B 24 6.13 -5.02 18.76
C GLU B 24 6.46 -4.87 17.27
N LEU B 25 7.12 -3.76 16.92
CA LEU B 25 7.53 -3.49 15.54
C LEU B 25 8.55 -4.51 15.06
N ARG B 26 8.48 -4.87 13.79
CA ARG B 26 9.44 -5.82 13.22
C ARG B 26 9.79 -5.42 11.80
N LYS B 27 11.02 -5.72 11.40
CA LYS B 27 11.53 -5.38 10.09
C LYS B 27 12.28 -6.56 9.48
N ASP B 28 12.11 -6.75 8.17
CA ASP B 28 12.80 -7.83 7.47
C ASP B 28 13.56 -7.24 6.29
N PRO B 29 14.68 -7.86 5.89
CA PRO B 29 15.46 -7.33 4.76
C PRO B 29 14.61 -7.30 3.48
N VAL B 30 13.87 -8.37 3.25
CA VAL B 30 13.02 -8.47 2.06
C VAL B 30 12.12 -7.26 1.86
N THR B 31 11.36 -6.88 2.87
CA THR B 31 10.50 -5.70 2.74
C THR B 31 11.31 -4.46 3.00
N ASN B 32 12.39 -4.63 3.76
CA ASN B 32 13.29 -3.54 4.13
C ASN B 32 12.57 -2.40 4.81
N ARG B 33 11.67 -2.74 5.73
CA ARG B 33 10.92 -1.72 6.46
C ARG B 33 10.19 -2.30 7.67
N TRP B 34 9.84 -1.45 8.63
CA TRP B 34 9.16 -1.91 9.83
C TRP B 34 7.66 -2.09 9.63
N VAL B 35 7.09 -3.00 10.42
CA VAL B 35 5.66 -3.29 10.44
C VAL B 35 5.21 -3.24 11.91
N ILE B 36 3.96 -2.85 12.14
CA ILE B 36 3.43 -2.78 13.48
C ILE B 36 2.68 -4.05 13.83
N PHE B 37 2.89 -4.53 15.05
CA PHE B 37 2.21 -5.70 15.54
C PHE B 37 1.45 -5.36 16.80
N SER B 38 0.13 -5.47 16.72
CA SER B 38 -0.76 -5.22 17.84
C SER B 38 -2.02 -6.04 17.60
N PRO B 39 -2.12 -7.19 18.27
CA PRO B 39 -3.29 -8.05 18.11
C PRO B 39 -4.55 -7.49 18.78
N THR B 46 -9.79 -19.11 14.43
CA THR B 46 -9.55 -18.91 15.85
C THR B 46 -10.20 -17.61 16.31
N ASP B 47 -10.12 -16.60 15.46
CA ASP B 47 -10.70 -15.29 15.76
C ASP B 47 -11.11 -14.61 14.46
N PHE B 48 -10.49 -15.03 13.36
CA PHE B 48 -10.77 -14.47 12.04
C PHE B 48 -11.84 -15.24 11.28
N LYS B 49 -12.59 -14.51 10.45
CA LYS B 49 -13.64 -15.09 9.65
C LYS B 49 -13.36 -14.87 8.16
N SER B 50 -14.41 -14.79 7.36
CA SER B 50 -14.28 -14.56 5.93
C SER B 50 -14.42 -13.09 5.60
N SER B 62 -20.53 -21.07 -17.69
CA SER B 62 -19.21 -20.99 -18.32
C SER B 62 -18.95 -19.56 -18.81
N CYS B 63 -17.74 -19.32 -19.31
CA CYS B 63 -17.41 -17.98 -19.80
C CYS B 63 -16.61 -18.07 -21.10
N PRO B 64 -16.44 -16.93 -21.80
CA PRO B 64 -15.70 -16.89 -23.07
C PRO B 64 -14.25 -17.31 -22.97
N PHE B 65 -13.90 -18.02 -21.90
CA PHE B 65 -12.52 -18.47 -21.69
C PHE B 65 -12.38 -19.98 -21.57
N CYS B 66 -13.50 -20.69 -21.50
CA CYS B 66 -13.46 -22.16 -21.42
C CYS B 66 -13.18 -22.71 -22.82
N ILE B 67 -12.79 -23.98 -22.89
CA ILE B 67 -12.51 -24.60 -24.18
C ILE B 67 -13.72 -24.47 -25.11
N GLU B 72 -12.77 -16.03 -29.21
CA GLU B 72 -13.35 -14.83 -28.63
C GLU B 72 -12.34 -14.11 -27.73
N CYS B 73 -11.25 -14.81 -27.42
CA CYS B 73 -10.20 -14.25 -26.57
C CYS B 73 -9.22 -13.44 -27.41
N ALA B 74 -8.44 -12.62 -26.74
CA ALA B 74 -7.43 -11.79 -27.40
C ALA B 74 -6.34 -12.72 -27.95
N PRO B 75 -5.49 -12.21 -28.85
CA PRO B 75 -4.40 -12.98 -29.46
C PRO B 75 -3.66 -13.89 -28.48
N GLU B 76 -3.48 -15.15 -28.88
CA GLU B 76 -2.77 -16.12 -28.05
C GLU B 76 -1.26 -16.03 -28.27
N LEU B 77 -0.49 -16.32 -27.24
CA LEU B 77 0.96 -16.29 -27.36
C LEU B 77 1.36 -17.74 -27.57
N PHE B 78 0.75 -18.61 -26.78
CA PHE B 78 0.97 -20.04 -26.86
C PHE B 78 0.03 -20.72 -25.90
N ARG B 79 -0.03 -22.03 -25.95
CA ARG B 79 -0.91 -22.79 -25.08
C ARG B 79 -0.18 -24.07 -24.67
N VAL B 80 -0.87 -24.95 -23.97
CA VAL B 80 -0.28 -26.20 -23.54
C VAL B 80 -1.32 -27.31 -23.53
N PRO B 81 -1.09 -28.39 -24.29
CA PRO B 81 0.09 -28.63 -25.15
C PRO B 81 0.15 -27.64 -26.31
N ASP B 82 1.31 -27.58 -26.96
CA ASP B 82 1.50 -26.65 -28.07
C ASP B 82 0.46 -26.83 -29.18
N HIS B 83 -0.07 -25.71 -29.66
CA HIS B 83 -1.06 -25.71 -30.74
C HIS B 83 -2.12 -26.80 -30.56
N ASP B 84 -2.16 -27.42 -29.39
CA ASP B 84 -3.11 -28.49 -29.11
C ASP B 84 -4.51 -28.02 -28.74
N PRO B 85 -5.51 -28.35 -29.57
CA PRO B 85 -6.91 -27.98 -29.36
C PRO B 85 -7.46 -28.52 -28.03
N ASN B 86 -6.95 -29.67 -27.59
CA ASN B 86 -7.38 -30.25 -26.32
C ASN B 86 -6.51 -29.59 -25.26
N TRP B 87 -6.62 -28.26 -25.15
CA TRP B 87 -5.81 -27.46 -24.23
C TRP B 87 -6.20 -27.38 -22.76
N LYS B 88 -5.18 -27.29 -21.92
CA LYS B 88 -5.34 -27.17 -20.48
C LYS B 88 -5.24 -25.69 -20.10
N LEU B 89 -4.17 -25.05 -20.54
CA LEU B 89 -3.95 -23.63 -20.27
C LEU B 89 -3.59 -22.89 -21.55
N ARG B 90 -3.52 -21.58 -21.47
CA ARG B 90 -3.16 -20.73 -22.60
C ARG B 90 -2.87 -19.30 -22.13
N VAL B 91 -1.95 -18.62 -22.82
CA VAL B 91 -1.62 -17.27 -22.45
C VAL B 91 -1.96 -16.35 -23.61
N ILE B 92 -2.72 -15.31 -23.31
CA ILE B 92 -3.14 -14.37 -24.33
C ILE B 92 -2.84 -12.93 -23.96
N GLU B 93 -2.92 -12.05 -24.95
CA GLU B 93 -2.71 -10.63 -24.73
C GLU B 93 -3.88 -10.19 -23.87
N ASN B 94 -3.71 -9.06 -23.18
CA ASN B 94 -4.79 -8.54 -22.36
C ASN B 94 -5.49 -7.52 -23.26
N LEU B 95 -6.75 -7.77 -23.56
CA LEU B 95 -7.53 -6.90 -24.44
C LEU B 95 -7.36 -5.41 -24.17
N TYR B 96 -7.19 -5.05 -22.89
CA TYR B 96 -6.99 -3.66 -22.48
C TYR B 96 -5.79 -3.60 -21.54
N PRO B 97 -4.58 -3.63 -22.10
CA PRO B 97 -3.33 -3.61 -21.35
C PRO B 97 -3.01 -2.38 -20.48
N ALA B 98 -2.45 -2.63 -19.30
CA ALA B 98 -2.05 -1.54 -18.42
C ALA B 98 -0.87 -0.89 -19.15
N LEU B 99 0.00 -1.73 -19.70
CA LEU B 99 1.14 -1.26 -20.48
C LEU B 99 1.07 -1.89 -21.88
N SER B 100 0.78 -1.05 -22.88
CA SER B 100 0.65 -1.47 -24.27
C SER B 100 1.93 -1.93 -24.94
N ARG B 101 1.92 -3.17 -25.44
CA ARG B 101 3.07 -3.72 -26.12
C ARG B 101 3.28 -3.01 -27.46
N ASN B 102 2.26 -2.32 -27.94
CA ASN B 102 2.35 -1.62 -29.21
C ASN B 102 2.94 -0.22 -29.11
N LEU B 103 3.25 0.22 -27.90
CA LEU B 103 3.86 1.54 -27.72
C LEU B 103 5.36 1.43 -27.92
N GLU B 104 5.88 0.20 -27.80
CA GLU B 104 7.31 -0.10 -27.95
C GLU B 104 8.17 1.04 -28.49
N THR B 105 8.56 1.95 -27.61
CA THR B 105 9.40 3.08 -28.00
C THR B 105 9.91 3.80 -26.75
N ARG B 116 10.51 12.60 -15.79
CA ARG B 116 9.26 12.66 -15.05
C ARG B 116 8.17 11.87 -15.77
N THR B 117 8.46 11.43 -16.99
CA THR B 117 7.51 10.67 -17.77
C THR B 117 8.19 9.74 -18.76
N ILE B 118 7.63 8.54 -18.92
CA ILE B 118 8.15 7.54 -19.83
C ILE B 118 6.99 6.96 -20.65
N VAL B 119 7.30 6.40 -21.82
CA VAL B 119 6.29 5.82 -22.70
C VAL B 119 5.68 4.55 -22.11
N GLY B 120 4.38 4.39 -22.32
CA GLY B 120 3.66 3.25 -21.80
C GLY B 120 4.07 1.86 -22.25
N PHE B 121 5.23 1.73 -22.90
CA PHE B 121 5.65 0.42 -23.35
C PHE B 121 5.58 -0.57 -22.20
N GLY B 122 5.23 -1.81 -22.55
CA GLY B 122 5.13 -2.87 -21.57
C GLY B 122 4.25 -3.99 -22.09
N PHE B 123 4.40 -5.17 -21.50
CA PHE B 123 3.60 -6.30 -21.91
C PHE B 123 2.59 -6.65 -20.82
N HIS B 124 1.31 -6.72 -21.20
CA HIS B 124 0.25 -7.08 -20.26
C HIS B 124 -0.43 -8.33 -20.82
N ASP B 125 -0.07 -9.47 -20.24
CA ASP B 125 -0.59 -10.74 -20.69
C ASP B 125 -1.43 -11.46 -19.63
N VAL B 126 -2.23 -12.42 -20.08
CA VAL B 126 -3.10 -13.19 -19.19
C VAL B 126 -2.89 -14.69 -19.34
N VAL B 127 -2.98 -15.40 -18.22
CA VAL B 127 -2.82 -16.83 -18.19
C VAL B 127 -4.15 -17.51 -17.82
N ILE B 128 -4.85 -18.03 -18.83
CA ILE B 128 -6.12 -18.71 -18.61
C ILE B 128 -5.76 -20.07 -18.02
N GLU B 129 -5.93 -20.18 -16.70
CA GLU B 129 -5.54 -21.39 -15.98
C GLU B 129 -6.39 -22.65 -16.14
N SER B 130 -7.55 -22.55 -16.76
CA SER B 130 -8.38 -23.75 -16.92
C SER B 130 -9.41 -23.72 -18.04
N PRO B 131 -9.68 -24.90 -18.62
CA PRO B 131 -10.65 -25.10 -19.70
C PRO B 131 -12.05 -25.09 -19.09
N VAL B 132 -12.14 -25.57 -17.86
CA VAL B 132 -13.39 -25.63 -17.11
C VAL B 132 -13.62 -24.38 -16.28
N HIS B 133 -14.78 -23.75 -16.45
CA HIS B 133 -15.11 -22.52 -15.72
C HIS B 133 -15.15 -22.70 -14.20
N SER B 134 -15.58 -23.86 -13.73
CA SER B 134 -15.69 -24.13 -12.30
C SER B 134 -14.50 -24.86 -11.67
N ILE B 135 -13.33 -24.22 -11.70
CA ILE B 135 -12.12 -24.82 -11.13
C ILE B 135 -11.28 -23.76 -10.42
N GLN B 136 -10.54 -24.17 -9.40
CA GLN B 136 -9.67 -23.26 -8.65
C GLN B 136 -8.27 -23.84 -8.49
N LEU B 137 -7.25 -23.00 -8.66
CA LEU B 137 -5.86 -23.43 -8.53
C LEU B 137 -5.66 -24.36 -7.35
N SER B 138 -6.27 -24.04 -6.23
CA SER B 138 -6.16 -24.85 -5.04
C SER B 138 -6.58 -26.30 -5.31
N ASP B 139 -7.57 -26.47 -6.18
CA ASP B 139 -8.07 -27.81 -6.51
C ASP B 139 -7.18 -28.54 -7.51
N ILE B 140 -6.89 -27.88 -8.63
CA ILE B 140 -6.05 -28.48 -9.69
C ILE B 140 -4.94 -29.35 -9.12
N ASP B 141 -4.70 -30.49 -9.76
CA ASP B 141 -3.67 -31.42 -9.31
C ASP B 141 -2.30 -30.77 -9.46
N PRO B 142 -1.37 -31.10 -8.56
CA PRO B 142 -0.01 -30.56 -8.58
C PRO B 142 0.64 -30.54 -9.97
N VAL B 143 0.07 -31.29 -10.91
CA VAL B 143 0.59 -31.36 -12.26
C VAL B 143 0.18 -30.18 -13.14
N GLY B 144 -1.13 -29.92 -13.20
CA GLY B 144 -1.64 -28.84 -14.02
C GLY B 144 -1.12 -27.47 -13.62
N ILE B 145 -0.88 -27.30 -12.32
CA ILE B 145 -0.37 -26.05 -11.78
C ILE B 145 1.06 -25.89 -12.26
N GLY B 146 1.80 -27.00 -12.24
CA GLY B 146 3.19 -26.99 -12.69
C GLY B 146 3.23 -26.42 -14.08
N ASP B 147 2.29 -26.85 -14.91
CA ASP B 147 2.19 -26.36 -16.28
C ASP B 147 1.92 -24.86 -16.29
N ILE B 148 1.28 -24.36 -15.23
CA ILE B 148 0.98 -22.95 -15.11
C ILE B 148 2.31 -22.26 -14.79
N LEU B 149 3.02 -22.81 -13.81
CA LEU B 149 4.31 -22.27 -13.40
C LEU B 149 5.29 -22.31 -14.57
N ILE B 150 5.39 -23.46 -15.23
CA ILE B 150 6.27 -23.62 -16.38
C ILE B 150 5.90 -22.58 -17.43
N ALA B 151 4.59 -22.39 -17.63
CA ALA B 151 4.14 -21.41 -18.60
C ALA B 151 4.71 -20.02 -18.24
N TYR B 152 4.79 -19.72 -16.94
CA TYR B 152 5.34 -18.43 -16.48
C TYR B 152 6.81 -18.41 -16.89
N LYS B 153 7.56 -19.39 -16.40
CA LYS B 153 8.96 -19.54 -16.71
C LYS B 153 9.16 -19.36 -18.21
N LYS B 154 8.38 -20.11 -18.98
CA LYS B 154 8.46 -20.06 -20.42
C LYS B 154 8.19 -18.64 -20.88
N ARG B 155 7.26 -17.97 -20.22
CA ARG B 155 6.92 -16.59 -20.58
C ARG B 155 8.04 -15.62 -20.19
N ILE B 156 8.63 -15.83 -19.02
CA ILE B 156 9.69 -14.94 -18.59
C ILE B 156 10.80 -14.98 -19.65
N ASN B 157 11.14 -16.18 -20.09
CA ASN B 157 12.19 -16.36 -21.08
C ASN B 157 12.02 -15.48 -22.31
N GLN B 158 10.82 -15.52 -22.92
CA GLN B 158 10.57 -14.72 -24.10
C GLN B 158 10.67 -13.22 -23.80
N ILE B 159 9.98 -12.78 -22.76
CA ILE B 159 10.01 -11.37 -22.40
C ILE B 159 11.42 -10.85 -22.19
N ALA B 160 12.25 -11.67 -21.54
CA ALA B 160 13.62 -11.28 -21.25
C ALA B 160 14.36 -10.75 -22.48
N GLN B 161 14.15 -11.38 -23.65
CA GLN B 161 14.81 -10.95 -24.88
C GLN B 161 14.74 -9.45 -25.13
N HIS B 162 13.75 -8.79 -24.53
CA HIS B 162 13.60 -7.35 -24.67
C HIS B 162 14.38 -6.59 -23.63
N ASP B 163 15.25 -5.69 -24.07
CA ASP B 163 16.04 -4.90 -23.15
C ASP B 163 15.24 -3.72 -22.61
N SER B 164 14.17 -3.36 -23.32
CA SER B 164 13.32 -2.24 -22.91
C SER B 164 12.63 -2.55 -21.59
N ILE B 165 12.56 -3.83 -21.26
CA ILE B 165 11.93 -4.28 -20.02
C ILE B 165 12.99 -4.42 -18.94
N ASN B 166 12.61 -4.10 -17.70
CA ASN B 166 13.53 -4.20 -16.57
C ASN B 166 12.99 -5.07 -15.44
N TYR B 167 11.67 -5.17 -15.34
CA TYR B 167 11.04 -6.02 -14.33
C TYR B 167 9.74 -6.59 -14.83
N ILE B 168 9.48 -7.85 -14.48
CA ILE B 168 8.25 -8.53 -14.86
C ILE B 168 7.52 -8.88 -13.57
N GLN B 169 6.22 -8.61 -13.51
CA GLN B 169 5.47 -8.93 -12.31
C GLN B 169 4.39 -9.98 -12.62
N VAL B 170 4.54 -11.16 -12.02
CA VAL B 170 3.61 -12.27 -12.19
C VAL B 170 2.76 -12.32 -10.92
N PHE B 171 1.46 -12.53 -11.07
CA PHE B 171 0.57 -12.55 -9.92
C PHE B 171 -0.78 -13.20 -10.20
N LYS B 172 -1.54 -13.46 -9.14
CA LYS B 172 -2.86 -14.06 -9.25
C LYS B 172 -3.90 -13.43 -8.35
N ASN B 173 -5.09 -13.23 -8.90
CA ASN B 173 -6.20 -12.67 -8.14
C ASN B 173 -7.36 -13.67 -8.13
N GLN B 174 -8.05 -13.75 -7.00
CA GLN B 174 -9.20 -14.63 -6.87
C GLN B 174 -10.25 -13.93 -6.01
N GLY B 175 -11.37 -13.60 -6.64
CA GLY B 175 -12.44 -12.92 -5.94
C GLY B 175 -12.39 -11.42 -6.19
N ALA B 176 -13.21 -10.94 -7.12
CA ALA B 176 -13.27 -9.53 -7.48
C ALA B 176 -12.72 -8.61 -6.38
N SER B 177 -13.12 -8.86 -5.14
CA SER B 177 -12.69 -8.05 -3.99
C SER B 177 -11.16 -7.97 -3.85
N ALA B 178 -10.45 -8.77 -4.62
CA ALA B 178 -9.00 -8.77 -4.57
C ALA B 178 -8.43 -8.44 -5.96
N GLY B 179 -9.27 -7.88 -6.82
CA GLY B 179 -8.83 -7.53 -8.16
C GLY B 179 -9.12 -8.55 -9.25
N ALA B 180 -9.55 -9.75 -8.86
CA ALA B 180 -9.86 -10.80 -9.83
C ALA B 180 -10.81 -10.27 -10.90
N SER B 181 -10.31 -10.16 -12.12
CA SER B 181 -11.10 -9.66 -13.25
C SER B 181 -12.41 -10.42 -13.42
N MET B 182 -12.30 -11.66 -13.87
CA MET B 182 -13.47 -12.51 -14.09
C MET B 182 -13.44 -13.69 -13.11
N SER B 183 -14.43 -14.56 -13.23
CA SER B 183 -14.54 -15.73 -12.37
C SER B 183 -13.74 -16.93 -12.87
N HIS B 184 -13.48 -16.95 -14.17
CA HIS B 184 -12.71 -18.06 -14.75
C HIS B 184 -11.31 -18.02 -14.17
N SER B 185 -10.83 -19.17 -13.69
CA SER B 185 -9.50 -19.25 -13.09
C SER B 185 -8.41 -18.69 -13.99
N HIS B 186 -7.65 -17.74 -13.46
CA HIS B 186 -6.59 -17.13 -14.25
C HIS B 186 -5.57 -16.37 -13.40
N SER B 187 -4.49 -15.98 -14.05
CA SER B 187 -3.41 -15.21 -13.45
C SER B 187 -2.92 -14.24 -14.53
N GLN B 188 -1.93 -13.43 -14.19
CA GLN B 188 -1.42 -12.44 -15.14
C GLN B 188 0.05 -12.14 -14.95
N MET B 189 0.63 -11.58 -16.01
CA MET B 189 2.03 -11.21 -16.03
C MET B 189 2.08 -9.79 -16.60
N MET B 190 2.65 -8.89 -15.81
CA MET B 190 2.80 -7.49 -16.24
C MET B 190 4.26 -7.16 -16.43
N ALA B 191 4.61 -6.84 -17.68
CA ALA B 191 5.97 -6.48 -18.04
C ALA B 191 6.15 -4.98 -17.76
N LEU B 192 7.31 -4.58 -17.26
CA LEU B 192 7.54 -3.17 -16.95
C LEU B 192 8.88 -2.66 -17.45
N PRO B 193 8.97 -1.36 -17.78
CA PRO B 193 10.19 -0.71 -18.26
C PRO B 193 10.98 -0.18 -17.04
N VAL B 194 10.44 -0.44 -15.84
CA VAL B 194 11.10 0.02 -14.60
C VAL B 194 11.05 -1.00 -13.46
N VAL B 195 12.11 -1.06 -12.66
CA VAL B 195 12.10 -1.96 -11.51
C VAL B 195 11.18 -1.23 -10.52
N PRO B 196 10.32 -1.98 -9.83
CA PRO B 196 9.36 -1.46 -8.85
C PRO B 196 9.93 -1.24 -7.45
N PRO B 197 9.35 -0.29 -6.70
CA PRO B 197 9.76 0.07 -5.34
C PRO B 197 10.09 -1.12 -4.42
N THR B 198 9.21 -2.13 -4.41
CA THR B 198 9.45 -3.27 -3.56
C THR B 198 10.73 -4.01 -3.92
N VAL B 199 11.02 -4.14 -5.22
CA VAL B 199 12.23 -4.84 -5.63
C VAL B 199 13.45 -3.99 -5.24
N SER B 200 13.37 -2.70 -5.56
CA SER B 200 14.43 -1.76 -5.21
C SER B 200 14.58 -1.67 -3.70
N SER B 201 13.46 -1.62 -2.98
CA SER B 201 13.50 -1.56 -1.52
C SER B 201 14.20 -2.80 -0.99
N ARG B 202 13.73 -3.95 -1.45
CA ARG B 202 14.25 -5.25 -1.07
C ARG B 202 15.74 -5.35 -1.42
N LEU B 203 16.11 -4.83 -2.59
CA LEU B 203 17.52 -4.87 -3.00
C LEU B 203 18.35 -4.13 -1.94
N ASP B 204 17.78 -3.08 -1.37
CA ASP B 204 18.48 -2.33 -0.34
C ASP B 204 18.66 -3.19 0.92
N GLY B 205 17.55 -3.70 1.46
CA GLY B 205 17.59 -4.51 2.66
C GLY B 205 18.32 -5.84 2.59
N THR B 206 18.19 -6.56 1.48
CA THR B 206 18.88 -7.83 1.35
C THR B 206 20.38 -7.58 1.27
N LYS B 207 20.77 -6.41 0.75
CA LYS B 207 22.18 -6.09 0.65
C LYS B 207 22.73 -5.63 1.99
N ASP B 208 22.21 -4.50 2.48
CA ASP B 208 22.64 -3.94 3.75
C ASP B 208 22.66 -4.99 4.85
N TYR B 209 21.88 -6.04 4.67
CA TYR B 209 21.87 -7.10 5.65
C TYR B 209 22.99 -8.07 5.33
N PHE B 210 23.27 -8.24 4.03
CA PHE B 210 24.34 -9.14 3.60
C PHE B 210 25.69 -8.54 3.94
N GLU B 211 25.80 -7.22 3.80
CA GLU B 211 27.05 -6.53 4.09
C GLU B 211 27.25 -6.49 5.59
N GLU B 212 26.53 -7.34 6.31
CA GLU B 212 26.64 -7.38 7.76
C GLU B 212 26.83 -8.79 8.30
N THR B 213 26.08 -9.75 7.76
CA THR B 213 26.17 -11.14 8.20
C THR B 213 26.72 -12.04 7.11
N GLY B 214 26.94 -11.47 5.93
CA GLY B 214 27.45 -12.25 4.82
C GLY B 214 26.52 -13.39 4.45
N LYS B 215 25.22 -13.21 4.64
CA LYS B 215 24.25 -14.25 4.32
C LYS B 215 22.93 -13.78 3.70
N CYS B 216 22.30 -14.67 2.96
CA CYS B 216 21.02 -14.37 2.35
C CYS B 216 19.92 -14.73 3.35
N CYS B 217 19.25 -13.72 3.88
CA CYS B 217 18.19 -13.94 4.86
C CYS B 217 17.21 -15.03 4.43
N LEU B 218 16.91 -15.13 3.14
CA LEU B 218 15.97 -16.14 2.67
C LEU B 218 16.55 -17.55 2.67
N CYS B 219 17.87 -17.68 2.55
CA CYS B 219 18.51 -18.99 2.60
C CYS B 219 18.48 -19.31 4.08
N GLU B 220 18.30 -18.26 4.87
CA GLU B 220 18.22 -18.37 6.31
C GLU B 220 16.76 -18.39 6.76
N ALA B 221 15.88 -18.84 5.88
CA ALA B 221 14.45 -18.90 6.17
C ALA B 221 14.16 -19.67 7.47
N LYS B 222 14.35 -20.98 7.41
CA LYS B 222 14.15 -21.88 8.55
C LYS B 222 14.52 -21.26 9.90
N SER B 223 15.52 -20.39 9.90
CA SER B 223 16.00 -19.77 11.13
C SER B 223 15.54 -18.35 11.41
N LYS B 224 15.14 -17.63 10.36
CA LYS B 224 14.71 -16.25 10.53
C LYS B 224 13.20 -16.10 10.37
N HIS B 225 12.48 -17.20 10.46
CA HIS B 225 11.03 -17.16 10.32
C HIS B 225 10.31 -18.26 11.10
N PHE B 226 9.01 -18.38 10.88
CA PHE B 226 8.20 -19.38 11.57
C PHE B 226 7.66 -20.41 10.60
N VAL B 227 8.40 -21.49 10.46
CA VAL B 227 8.07 -22.58 9.55
C VAL B 227 6.67 -23.16 9.72
N ILE B 228 5.98 -23.28 8.59
CA ILE B 228 4.63 -23.84 8.52
C ILE B 228 4.73 -25.26 7.95
N ASP B 229 5.23 -25.35 6.72
CA ASP B 229 5.39 -26.63 6.07
C ASP B 229 6.53 -26.63 5.07
N GLU B 230 7.18 -27.78 4.92
CA GLU B 230 8.31 -27.92 4.00
C GLU B 230 8.10 -29.07 3.04
N SER B 231 8.56 -28.89 1.80
CA SER B 231 8.46 -29.92 0.77
C SER B 231 9.89 -30.26 0.38
N SER B 232 10.05 -30.90 -0.78
CA SER B 232 11.36 -31.30 -1.26
C SER B 232 12.31 -30.15 -1.56
N HIS B 233 11.84 -29.17 -2.31
CA HIS B 233 12.70 -28.06 -2.69
C HIS B 233 12.25 -26.69 -2.19
N PHE B 234 11.18 -26.66 -1.42
CA PHE B 234 10.69 -25.39 -0.88
C PHE B 234 10.21 -25.52 0.56
N VAL B 235 10.02 -24.38 1.20
CA VAL B 235 9.53 -24.32 2.57
C VAL B 235 8.59 -23.11 2.70
N SER B 236 7.61 -23.20 3.59
CA SER B 236 6.67 -22.11 3.83
C SER B 236 6.81 -21.60 5.28
N VAL B 237 6.78 -20.29 5.44
CA VAL B 237 6.91 -19.70 6.77
C VAL B 237 5.91 -18.58 7.03
N ALA B 238 6.03 -17.98 8.21
CA ALA B 238 5.22 -16.85 8.64
C ALA B 238 6.26 -15.75 8.80
N PRO B 239 6.49 -14.95 7.75
CA PRO B 239 7.50 -13.90 7.87
C PRO B 239 7.48 -13.12 9.17
N PHE B 240 8.64 -13.06 9.80
CA PHE B 240 8.86 -12.37 11.05
C PHE B 240 8.17 -11.01 11.13
N ALA B 241 8.32 -10.21 10.07
CA ALA B 241 7.71 -8.89 10.01
C ALA B 241 6.68 -8.85 8.89
N ALA B 242 5.92 -9.92 8.75
CA ALA B 242 4.89 -10.00 7.72
C ALA B 242 4.05 -8.73 7.67
N THR B 243 3.68 -8.34 6.46
CA THR B 243 2.87 -7.15 6.22
C THR B 243 1.38 -7.37 6.50
N TYR B 244 0.87 -8.52 6.05
CA TYR B 244 -0.56 -8.83 6.17
C TYR B 244 -0.90 -10.04 7.03
N PRO B 245 -2.02 -9.97 7.76
CA PRO B 245 -2.42 -11.10 8.61
C PRO B 245 -2.60 -12.34 7.75
N PHE B 246 -1.97 -13.42 8.16
CA PHE B 246 -2.02 -14.68 7.45
C PHE B 246 -1.27 -14.70 6.12
N GLU B 247 -0.40 -13.71 5.94
CA GLU B 247 0.44 -13.61 4.76
C GLU B 247 1.32 -14.86 4.78
N ILE B 248 1.55 -15.46 3.63
CA ILE B 248 2.37 -16.66 3.57
C ILE B 248 3.43 -16.61 2.47
N TRP B 249 4.64 -17.02 2.82
CA TRP B 249 5.74 -17.08 1.85
C TRP B 249 6.17 -18.53 1.59
N ILE B 250 6.46 -18.83 0.33
CA ILE B 250 6.95 -20.15 -0.05
C ILE B 250 8.30 -19.81 -0.70
N ILE B 251 9.36 -20.27 -0.06
CA ILE B 251 10.72 -19.97 -0.52
C ILE B 251 11.48 -21.19 -1.00
N PRO B 252 12.24 -21.06 -2.10
CA PRO B 252 12.98 -22.23 -2.55
C PRO B 252 14.08 -22.46 -1.54
N LYS B 253 14.37 -23.72 -1.25
CA LYS B 253 15.42 -24.04 -0.28
C LYS B 253 16.81 -23.78 -0.84
N ASP B 254 16.94 -23.86 -2.17
CA ASP B 254 18.22 -23.60 -2.81
C ASP B 254 18.23 -22.11 -3.12
N HIS B 255 19.38 -21.48 -2.98
CA HIS B 255 19.52 -20.06 -3.26
C HIS B 255 19.45 -19.77 -4.76
N SER B 256 18.25 -19.47 -5.25
CA SER B 256 18.06 -19.12 -6.65
C SER B 256 17.76 -17.62 -6.61
N SER B 257 18.14 -16.89 -7.65
CA SER B 257 17.89 -15.46 -7.67
C SER B 257 16.72 -15.09 -8.59
N HIS B 258 16.34 -16.00 -9.47
CA HIS B 258 15.24 -15.71 -10.38
C HIS B 258 14.31 -16.89 -10.59
N PHE B 259 13.01 -16.62 -10.48
CA PHE B 259 11.98 -17.64 -10.63
C PHE B 259 12.06 -18.49 -11.89
N HIS B 260 12.29 -17.87 -13.04
CA HIS B 260 12.35 -18.62 -14.30
C HIS B 260 13.52 -19.59 -14.41
N HIS B 261 14.22 -19.79 -13.31
CA HIS B 261 15.36 -20.69 -13.25
C HIS B 261 14.88 -22.03 -12.68
N LEU B 262 13.65 -22.06 -12.20
CA LEU B 262 13.08 -23.28 -11.63
C LEU B 262 12.81 -24.34 -12.72
N ASP B 263 13.12 -25.59 -12.41
CA ASP B 263 12.90 -26.68 -13.37
C ASP B 263 11.65 -27.52 -13.08
N ASP B 264 11.40 -28.47 -13.96
CA ASP B 264 10.22 -29.34 -13.86
C ASP B 264 10.00 -30.06 -12.54
N VAL B 265 11.06 -30.54 -11.90
CA VAL B 265 10.92 -31.23 -10.61
C VAL B 265 10.50 -30.23 -9.54
N LYS B 266 11.24 -29.12 -9.46
CA LYS B 266 10.96 -28.08 -8.48
C LYS B 266 9.58 -27.47 -8.73
N ALA B 267 9.16 -27.43 -9.99
CA ALA B 267 7.86 -26.87 -10.33
C ALA B 267 6.69 -27.71 -9.80
N VAL B 268 6.91 -29.01 -9.66
CA VAL B 268 5.87 -29.90 -9.15
C VAL B 268 5.95 -29.93 -7.63
N ASP B 269 7.15 -29.81 -7.09
CA ASP B 269 7.33 -29.79 -5.66
C ASP B 269 6.70 -28.49 -5.17
N LEU B 270 6.95 -27.42 -5.92
CA LEU B 270 6.40 -26.12 -5.56
C LEU B 270 4.89 -26.14 -5.80
N GLY B 271 4.47 -26.71 -6.93
CA GLY B 271 3.06 -26.79 -7.24
C GLY B 271 2.31 -27.47 -6.10
N GLY B 272 3.01 -28.36 -5.39
CA GLY B 272 2.41 -29.08 -4.28
C GLY B 272 2.34 -28.26 -3.01
N LEU B 273 3.43 -27.56 -2.67
CA LEU B 273 3.45 -26.75 -1.45
C LEU B 273 2.48 -25.59 -1.61
N LEU B 274 2.48 -24.99 -2.80
CA LEU B 274 1.57 -23.90 -3.10
C LEU B 274 0.18 -24.49 -3.07
N LYS B 275 0.12 -25.80 -2.87
CA LYS B 275 -1.15 -26.52 -2.81
C LYS B 275 -1.35 -27.09 -1.40
N LEU B 276 -0.33 -27.00 -0.56
CA LEU B 276 -0.40 -27.47 0.83
C LEU B 276 -0.70 -26.30 1.75
N MET B 277 -0.48 -25.09 1.24
CA MET B 277 -0.73 -23.89 1.98
C MET B 277 -2.12 -23.34 1.69
N LEU B 278 -2.43 -23.13 0.40
CA LEU B 278 -3.72 -22.57 0.01
C LEU B 278 -4.95 -23.32 0.55
N GLN B 279 -4.91 -24.65 0.53
CA GLN B 279 -6.02 -25.47 1.02
C GLN B 279 -6.19 -25.23 2.53
N LYS B 280 -5.10 -24.82 3.16
CA LYS B 280 -5.15 -24.54 4.59
C LYS B 280 -5.72 -23.13 4.79
N ILE B 281 -5.40 -22.24 3.87
CA ILE B 281 -5.89 -20.86 3.93
C ILE B 281 -7.41 -20.86 3.72
N ALA B 282 -7.86 -21.50 2.64
CA ALA B 282 -9.28 -21.56 2.33
C ALA B 282 -10.06 -22.19 3.49
N LYS B 283 -9.45 -23.15 4.17
CA LYS B 283 -10.12 -23.80 5.30
C LYS B 283 -10.16 -22.88 6.51
N GLN B 284 -9.00 -22.71 7.14
CA GLN B 284 -8.84 -21.89 8.33
C GLN B 284 -9.49 -20.51 8.27
N LEU B 285 -9.40 -19.85 7.11
CA LEU B 285 -9.99 -18.52 6.98
C LEU B 285 -11.33 -18.56 6.26
N ASN B 286 -11.72 -19.76 5.82
CA ASN B 286 -12.99 -19.94 5.16
C ASN B 286 -13.14 -19.21 3.84
N ASP B 287 -12.40 -19.70 2.85
CA ASP B 287 -12.39 -19.19 1.48
C ASP B 287 -12.38 -17.67 1.26
N PRO B 288 -11.37 -16.98 1.82
CA PRO B 288 -11.29 -15.53 1.64
C PRO B 288 -10.72 -15.22 0.27
N PRO B 289 -10.85 -13.97 -0.17
CA PRO B 289 -10.27 -13.66 -1.47
C PRO B 289 -8.78 -13.74 -1.20
N TYR B 290 -7.96 -13.70 -2.25
CA TYR B 290 -6.52 -13.73 -2.00
C TYR B 290 -5.73 -13.30 -3.21
N ASN B 291 -4.51 -12.86 -2.97
CA ASN B 291 -3.62 -12.47 -4.03
C ASN B 291 -2.31 -13.18 -3.78
N TYR B 292 -1.65 -13.63 -4.84
CA TYR B 292 -0.34 -14.22 -4.64
C TYR B 292 0.53 -13.62 -5.73
N MET B 293 1.76 -13.29 -5.36
CA MET B 293 2.69 -12.70 -6.31
C MET B 293 4.12 -13.12 -6.04
N ILE B 294 4.74 -13.72 -7.06
CA ILE B 294 6.12 -14.16 -6.95
C ILE B 294 7.03 -12.93 -6.98
N HIS B 295 8.03 -12.93 -6.13
CA HIS B 295 8.99 -11.82 -6.06
C HIS B 295 10.35 -12.30 -6.57
N THR B 296 10.78 -11.75 -7.69
CA THR B 296 12.06 -12.16 -8.26
C THR B 296 13.00 -10.99 -8.50
N SER B 297 14.24 -11.30 -8.88
CA SER B 297 15.23 -10.25 -9.11
C SER B 297 14.94 -9.48 -10.40
N PRO B 298 15.57 -8.31 -10.56
CA PRO B 298 15.36 -7.52 -11.76
C PRO B 298 15.87 -8.28 -12.98
N LEU B 299 15.39 -7.90 -14.17
CA LEU B 299 15.83 -8.55 -15.40
C LEU B 299 17.35 -8.49 -15.49
N LYS B 300 17.92 -7.33 -15.16
CA LYS B 300 19.37 -7.16 -15.21
C LYS B 300 19.97 -6.99 -13.83
N VAL B 301 19.73 -7.93 -12.92
CA VAL B 301 20.31 -7.82 -11.59
C VAL B 301 21.81 -7.98 -11.77
N THR B 302 22.62 -7.31 -10.95
CA THR B 302 24.06 -7.40 -11.10
C THR B 302 24.67 -8.53 -10.28
N GLU B 303 25.67 -9.17 -10.86
CA GLU B 303 26.40 -10.27 -10.24
C GLU B 303 26.67 -9.95 -8.77
N SER B 304 26.96 -8.68 -8.51
CA SER B 304 27.26 -8.22 -7.17
C SER B 304 26.12 -8.48 -6.17
N GLN B 305 24.88 -8.23 -6.62
CA GLN B 305 23.68 -8.41 -5.80
C GLN B 305 23.25 -9.87 -5.70
N LEU B 306 23.79 -10.68 -6.59
CA LEU B 306 23.49 -12.10 -6.70
C LEU B 306 23.49 -12.98 -5.45
N PRO B 307 24.51 -12.87 -4.59
CA PRO B 307 24.57 -13.68 -3.37
C PRO B 307 23.42 -13.43 -2.38
N TYR B 308 22.83 -12.24 -2.44
CA TYR B 308 21.74 -11.91 -1.52
C TYR B 308 20.39 -11.68 -2.17
N THR B 309 20.20 -12.22 -3.36
CA THR B 309 18.92 -12.07 -4.07
C THR B 309 18.32 -13.45 -4.19
N HIS B 310 17.30 -13.71 -3.37
CA HIS B 310 16.65 -15.02 -3.31
C HIS B 310 15.14 -14.85 -3.57
N TRP B 311 14.64 -15.44 -4.66
CA TRP B 311 13.23 -15.28 -4.99
C TRP B 311 12.25 -16.06 -4.13
N PHE B 312 10.98 -15.66 -4.17
CA PHE B 312 9.95 -16.34 -3.41
C PHE B 312 8.54 -15.95 -3.86
N LEU B 313 7.55 -16.73 -3.43
CA LEU B 313 6.17 -16.46 -3.80
C LEU B 313 5.39 -16.00 -2.56
N GLN B 314 4.71 -14.85 -2.70
CA GLN B 314 3.93 -14.28 -1.60
C GLN B 314 2.42 -14.48 -1.78
N ILE B 315 1.80 -15.12 -0.80
CA ILE B 315 0.35 -15.36 -0.82
C ILE B 315 -0.28 -14.51 0.28
N VAL B 316 -1.23 -13.66 -0.10
CA VAL B 316 -1.87 -12.82 0.88
C VAL B 316 -3.38 -13.00 0.92
N PRO B 317 -3.89 -13.51 2.04
CA PRO B 317 -5.34 -13.71 2.18
C PRO B 317 -5.92 -12.36 2.57
N GLN B 318 -6.99 -11.97 1.89
CA GLN B 318 -7.66 -10.70 2.13
C GLN B 318 -8.52 -10.82 3.39
N LEU B 319 -8.11 -10.13 4.45
CA LEU B 319 -8.81 -10.17 5.72
C LEU B 319 -9.07 -8.78 6.29
N SER B 320 -8.61 -7.75 5.58
CA SER B 320 -8.79 -6.37 6.03
C SER B 320 -8.27 -5.35 5.00
N GLY B 321 -8.83 -4.14 5.03
CA GLY B 321 -8.40 -3.10 4.11
C GLY B 321 -7.47 -2.11 4.77
N VAL B 322 -7.10 -1.06 4.05
CA VAL B 322 -6.19 -0.07 4.60
C VAL B 322 -6.83 1.28 4.85
N GLY B 323 -6.07 2.20 5.43
CA GLY B 323 -6.57 3.51 5.73
C GLY B 323 -5.54 4.61 5.65
N GLY B 324 -5.89 5.77 6.20
CA GLY B 324 -5.00 6.91 6.20
C GLY B 324 -3.58 6.57 6.61
N PHE B 325 -3.41 6.12 7.84
CA PHE B 325 -2.09 5.79 8.34
C PHE B 325 -1.21 5.11 7.29
N GLU B 326 -1.72 4.03 6.73
CA GLU B 326 -0.99 3.25 5.74
C GLU B 326 -0.57 4.06 4.53
N ILE B 327 -1.53 4.71 3.88
CA ILE B 327 -1.23 5.49 2.69
C ILE B 327 -0.27 6.64 2.98
N GLY B 328 -0.37 7.21 4.17
CA GLY B 328 0.49 8.31 4.53
C GLY B 328 1.92 7.96 4.93
N THR B 329 2.10 6.80 5.56
CA THR B 329 3.41 6.36 6.02
C THR B 329 4.06 5.26 5.19
N GLY B 330 3.23 4.33 4.73
CA GLY B 330 3.73 3.21 3.97
C GLY B 330 4.00 2.08 4.95
N CYS B 331 3.60 2.27 6.21
CA CYS B 331 3.80 1.27 7.26
C CYS B 331 2.44 0.62 7.51
N TYR B 332 2.45 -0.67 7.81
CA TYR B 332 1.19 -1.39 8.03
C TYR B 332 0.96 -1.83 9.47
N ILE B 333 -0.30 -2.12 9.77
CA ILE B 333 -0.71 -2.59 11.09
C ILE B 333 -1.21 -4.01 10.87
N ASN B 334 -0.57 -4.97 11.52
CA ASN B 334 -0.95 -6.38 11.39
C ASN B 334 -1.45 -6.91 12.74
N PRO B 335 -2.71 -7.36 12.79
CA PRO B 335 -3.35 -7.90 13.98
C PRO B 335 -2.87 -9.23 14.51
N VAL B 336 -2.07 -9.96 13.74
CA VAL B 336 -1.60 -11.27 14.19
C VAL B 336 -0.13 -11.54 13.98
N PHE B 337 0.56 -11.90 15.07
CA PHE B 337 1.98 -12.23 15.00
C PHE B 337 2.16 -13.49 14.16
N PRO B 338 3.28 -13.59 13.44
CA PRO B 338 3.50 -14.78 12.61
C PRO B 338 3.59 -16.04 13.49
N GLU B 339 3.88 -15.84 14.78
CA GLU B 339 3.98 -16.94 15.73
C GLU B 339 2.62 -17.61 15.82
N ASP B 340 1.59 -16.82 16.11
CA ASP B 340 0.25 -17.34 16.21
C ASP B 340 -0.11 -17.97 14.87
N VAL B 341 0.16 -17.26 13.78
CA VAL B 341 -0.16 -17.78 12.46
C VAL B 341 0.57 -19.10 12.21
N ALA B 342 1.85 -19.13 12.58
CA ALA B 342 2.66 -20.33 12.38
C ALA B 342 2.18 -21.49 13.24
N LYS B 343 1.54 -21.17 14.35
CA LYS B 343 1.04 -22.20 15.26
C LYS B 343 -0.33 -22.73 14.88
N VAL B 344 -1.08 -21.96 14.09
CA VAL B 344 -2.42 -22.39 13.65
C VAL B 344 -2.38 -23.08 12.30
N MET B 345 -1.38 -22.74 11.49
CA MET B 345 -1.25 -23.33 10.15
C MET B 345 -0.66 -24.73 10.17
N ARG B 346 0.07 -25.07 11.22
CA ARG B 346 0.63 -26.40 11.32
C ARG B 346 -0.46 -27.35 11.77
N GLU B 347 -1.26 -26.88 12.72
CA GLU B 347 -2.37 -27.66 13.27
C GLU B 347 -3.42 -28.00 12.23
N VAL B 348 -3.78 -27.04 11.40
CA VAL B 348 -4.79 -27.28 10.37
C VAL B 348 -4.54 -28.61 9.68
N SER B 349 -5.59 -29.42 9.57
CA SER B 349 -5.50 -30.72 8.95
C SER B 349 -6.39 -30.81 7.71
N LEU B 350 -5.79 -31.22 6.60
CA LEU B 350 -6.51 -31.37 5.34
C LEU B 350 -6.75 -32.85 5.12
ZN ZN C . -21.03 9.83 18.50
ZN ZN D . 8.49 24.64 -0.68
ZN ZN E . -15.06 -20.03 -18.06
ZN ZN F . 19.60 -17.17 -0.40
N PRO A 23 -1.08 6.58 -22.36
CA PRO A 23 -0.32 5.32 -22.16
C PRO A 23 1.10 5.60 -21.65
N GLU A 24 1.25 5.86 -20.35
CA GLU A 24 2.58 6.14 -19.79
C GLU A 24 2.66 6.04 -18.25
N LEU A 25 3.88 5.91 -17.75
CA LEU A 25 4.11 5.80 -16.31
C LEU A 25 4.58 7.17 -15.83
N ARG A 26 4.44 7.41 -14.53
CA ARG A 26 4.87 8.68 -13.94
C ARG A 26 5.21 8.48 -12.48
N LYS A 27 6.05 9.36 -11.95
CA LYS A 27 6.48 9.31 -10.56
C LYS A 27 6.92 10.69 -10.15
N ASP A 28 6.46 11.15 -8.99
CA ASP A 28 6.85 12.47 -8.51
C ASP A 28 7.79 12.41 -7.31
N PRO A 29 8.85 13.22 -7.34
CA PRO A 29 9.84 13.27 -6.26
C PRO A 29 9.24 13.00 -4.88
N VAL A 30 8.07 13.60 -4.62
CA VAL A 30 7.39 13.43 -3.32
C VAL A 30 7.24 11.96 -2.89
N THR A 31 6.69 11.13 -3.78
CA THR A 31 6.52 9.73 -3.45
C THR A 31 7.60 8.92 -4.13
N ASN A 32 8.33 9.57 -5.02
CA ASN A 32 9.41 8.92 -5.75
C ASN A 32 9.08 7.48 -6.16
N ARG A 33 7.80 7.17 -6.34
CA ARG A 33 7.44 5.81 -6.73
C ARG A 33 6.75 5.77 -8.10
N TRP A 34 7.08 4.77 -8.91
CA TRP A 34 6.46 4.67 -10.23
C TRP A 34 5.03 4.20 -10.11
N VAL A 35 4.12 4.93 -10.73
CA VAL A 35 2.71 4.57 -10.76
C VAL A 35 2.40 4.48 -12.24
N ILE A 36 1.47 3.62 -12.62
CA ILE A 36 1.14 3.50 -14.02
C ILE A 36 -0.09 4.31 -14.37
N PHE A 37 -0.01 5.06 -15.46
CA PHE A 37 -1.15 5.84 -15.92
C PHE A 37 -1.73 5.18 -17.16
N SER A 38 -2.89 4.55 -16.98
CA SER A 38 -3.58 3.86 -18.06
C SER A 38 -5.06 4.24 -18.17
N PRO A 39 -5.40 5.09 -19.14
CA PRO A 39 -6.80 5.53 -19.35
C PRO A 39 -7.64 4.46 -20.06
N PHE A 48 -16.55 8.83 -13.26
CA PHE A 48 -16.31 7.97 -12.12
C PHE A 48 -17.27 8.28 -10.98
N LYS A 49 -17.53 7.28 -10.13
CA LYS A 49 -18.44 7.45 -9.00
C LYS A 49 -18.13 6.50 -7.85
N SER A 50 -18.69 6.80 -6.69
CA SER A 50 -18.49 6.00 -5.47
C SER A 50 -19.09 4.60 -5.54
N LYS A 51 -18.75 3.77 -4.56
CA LYS A 51 -19.26 2.41 -4.48
C LYS A 51 -20.12 2.23 -3.24
N SER A 62 -27.21 7.68 20.70
CA SER A 62 -26.16 8.63 20.36
C SER A 62 -24.89 7.89 19.95
N CYS A 63 -23.81 8.13 20.69
CA CYS A 63 -22.53 7.51 20.40
C CYS A 63 -21.50 7.83 21.48
N PRO A 64 -20.64 6.86 21.81
CA PRO A 64 -19.59 7.01 22.84
C PRO A 64 -18.67 8.22 22.67
N PHE A 65 -18.49 8.68 21.44
CA PHE A 65 -17.63 9.84 21.19
C PHE A 65 -18.38 11.15 21.30
N CYS A 66 -19.71 11.09 21.41
CA CYS A 66 -20.50 12.30 21.53
C CYS A 66 -20.37 12.83 22.96
N ILE A 67 -20.93 14.01 23.21
CA ILE A 67 -20.85 14.60 24.54
C ILE A 67 -21.77 13.92 25.55
N GLY A 68 -21.28 13.78 26.78
CA GLY A 68 -22.06 13.14 27.83
C GLY A 68 -21.53 11.78 28.23
N ARG A 69 -21.06 11.02 27.26
CA ARG A 69 -20.54 9.67 27.51
C ARG A 69 -19.01 9.66 27.54
N GLU A 70 -18.42 10.76 28.01
CA GLU A 70 -16.98 10.91 28.10
C GLU A 70 -16.22 9.74 28.76
N GLN A 71 -16.80 9.16 29.82
CA GLN A 71 -16.14 8.05 30.51
C GLN A 71 -15.97 6.83 29.61
N GLU A 72 -16.85 6.71 28.62
CA GLU A 72 -16.79 5.60 27.69
C GLU A 72 -15.60 5.75 26.76
N CYS A 73 -14.71 6.66 27.11
CA CYS A 73 -13.52 6.91 26.31
C CYS A 73 -12.25 6.89 27.16
N ALA A 74 -11.11 6.69 26.50
CA ALA A 74 -9.83 6.65 27.18
C ALA A 74 -9.50 8.03 27.73
N PRO A 75 -8.54 8.12 28.67
CA PRO A 75 -8.10 9.36 29.30
C PRO A 75 -7.95 10.53 28.32
N GLU A 76 -8.47 11.69 28.70
CA GLU A 76 -8.40 12.88 27.86
C GLU A 76 -7.06 13.61 28.01
N LEU A 77 -6.56 14.16 26.89
CA LEU A 77 -5.30 14.91 26.89
C LEU A 77 -5.62 16.39 27.03
N PHE A 78 -6.71 16.80 26.40
CA PHE A 78 -7.20 18.17 26.45
C PHE A 78 -8.42 18.32 25.55
N ARG A 79 -8.99 19.51 25.53
CA ARG A 79 -10.16 19.78 24.74
C ARG A 79 -10.15 21.25 24.34
N VAL A 80 -11.06 21.63 23.46
CA VAL A 80 -11.15 23.00 22.99
C VAL A 80 -12.61 23.43 22.99
N PRO A 81 -12.95 24.52 23.70
CA PRO A 81 -12.01 25.34 24.50
C PRO A 81 -11.58 24.60 25.77
N ASP A 82 -10.42 24.97 26.30
CA ASP A 82 -9.86 24.34 27.50
C ASP A 82 -10.86 24.14 28.63
N HIS A 83 -10.61 23.10 29.45
CA HIS A 83 -11.46 22.75 30.58
C HIS A 83 -12.90 23.28 30.46
N ASP A 84 -13.60 22.88 29.40
CA ASP A 84 -14.97 23.34 29.17
C ASP A 84 -15.93 22.19 28.94
N PRO A 85 -17.02 22.13 29.72
CA PRO A 85 -18.04 21.08 29.59
C PRO A 85 -18.70 21.03 28.22
N ASN A 86 -19.02 22.19 27.66
CA ASN A 86 -19.64 22.26 26.35
C ASN A 86 -18.53 22.47 25.31
N TRP A 87 -17.74 21.42 25.09
CA TRP A 87 -16.61 21.46 24.15
C TRP A 87 -16.96 21.30 22.68
N LYS A 88 -16.12 21.89 21.83
CA LYS A 88 -16.27 21.84 20.38
C LYS A 88 -15.45 20.67 19.80
N LEU A 89 -14.38 20.30 20.49
CA LEU A 89 -13.53 19.20 20.06
C LEU A 89 -12.70 18.74 21.25
N ARG A 90 -12.32 17.47 21.25
CA ARG A 90 -11.49 16.96 22.33
C ARG A 90 -10.49 15.94 21.80
N VAL A 91 -9.35 15.85 22.47
CA VAL A 91 -8.31 14.91 22.07
C VAL A 91 -8.14 13.92 23.22
N ILE A 92 -8.41 12.66 22.93
CA ILE A 92 -8.32 11.59 23.93
C ILE A 92 -7.35 10.51 23.49
N GLU A 93 -7.08 9.57 24.40
CA GLU A 93 -6.19 8.46 24.11
C GLU A 93 -7.03 7.47 23.31
N ASN A 94 -6.41 6.72 22.41
CA ASN A 94 -7.17 5.71 21.68
C ASN A 94 -7.27 4.51 22.63
N LEU A 95 -8.50 4.09 22.91
CA LEU A 95 -8.77 2.97 23.81
C LEU A 95 -8.04 1.70 23.45
N TYR A 96 -7.98 1.38 22.16
CA TYR A 96 -7.31 0.17 21.69
C TYR A 96 -6.14 0.55 20.80
N PRO A 97 -5.04 1.02 21.41
CA PRO A 97 -3.80 1.45 20.75
C PRO A 97 -3.07 0.41 19.90
N ALA A 98 -2.47 0.89 18.81
CA ALA A 98 -1.70 0.04 17.92
C ALA A 98 -0.33 -0.11 18.59
N LEU A 99 0.14 1.00 19.17
CA LEU A 99 1.39 1.07 19.89
C LEU A 99 1.08 1.73 21.22
N SER A 100 1.46 1.10 22.32
CA SER A 100 1.17 1.64 23.65
C SER A 100 2.14 2.72 24.10
N ARG A 101 1.58 3.75 24.74
CA ARG A 101 2.38 4.85 25.26
C ARG A 101 2.95 4.47 26.63
N ASN A 102 2.68 3.25 27.06
CA ASN A 102 3.17 2.79 28.35
C ASN A 102 4.33 1.81 28.30
N LEU A 103 4.73 1.41 27.10
CA LEU A 103 5.83 0.46 26.93
C LEU A 103 7.17 1.18 26.86
N GLU A 104 7.12 2.49 26.59
CA GLU A 104 8.32 3.33 26.46
C GLU A 104 9.62 2.70 26.94
N THR A 105 10.39 2.20 25.97
CA THR A 105 11.66 1.56 26.24
C THR A 105 12.68 2.58 26.76
N ARG A 116 16.04 -5.60 13.97
CA ARG A 116 15.05 -6.66 13.87
C ARG A 116 13.72 -6.33 14.56
N THR A 117 13.81 -5.80 15.79
CA THR A 117 12.61 -5.43 16.53
C THR A 117 12.80 -4.14 17.32
N ILE A 118 11.68 -3.46 17.60
CA ILE A 118 11.68 -2.22 18.36
C ILE A 118 10.47 -2.21 19.27
N VAL A 119 10.70 -1.89 20.54
CA VAL A 119 9.63 -1.82 21.53
C VAL A 119 8.53 -0.90 20.98
N GLY A 120 7.30 -1.40 21.00
CA GLY A 120 6.16 -0.64 20.48
C GLY A 120 5.74 0.64 21.16
N PHE A 121 6.68 1.45 21.64
CA PHE A 121 6.31 2.70 22.29
C PHE A 121 5.78 3.67 21.24
N GLY A 122 4.84 4.52 21.63
CA GLY A 122 4.28 5.48 20.70
C GLY A 122 3.02 6.13 21.23
N PHE A 123 2.50 7.12 20.50
CA PHE A 123 1.28 7.78 20.94
C PHE A 123 0.17 7.51 19.92
N HIS A 124 -0.90 6.91 20.41
CA HIS A 124 -2.06 6.60 19.57
C HIS A 124 -3.25 7.36 20.16
N ASP A 125 -3.41 8.61 19.73
CA ASP A 125 -4.49 9.44 20.23
C ASP A 125 -5.61 9.66 19.21
N VAL A 126 -6.80 9.98 19.75
CA VAL A 126 -8.02 10.20 18.96
C VAL A 126 -8.62 11.59 19.18
N VAL A 127 -8.59 12.40 18.14
CA VAL A 127 -9.15 13.74 18.21
C VAL A 127 -10.60 13.70 17.74
N ILE A 128 -11.51 14.09 18.63
CA ILE A 128 -12.93 14.10 18.29
C ILE A 128 -13.23 15.47 17.67
N GLU A 129 -13.58 15.42 16.39
CA GLU A 129 -13.84 16.61 15.59
C GLU A 129 -15.13 17.35 15.82
N SER A 130 -16.01 16.80 16.65
CA SER A 130 -17.28 17.45 16.89
C SER A 130 -18.04 16.91 18.08
N PRO A 131 -18.93 17.76 18.65
CA PRO A 131 -19.76 17.41 19.80
C PRO A 131 -20.97 16.65 19.26
N VAL A 132 -21.48 17.15 18.13
CA VAL A 132 -22.64 16.59 17.44
C VAL A 132 -22.28 15.37 16.60
N HIS A 133 -22.95 14.26 16.87
CA HIS A 133 -22.70 13.01 16.15
C HIS A 133 -23.02 13.05 14.66
N SER A 134 -24.17 13.61 14.30
CA SER A 134 -24.57 13.66 12.91
C SER A 134 -23.68 14.51 12.02
N ILE A 135 -23.01 15.49 12.62
CA ILE A 135 -22.15 16.38 11.84
C ILE A 135 -20.89 15.70 11.28
N GLN A 136 -20.62 15.98 10.01
CA GLN A 136 -19.47 15.44 9.31
C GLN A 136 -18.40 16.53 9.21
N LEU A 137 -17.14 16.15 9.41
CA LEU A 137 -16.05 17.12 9.35
C LEU A 137 -16.19 18.14 8.22
N SER A 138 -16.69 17.69 7.07
CA SER A 138 -16.87 18.55 5.91
C SER A 138 -17.88 19.68 6.16
N ASP A 139 -18.78 19.45 7.10
CA ASP A 139 -19.80 20.44 7.43
C ASP A 139 -19.25 21.57 8.29
N ILE A 140 -18.51 21.23 9.34
CA ILE A 140 -17.95 22.22 10.24
C ILE A 140 -17.40 23.40 9.46
N ASP A 141 -17.51 24.60 10.02
CA ASP A 141 -17.02 25.78 9.34
C ASP A 141 -15.50 25.95 9.40
N PRO A 142 -14.93 26.67 8.42
CA PRO A 142 -13.49 26.92 8.34
C PRO A 142 -12.83 27.23 9.67
N VAL A 143 -13.51 28.02 10.50
CA VAL A 143 -12.98 28.40 11.80
C VAL A 143 -12.95 27.19 12.74
N GLY A 144 -14.07 26.48 12.80
CA GLY A 144 -14.19 25.30 13.65
C GLY A 144 -13.26 24.19 13.19
N ILE A 145 -13.07 24.09 11.88
CA ILE A 145 -12.18 23.09 11.33
C ILE A 145 -10.75 23.58 11.54
N GLY A 146 -10.57 24.89 11.38
CA GLY A 146 -9.26 25.49 11.58
C GLY A 146 -8.80 25.27 13.01
N ASP A 147 -9.77 25.13 13.91
CA ASP A 147 -9.47 24.89 15.31
C ASP A 147 -9.02 23.44 15.50
N ILE A 148 -9.72 22.52 14.84
CA ILE A 148 -9.38 21.11 14.96
C ILE A 148 -7.94 20.98 14.48
N LEU A 149 -7.61 21.78 13.48
CA LEU A 149 -6.27 21.81 12.92
C LEU A 149 -5.26 22.40 13.91
N ILE A 150 -5.75 23.14 14.90
CA ILE A 150 -4.88 23.73 15.92
C ILE A 150 -4.61 22.66 16.97
N ALA A 151 -5.59 21.81 17.22
CA ALA A 151 -5.42 20.74 18.19
C ALA A 151 -4.27 19.84 17.73
N TYR A 152 -4.23 19.52 16.44
CA TYR A 152 -3.17 18.70 15.89
C TYR A 152 -1.87 19.44 16.17
N LYS A 153 -1.85 20.70 15.73
CA LYS A 153 -0.70 21.58 15.89
C LYS A 153 -0.22 21.54 17.34
N LYS A 154 -1.18 21.57 18.26
CA LYS A 154 -0.88 21.57 19.68
C LYS A 154 -0.34 20.22 20.12
N ARG A 155 -1.07 19.16 19.80
CA ARG A 155 -0.64 17.82 20.19
C ARG A 155 0.73 17.46 19.60
N ILE A 156 1.00 17.92 18.37
CA ILE A 156 2.29 17.65 17.76
C ILE A 156 3.41 18.13 18.67
N ASN A 157 3.27 19.33 19.23
CA ASN A 157 4.30 19.87 20.11
C ASN A 157 4.37 19.17 21.47
N GLN A 158 3.22 18.73 21.97
CA GLN A 158 3.16 18.02 23.25
C GLN A 158 3.82 16.66 23.11
N ILE A 159 3.84 16.13 21.89
CA ILE A 159 4.45 14.83 21.62
C ILE A 159 5.92 14.98 21.22
N ALA A 160 6.20 16.00 20.41
CA ALA A 160 7.56 16.25 19.95
C ALA A 160 8.55 16.25 21.10
N GLN A 161 8.05 16.55 22.29
CA GLN A 161 8.86 16.60 23.49
C GLN A 161 9.65 15.30 23.64
N HIS A 162 9.02 14.18 23.30
CA HIS A 162 9.66 12.88 23.38
C HIS A 162 10.72 12.72 22.29
N ASP A 163 11.94 12.41 22.71
CA ASP A 163 13.05 12.24 21.78
C ASP A 163 13.08 10.84 21.15
N SER A 164 12.29 9.95 21.72
CA SER A 164 12.19 8.57 21.26
C SER A 164 11.29 8.45 20.02
N ILE A 165 10.59 9.53 19.71
CA ILE A 165 9.70 9.58 18.56
C ILE A 165 10.36 10.38 17.43
N ASN A 166 10.12 9.97 16.19
CA ASN A 166 10.70 10.67 15.05
C ASN A 166 9.71 11.05 13.97
N TYR A 167 8.50 10.54 14.05
CA TYR A 167 7.47 10.89 13.07
C TYR A 167 6.08 10.74 13.65
N ILE A 168 5.17 11.59 13.18
CA ILE A 168 3.81 11.53 13.67
C ILE A 168 2.88 11.62 12.49
N GLN A 169 1.96 10.67 12.38
CA GLN A 169 1.02 10.67 11.27
C GLN A 169 -0.38 11.18 11.63
N VAL A 170 -0.72 12.36 11.12
CA VAL A 170 -2.06 12.88 11.36
C VAL A 170 -2.92 12.26 10.25
N PHE A 171 -3.94 11.51 10.63
CA PHE A 171 -4.83 10.89 9.65
C PHE A 171 -6.28 10.88 10.07
N LYS A 172 -7.17 10.79 9.09
CA LYS A 172 -8.62 10.78 9.30
C LYS A 172 -9.30 9.95 8.21
N ASN A 173 -10.08 8.95 8.63
CA ASN A 173 -10.82 8.09 7.71
C ASN A 173 -12.32 8.27 7.95
N GLN A 174 -13.05 8.66 6.90
CA GLN A 174 -14.50 8.81 7.00
C GLN A 174 -15.12 7.60 6.30
N GLY A 175 -15.81 6.76 7.08
CA GLY A 175 -16.44 5.58 6.51
C GLY A 175 -15.64 4.33 6.86
N ALA A 176 -16.32 3.37 7.50
CA ALA A 176 -15.68 2.11 7.89
C ALA A 176 -14.98 1.49 6.71
N SER A 177 -15.56 1.68 5.53
CA SER A 177 -15.02 1.15 4.29
C SER A 177 -13.59 1.65 4.05
N ALA A 178 -13.30 2.85 4.53
CA ALA A 178 -11.97 3.44 4.36
C ALA A 178 -11.17 3.31 5.66
N GLY A 179 -11.53 2.31 6.47
CA GLY A 179 -10.83 2.06 7.71
C GLY A 179 -11.37 2.73 8.96
N ALA A 180 -12.45 3.50 8.84
CA ALA A 180 -13.02 4.18 10.01
C ALA A 180 -13.62 3.19 11.00
N SER A 181 -13.52 3.55 12.27
CA SER A 181 -14.05 2.71 13.34
C SER A 181 -15.48 3.10 13.73
N MET A 182 -15.68 4.35 14.12
CA MET A 182 -16.99 4.84 14.50
C MET A 182 -17.61 5.80 13.49
N SER A 183 -18.92 5.99 13.61
CA SER A 183 -19.66 6.88 12.71
C SER A 183 -19.39 8.36 13.00
N HIS A 184 -19.14 8.66 14.27
CA HIS A 184 -18.88 10.04 14.71
C HIS A 184 -17.67 10.63 13.98
N SER A 185 -17.71 11.94 13.72
CA SER A 185 -16.60 12.60 13.03
C SER A 185 -15.34 12.59 13.90
N HIS A 186 -14.32 11.88 13.45
CA HIS A 186 -13.07 11.79 14.19
C HIS A 186 -11.87 11.58 13.29
N SER A 187 -10.70 11.96 13.81
CA SER A 187 -9.44 11.80 13.10
C SER A 187 -8.47 11.25 14.13
N GLN A 188 -7.27 10.89 13.70
CA GLN A 188 -6.30 10.35 14.64
C GLN A 188 -4.86 10.81 14.40
N MET A 189 -4.01 10.51 15.38
CA MET A 189 -2.61 10.86 15.32
C MET A 189 -1.81 9.68 15.86
N MET A 190 -0.89 9.18 15.04
CA MET A 190 -0.02 8.06 15.42
C MET A 190 1.42 8.55 15.46
N ALA A 191 2.02 8.49 16.64
CA ALA A 191 3.41 8.91 16.80
C ALA A 191 4.28 7.65 16.78
N LEU A 192 5.07 7.48 15.73
CA LEU A 192 5.90 6.30 15.60
C LEU A 192 7.30 6.50 16.17
N PRO A 193 7.93 5.42 16.66
CA PRO A 193 9.28 5.50 17.22
C PRO A 193 10.27 5.85 16.11
N VAL A 194 10.02 5.32 14.90
CA VAL A 194 10.90 5.54 13.76
C VAL A 194 10.18 6.10 12.53
N VAL A 195 10.97 6.41 11.51
CA VAL A 195 10.43 6.94 10.26
C VAL A 195 9.74 5.85 9.43
N PRO A 196 8.62 6.18 8.76
CA PRO A 196 7.84 5.27 7.93
C PRO A 196 8.36 5.25 6.48
N PRO A 197 8.15 4.15 5.75
CA PRO A 197 8.61 4.03 4.36
C PRO A 197 8.27 5.21 3.45
N THR A 198 7.07 5.76 3.59
CA THR A 198 6.68 6.88 2.75
C THR A 198 7.61 8.07 2.98
N VAL A 199 7.63 8.57 4.22
CA VAL A 199 8.46 9.70 4.60
C VAL A 199 9.89 9.54 4.08
N SER A 200 10.48 8.38 4.33
CA SER A 200 11.83 8.13 3.86
C SER A 200 11.90 8.35 2.35
N SER A 201 11.02 7.69 1.60
CA SER A 201 11.02 7.84 0.14
C SER A 201 11.06 9.29 -0.30
N ARG A 202 10.18 10.08 0.32
CA ARG A 202 10.06 11.49 0.01
C ARG A 202 11.38 12.21 0.18
N LEU A 203 12.11 11.87 1.24
CA LEU A 203 13.39 12.52 1.47
C LEU A 203 14.30 12.21 0.30
N ASP A 204 14.16 11.01 -0.25
CA ASP A 204 14.95 10.57 -1.40
C ASP A 204 14.66 11.42 -2.64
N GLY A 205 13.43 11.35 -3.13
CA GLY A 205 13.04 12.09 -4.33
C GLY A 205 13.24 13.58 -4.23
N THR A 206 12.74 14.16 -3.14
CA THR A 206 12.85 15.57 -2.90
C THR A 206 14.32 15.99 -2.84
N LYS A 207 15.19 15.04 -2.53
CA LYS A 207 16.61 15.33 -2.49
C LYS A 207 17.16 15.11 -3.89
N ASP A 208 17.00 13.88 -4.39
CA ASP A 208 17.48 13.55 -5.73
C ASP A 208 16.97 14.58 -6.72
N TYR A 209 15.89 15.26 -6.39
CA TYR A 209 15.35 16.29 -7.29
C TYR A 209 16.04 17.63 -7.04
N PHE A 210 16.20 17.99 -5.78
CA PHE A 210 16.84 19.25 -5.41
C PHE A 210 18.30 19.31 -5.86
N GLU A 211 18.95 18.15 -5.94
CA GLU A 211 20.34 18.08 -6.37
C GLU A 211 20.49 18.36 -7.86
N GLU A 212 19.59 17.81 -8.65
CA GLU A 212 19.62 17.99 -10.10
C GLU A 212 19.09 19.33 -10.55
N THR A 213 18.01 19.80 -9.92
CA THR A 213 17.42 21.07 -10.33
C THR A 213 17.69 22.23 -9.40
N GLY A 214 18.26 21.95 -8.24
CA GLY A 214 18.55 23.00 -7.28
C GLY A 214 17.29 23.76 -6.91
N LYS A 215 16.14 23.14 -7.15
CA LYS A 215 14.87 23.78 -6.84
C LYS A 215 13.95 22.86 -6.01
N CYS A 216 13.04 23.48 -5.25
CA CYS A 216 12.13 22.69 -4.42
C CYS A 216 10.98 22.10 -5.19
N CYS A 217 10.68 20.85 -4.87
CA CYS A 217 9.59 20.11 -5.48
C CYS A 217 8.25 20.83 -5.42
N LEU A 218 7.60 20.78 -4.25
CA LEU A 218 6.29 21.43 -4.08
C LEU A 218 6.29 22.93 -4.30
N CYS A 219 7.48 23.52 -4.44
CA CYS A 219 7.58 24.96 -4.66
C CYS A 219 7.01 25.36 -6.00
N GLU A 220 7.01 24.42 -6.94
CA GLU A 220 6.51 24.68 -8.28
C GLU A 220 5.15 23.98 -8.46
N ALA A 221 4.33 24.03 -7.41
CA ALA A 221 3.03 23.39 -7.42
C ALA A 221 2.11 23.81 -8.56
N LYS A 222 2.31 25.01 -9.09
CA LYS A 222 1.48 25.51 -10.18
C LYS A 222 2.05 25.23 -11.55
N SER A 223 3.34 24.93 -11.62
CA SER A 223 3.97 24.63 -12.90
C SER A 223 4.21 23.13 -13.09
N LYS A 224 4.45 22.42 -11.99
CA LYS A 224 4.72 20.99 -12.00
C LYS A 224 3.48 20.09 -12.00
N HIS A 225 2.38 20.59 -11.44
CA HIS A 225 1.15 19.80 -11.35
C HIS A 225 0.01 20.49 -12.09
N PHE A 226 -1.23 20.27 -11.63
CA PHE A 226 -2.39 20.87 -12.27
C PHE A 226 -3.32 21.56 -11.29
N VAL A 227 -3.25 22.90 -11.26
CA VAL A 227 -4.06 23.72 -10.37
C VAL A 227 -5.57 23.57 -10.54
N ILE A 228 -6.25 23.39 -9.40
CA ILE A 228 -7.70 23.25 -9.37
C ILE A 228 -8.30 24.47 -8.69
N ASP A 229 -7.88 24.71 -7.45
CA ASP A 229 -8.38 25.86 -6.70
C ASP A 229 -7.26 26.42 -5.82
N GLU A 230 -7.50 27.58 -5.20
CA GLU A 230 -6.48 28.20 -4.37
C GLU A 230 -7.05 29.17 -3.34
N SER A 231 -6.45 29.19 -2.16
CA SER A 231 -6.87 30.09 -1.08
C SER A 231 -5.79 31.15 -0.87
N SER A 232 -5.88 31.87 0.24
CA SER A 232 -4.91 32.91 0.53
C SER A 232 -3.50 32.38 0.77
N HIS A 233 -3.40 31.15 1.25
CA HIS A 233 -2.09 30.56 1.52
C HIS A 233 -1.89 29.14 0.96
N PHE A 234 -2.92 28.58 0.33
CA PHE A 234 -2.86 27.24 -0.21
C PHE A 234 -3.31 27.11 -1.67
N VAL A 235 -2.77 26.12 -2.36
CA VAL A 235 -3.12 25.86 -3.74
C VAL A 235 -3.50 24.39 -3.86
N SER A 236 -4.59 24.10 -4.54
CA SER A 236 -5.04 22.72 -4.71
C SER A 236 -4.81 22.29 -6.14
N VAL A 237 -4.11 21.17 -6.30
CA VAL A 237 -3.83 20.66 -7.64
C VAL A 237 -4.15 19.18 -7.72
N ALA A 238 -3.78 18.63 -8.88
CA ALA A 238 -3.92 17.23 -9.18
C ALA A 238 -2.43 16.93 -9.47
N PRO A 239 -1.82 16.05 -8.68
CA PRO A 239 -0.40 15.70 -8.86
C PRO A 239 -0.08 15.08 -10.21
N PHE A 240 0.96 15.58 -10.85
CA PHE A 240 1.39 15.10 -12.15
C PHE A 240 1.37 13.59 -12.20
N ALA A 241 2.05 12.96 -11.24
CA ALA A 241 2.12 11.50 -11.16
C ALA A 241 1.31 10.98 -9.98
N ALA A 242 0.13 11.58 -9.77
CA ALA A 242 -0.74 11.17 -8.67
C ALA A 242 -0.95 9.67 -8.60
N THR A 243 -0.87 9.16 -7.39
CA THR A 243 -1.05 7.74 -7.11
C THR A 243 -2.46 7.26 -7.44
N TYR A 244 -3.45 7.81 -6.74
CA TYR A 244 -4.85 7.40 -6.90
C TYR A 244 -5.64 8.31 -7.83
N PRO A 245 -6.66 7.75 -8.50
CA PRO A 245 -7.48 8.55 -9.42
C PRO A 245 -8.22 9.61 -8.60
N PHE A 246 -8.11 10.87 -9.01
CA PHE A 246 -8.73 11.98 -8.32
C PHE A 246 -8.14 12.20 -6.93
N GLU A 247 -6.82 12.25 -6.84
CA GLU A 247 -6.15 12.50 -5.56
C GLU A 247 -5.77 13.98 -5.53
N ILE A 248 -6.36 14.71 -4.58
CA ILE A 248 -6.09 16.13 -4.43
C ILE A 248 -5.00 16.34 -3.39
N TRP A 249 -4.21 17.39 -3.59
CA TRP A 249 -3.15 17.74 -2.66
C TRP A 249 -3.46 19.11 -2.06
N ILE A 250 -3.15 19.27 -0.78
CA ILE A 250 -3.32 20.53 -0.11
C ILE A 250 -1.90 20.93 0.24
N ILE A 251 -1.36 21.83 -0.56
CA ILE A 251 0.01 22.31 -0.45
C ILE A 251 0.11 23.70 0.15
N PRO A 252 0.80 23.86 1.29
CA PRO A 252 0.92 25.20 1.87
C PRO A 252 1.75 26.03 0.90
N LYS A 253 1.54 27.35 0.86
CA LYS A 253 2.31 28.16 -0.08
C LYS A 253 3.65 28.64 0.49
N ASP A 254 3.93 28.28 1.73
CA ASP A 254 5.18 28.67 2.37
C ASP A 254 6.09 27.43 2.50
N HIS A 255 7.32 27.52 2.00
CA HIS A 255 8.23 26.40 2.10
C HIS A 255 8.60 26.12 3.54
N SER A 256 7.76 25.33 4.20
CA SER A 256 7.99 24.94 5.58
C SER A 256 8.12 23.43 5.62
N SER A 257 9.08 22.95 6.40
CA SER A 257 9.31 21.51 6.50
C SER A 257 8.22 20.80 7.30
N HIS A 258 7.61 21.49 8.25
CA HIS A 258 6.58 20.86 9.06
C HIS A 258 5.25 21.57 9.08
N PHE A 259 4.21 20.76 9.30
CA PHE A 259 2.83 21.22 9.37
C PHE A 259 2.51 22.03 10.62
N HIS A 260 3.06 21.62 11.77
CA HIS A 260 2.76 22.36 13.00
C HIS A 260 3.25 23.79 13.03
N HIS A 261 4.17 24.11 12.13
CA HIS A 261 4.70 25.47 12.02
C HIS A 261 3.55 26.41 11.67
N LEU A 262 2.64 25.91 10.86
CA LEU A 262 1.47 26.68 10.44
C LEU A 262 0.87 27.45 11.59
N ASP A 263 0.92 28.77 11.50
CA ASP A 263 0.37 29.64 12.53
C ASP A 263 -1.14 29.41 12.62
N ASP A 264 -1.81 30.06 13.55
CA ASP A 264 -3.25 29.89 13.72
C ASP A 264 -4.03 30.77 12.75
N VAL A 265 -3.36 31.76 12.18
CA VAL A 265 -4.01 32.66 11.24
C VAL A 265 -4.13 31.97 9.88
N LYS A 266 -3.23 31.03 9.62
CA LYS A 266 -3.25 30.27 8.39
C LYS A 266 -4.10 29.01 8.52
N ALA A 267 -4.38 28.60 9.76
CA ALA A 267 -5.19 27.40 10.00
C ALA A 267 -6.64 27.60 9.55
N VAL A 268 -7.14 28.82 9.70
CA VAL A 268 -8.50 29.12 9.28
C VAL A 268 -8.55 29.06 7.76
N ASP A 269 -7.50 29.58 7.12
CA ASP A 269 -7.41 29.58 5.67
C ASP A 269 -7.42 28.14 5.18
N LEU A 270 -6.78 27.26 5.95
CA LEU A 270 -6.71 25.84 5.57
C LEU A 270 -8.02 25.14 5.89
N GLY A 271 -8.66 25.53 6.97
CA GLY A 271 -9.92 24.92 7.35
C GLY A 271 -11.01 25.19 6.33
N GLY A 272 -10.79 26.22 5.51
CA GLY A 272 -11.76 26.58 4.49
C GLY A 272 -11.51 25.91 3.16
N LEU A 273 -10.25 25.77 2.80
CA LEU A 273 -9.92 25.13 1.53
C LEU A 273 -10.11 23.61 1.62
N LEU A 274 -9.77 23.04 2.77
CA LEU A 274 -9.93 21.59 2.97
C LEU A 274 -11.41 21.23 2.99
N LYS A 275 -12.13 21.79 3.95
CA LYS A 275 -13.57 21.56 4.08
C LYS A 275 -14.25 21.62 2.72
N LEU A 276 -13.87 22.60 1.92
CA LEU A 276 -14.46 22.77 0.59
C LEU A 276 -14.19 21.51 -0.23
N MET A 277 -12.91 21.20 -0.41
CA MET A 277 -12.47 20.03 -1.16
C MET A 277 -13.25 18.76 -0.82
N LEU A 278 -13.75 18.67 0.41
CA LEU A 278 -14.53 17.50 0.83
C LEU A 278 -15.98 17.63 0.33
N GLN A 279 -16.57 18.80 0.55
CA GLN A 279 -17.95 19.05 0.13
C GLN A 279 -18.08 18.84 -1.37
N LYS A 280 -16.98 19.06 -2.09
CA LYS A 280 -16.94 18.86 -3.53
C LYS A 280 -16.75 17.39 -3.84
N ILE A 281 -15.81 16.76 -3.13
CA ILE A 281 -15.53 15.34 -3.33
C ILE A 281 -16.87 14.63 -3.29
N ALA A 282 -17.55 14.78 -2.17
CA ALA A 282 -18.86 14.14 -2.01
C ALA A 282 -19.84 14.59 -3.10
N LYS A 283 -19.66 15.80 -3.63
CA LYS A 283 -20.57 16.33 -4.65
C LYS A 283 -20.33 15.79 -6.05
N GLN A 284 -19.08 15.60 -6.43
CA GLN A 284 -18.76 15.10 -7.75
C GLN A 284 -18.70 13.57 -7.83
N LEU A 285 -18.43 12.93 -6.69
CA LEU A 285 -18.29 11.48 -6.64
C LEU A 285 -19.45 10.75 -5.96
N ASN A 286 -20.21 11.50 -5.16
CA ASN A 286 -21.35 11.00 -4.42
C ASN A 286 -21.01 10.37 -3.07
N ASP A 287 -20.69 11.24 -2.11
CA ASP A 287 -20.35 10.84 -0.74
C ASP A 287 -19.52 9.57 -0.68
N PRO A 288 -18.36 9.55 -1.37
CA PRO A 288 -17.54 8.35 -1.34
C PRO A 288 -16.71 8.37 -0.07
N PRO A 289 -16.25 7.20 0.39
CA PRO A 289 -15.43 7.14 1.61
C PRO A 289 -14.08 7.81 1.28
N TYR A 290 -13.34 8.22 2.30
CA TYR A 290 -12.05 8.83 2.05
C TYR A 290 -11.17 8.89 3.30
N ASN A 291 -9.93 9.31 3.07
CA ASN A 291 -8.97 9.48 4.14
C ASN A 291 -8.18 10.72 3.70
N TYR A 292 -7.52 11.36 4.65
CA TYR A 292 -6.65 12.48 4.35
C TYR A 292 -5.48 12.33 5.30
N MET A 293 -4.28 12.56 4.79
CA MET A 293 -3.08 12.42 5.60
C MET A 293 -2.13 13.59 5.47
N ILE A 294 -1.68 14.07 6.61
CA ILE A 294 -0.75 15.18 6.63
C ILE A 294 0.66 14.63 6.46
N HIS A 295 1.31 15.06 5.39
CA HIS A 295 2.67 14.64 5.11
C HIS A 295 3.60 15.75 5.59
N THR A 296 4.27 15.50 6.71
CA THR A 296 5.18 16.47 7.30
C THR A 296 6.58 15.84 7.40
N SER A 297 7.53 16.60 7.94
CA SER A 297 8.89 16.09 8.08
C SER A 297 9.13 15.36 9.40
N PRO A 298 10.21 14.55 9.46
CA PRO A 298 10.40 13.89 10.74
C PRO A 298 10.72 14.95 11.79
N LEU A 299 10.48 14.62 13.06
CA LEU A 299 10.74 15.57 14.13
C LEU A 299 12.21 15.98 14.16
N LYS A 300 13.10 15.06 13.78
CA LYS A 300 14.52 15.34 13.78
C LYS A 300 15.06 15.65 12.39
N VAL A 301 14.25 16.31 11.56
CA VAL A 301 14.68 16.65 10.22
C VAL A 301 15.92 17.54 10.30
N THR A 302 16.86 17.34 9.36
CA THR A 302 18.10 18.11 9.34
C THR A 302 18.11 19.39 8.50
N GLU A 303 19.04 20.28 8.83
CA GLU A 303 19.20 21.54 8.13
C GLU A 303 19.59 21.21 6.69
N SER A 304 20.37 20.16 6.54
CA SER A 304 20.79 19.71 5.22
C SER A 304 19.60 19.31 4.37
N GLN A 305 18.56 18.74 5.00
CA GLN A 305 17.37 18.30 4.29
C GLN A 305 16.34 19.40 4.03
N LEU A 306 16.32 20.41 4.88
CA LEU A 306 15.39 21.52 4.76
C LEU A 306 15.14 22.04 3.35
N PRO A 307 16.19 22.13 2.52
CA PRO A 307 16.08 22.62 1.14
C PRO A 307 14.95 22.02 0.31
N TYR A 308 14.51 20.81 0.64
CA TYR A 308 13.46 20.16 -0.11
C TYR A 308 12.34 19.55 0.73
N THR A 309 12.06 20.13 1.88
CA THR A 309 11.00 19.62 2.74
C THR A 309 9.83 20.60 2.71
N HIS A 310 8.68 20.10 2.25
CA HIS A 310 7.45 20.91 2.08
C HIS A 310 6.29 20.01 2.52
N TRP A 311 5.65 20.33 3.65
CA TRP A 311 4.55 19.49 4.12
C TRP A 311 3.26 19.71 3.35
N PHE A 312 2.34 18.74 3.46
CA PHE A 312 1.04 18.84 2.79
C PHE A 312 0.02 17.84 3.31
N LEU A 313 -1.22 18.04 2.91
CA LEU A 313 -2.30 17.18 3.34
C LEU A 313 -2.86 16.40 2.15
N GLN A 314 -2.74 15.07 2.21
CA GLN A 314 -3.21 14.19 1.14
C GLN A 314 -4.60 13.63 1.43
N ILE A 315 -5.52 13.80 0.49
CA ILE A 315 -6.90 13.30 0.61
C ILE A 315 -7.12 12.19 -0.42
N VAL A 316 -7.60 11.04 0.01
CA VAL A 316 -7.84 9.94 -0.92
C VAL A 316 -9.28 9.44 -0.92
N PRO A 317 -10.04 9.79 -1.96
CA PRO A 317 -11.42 9.35 -2.05
C PRO A 317 -11.37 7.92 -2.58
N GLN A 318 -11.96 7.01 -1.83
CA GLN A 318 -11.97 5.60 -2.21
C GLN A 318 -12.92 5.33 -3.37
N LEU A 319 -12.33 5.03 -4.53
CA LEU A 319 -13.09 4.77 -5.74
C LEU A 319 -12.84 3.35 -6.24
N SER A 320 -11.63 2.84 -6.00
CA SER A 320 -11.28 1.51 -6.45
C SER A 320 -10.36 0.82 -5.46
N GLY A 321 -9.92 -0.39 -5.83
CA GLY A 321 -9.04 -1.17 -4.97
C GLY A 321 -7.82 -1.74 -5.71
N VAL A 322 -7.10 -2.62 -5.04
CA VAL A 322 -5.89 -3.24 -5.60
C VAL A 322 -5.94 -4.76 -5.57
N GLY A 323 -4.84 -5.39 -5.97
CA GLY A 323 -4.77 -6.85 -5.98
C GLY A 323 -3.36 -7.39 -5.87
N GLY A 324 -3.01 -8.28 -6.81
CA GLY A 324 -1.69 -8.89 -6.79
C GLY A 324 -0.61 -8.00 -7.35
N PHE A 325 -0.96 -7.24 -8.38
CA PHE A 325 0.01 -6.33 -8.99
C PHE A 325 0.53 -5.32 -7.98
N GLU A 326 -0.36 -4.46 -7.51
CA GLU A 326 0.03 -3.43 -6.56
C GLU A 326 0.84 -3.97 -5.38
N ILE A 327 0.29 -4.94 -4.68
CA ILE A 327 0.98 -5.51 -3.51
C ILE A 327 2.38 -5.98 -3.87
N GLY A 328 2.49 -6.82 -4.89
CA GLY A 328 3.79 -7.32 -5.29
C GLY A 328 4.82 -6.30 -5.76
N THR A 329 4.40 -5.23 -6.43
CA THR A 329 5.39 -4.28 -6.91
C THR A 329 5.43 -2.91 -6.24
N GLY A 330 4.32 -2.49 -5.65
CA GLY A 330 4.32 -1.18 -5.03
C GLY A 330 4.01 -0.15 -6.09
N CYS A 331 3.67 -0.62 -7.28
CA CYS A 331 3.33 0.27 -8.38
C CYS A 331 1.81 0.32 -8.43
N TYR A 332 1.26 1.49 -8.75
CA TYR A 332 -0.18 1.66 -8.81
C TYR A 332 -0.70 1.86 -10.22
N ILE A 333 -2.00 1.68 -10.39
CA ILE A 333 -2.64 1.86 -11.68
C ILE A 333 -3.62 3.02 -11.57
N ASN A 334 -3.26 4.14 -12.18
CA ASN A 334 -4.10 5.31 -12.16
C ASN A 334 -4.87 5.38 -13.47
N PRO A 335 -6.21 5.31 -13.40
CA PRO A 335 -7.10 5.35 -14.56
C PRO A 335 -7.36 6.73 -15.13
N VAL A 336 -7.17 7.78 -14.33
CA VAL A 336 -7.43 9.15 -14.79
C VAL A 336 -6.26 10.12 -14.68
N PHE A 337 -5.91 10.77 -15.78
CA PHE A 337 -4.82 11.74 -15.73
C PHE A 337 -5.23 12.91 -14.84
N PRO A 338 -4.25 13.59 -14.22
CA PRO A 338 -4.58 14.72 -13.35
C PRO A 338 -5.19 15.89 -14.12
N GLU A 339 -4.89 15.98 -15.40
CA GLU A 339 -5.46 17.06 -16.23
C GLU A 339 -6.98 16.90 -16.29
N ASP A 340 -7.45 15.66 -16.31
CA ASP A 340 -8.88 15.41 -16.35
C ASP A 340 -9.49 15.68 -14.98
N VAL A 341 -8.81 15.24 -13.93
CA VAL A 341 -9.36 15.50 -12.60
C VAL A 341 -9.40 17.00 -12.34
N ALA A 342 -8.33 17.70 -12.70
CA ALA A 342 -8.23 19.14 -12.50
C ALA A 342 -9.33 19.91 -13.21
N LYS A 343 -9.52 19.63 -14.50
CA LYS A 343 -10.54 20.31 -15.29
C LYS A 343 -11.94 20.04 -14.74
N VAL A 344 -12.17 18.81 -14.32
CA VAL A 344 -13.47 18.42 -13.78
C VAL A 344 -13.76 19.07 -12.43
N MET A 345 -12.87 18.85 -11.47
CA MET A 345 -13.05 19.42 -10.14
C MET A 345 -13.23 20.93 -10.19
N ARG A 346 -12.62 21.57 -11.18
CA ARG A 346 -12.73 23.02 -11.32
C ARG A 346 -14.14 23.42 -11.73
N GLU A 347 -14.81 22.55 -12.48
CA GLU A 347 -16.16 22.81 -12.97
C GLU A 347 -17.27 22.24 -12.09
N VAL A 348 -16.96 21.94 -10.83
CA VAL A 348 -17.98 21.40 -9.94
C VAL A 348 -18.77 22.58 -9.35
N SER A 349 -19.99 22.30 -8.90
CA SER A 349 -20.83 23.35 -8.34
C SER A 349 -21.47 22.99 -6.99
N LEU A 350 -21.73 24.00 -6.18
CA LEU A 350 -22.34 23.80 -4.87
C LEU A 350 -23.56 24.73 -4.69
N THR A 351 -23.97 25.36 -5.79
CA THR A 351 -25.10 26.29 -5.83
C THR A 351 -25.97 26.27 -4.57
N GLN B 21 -0.59 -10.13 21.98
CA GLN B 21 0.23 -9.61 23.12
C GLN B 21 0.55 -8.12 22.94
N SER B 22 1.63 -7.66 23.59
CA SER B 22 2.05 -6.28 23.53
C SER B 22 2.60 -5.94 22.15
N PRO B 23 2.18 -4.81 21.58
CA PRO B 23 2.60 -4.33 20.25
C PRO B 23 4.12 -4.32 20.08
N GLU B 24 4.56 -4.50 18.85
CA GLU B 24 5.98 -4.49 18.52
C GLU B 24 6.20 -3.93 17.12
N LEU B 25 7.44 -3.49 16.87
CA LEU B 25 7.87 -2.96 15.57
C LEU B 25 8.90 -3.96 15.03
N ARG B 26 8.51 -4.82 14.09
CA ARG B 26 9.46 -5.77 13.53
C ARG B 26 9.90 -5.33 12.15
N LYS B 27 11.04 -5.86 11.70
CA LYS B 27 11.58 -5.50 10.39
C LYS B 27 12.19 -6.73 9.69
N ASP B 28 12.69 -6.50 8.48
CA ASP B 28 13.31 -7.56 7.68
C ASP B 28 13.77 -6.97 6.36
N PRO B 29 14.99 -7.32 5.91
CA PRO B 29 15.54 -6.81 4.65
C PRO B 29 14.63 -6.99 3.44
N VAL B 30 13.96 -8.14 3.36
CA VAL B 30 13.06 -8.42 2.23
C VAL B 30 12.15 -7.25 1.88
N THR B 31 11.29 -6.82 2.79
CA THR B 31 10.42 -5.69 2.50
C THR B 31 11.12 -4.44 2.96
N ASN B 32 12.15 -4.64 3.78
CA ASN B 32 12.96 -3.56 4.33
C ASN B 32 12.12 -2.38 4.83
N ARG B 33 11.04 -2.67 5.55
CA ARG B 33 10.17 -1.62 6.08
C ARG B 33 9.67 -2.00 7.46
N TRP B 34 9.42 -1.00 8.30
CA TRP B 34 8.94 -1.28 9.64
C TRP B 34 7.45 -1.57 9.69
N VAL B 35 7.12 -2.77 10.15
CA VAL B 35 5.74 -3.17 10.33
C VAL B 35 5.42 -3.24 11.83
N ILE B 36 4.19 -2.92 12.19
CA ILE B 36 3.80 -2.95 13.58
C ILE B 36 2.69 -3.96 13.76
N PHE B 37 2.93 -4.93 14.62
CA PHE B 37 1.95 -5.96 14.93
C PHE B 37 1.19 -5.42 16.14
N SER B 38 -0.13 -5.54 16.12
CA SER B 38 -0.97 -5.08 17.22
C SER B 38 -2.25 -5.89 17.24
N PRO B 39 -2.30 -6.91 18.12
CA PRO B 39 -3.49 -7.76 18.22
C PRO B 39 -4.64 -7.18 19.05
N THR B 46 -6.18 -18.24 15.38
CA THR B 46 -7.45 -18.83 14.95
C THR B 46 -8.58 -17.91 15.37
N ASP B 47 -8.25 -16.63 15.54
CA ASP B 47 -9.21 -15.61 15.93
C ASP B 47 -9.81 -14.98 14.68
N PHE B 48 -9.10 -15.11 13.57
CA PHE B 48 -9.50 -14.55 12.29
C PHE B 48 -10.18 -15.52 11.33
N LYS B 49 -10.84 -14.97 10.33
CA LYS B 49 -11.54 -15.75 9.31
C LYS B 49 -11.92 -14.82 8.18
N SER B 50 -12.53 -15.37 7.13
CA SER B 50 -12.95 -14.59 5.97
C SER B 50 -13.86 -13.43 6.39
N SER B 62 -19.00 -21.45 -18.53
CA SER B 62 -19.84 -20.36 -19.02
C SER B 62 -19.07 -19.04 -19.01
N CYS B 63 -18.14 -18.89 -19.95
CA CYS B 63 -17.32 -17.69 -20.05
C CYS B 63 -16.41 -17.68 -21.26
N PRO B 64 -16.16 -16.49 -21.83
CA PRO B 64 -15.30 -16.33 -23.00
C PRO B 64 -13.93 -16.99 -22.87
N PHE B 65 -13.58 -17.38 -21.65
CA PHE B 65 -12.29 -18.01 -21.38
C PHE B 65 -12.34 -19.53 -21.30
N CYS B 66 -13.54 -20.10 -21.35
CA CYS B 66 -13.68 -21.55 -21.30
C CYS B 66 -12.95 -22.18 -22.48
N ILE B 67 -12.96 -23.51 -22.55
CA ILE B 67 -12.28 -24.21 -23.64
C ILE B 67 -12.56 -23.55 -24.98
N GLU B 72 -10.39 -18.51 -29.49
CA GLU B 72 -11.73 -18.02 -29.18
C GLU B 72 -11.68 -16.63 -28.56
N CYS B 73 -10.53 -16.30 -27.98
CA CYS B 73 -10.31 -15.01 -27.34
C CYS B 73 -9.06 -14.34 -27.85
N ALA B 74 -8.64 -13.27 -27.18
CA ALA B 74 -7.46 -12.51 -27.54
C ALA B 74 -6.29 -13.44 -27.92
N PRO B 75 -5.41 -12.98 -28.82
CA PRO B 75 -4.23 -13.70 -29.33
C PRO B 75 -3.51 -14.58 -28.32
N GLU B 76 -3.27 -15.82 -28.72
CA GLU B 76 -2.56 -16.79 -27.87
C GLU B 76 -1.06 -16.58 -27.96
N LEU B 77 -0.35 -17.00 -26.90
CA LEU B 77 1.09 -16.89 -26.88
C LEU B 77 1.62 -18.31 -27.00
N PHE B 78 1.01 -19.21 -26.24
CA PHE B 78 1.37 -20.62 -26.27
C PHE B 78 0.56 -21.37 -25.23
N ARG B 79 0.16 -22.59 -25.57
CA ARG B 79 -0.63 -23.41 -24.66
C ARG B 79 0.20 -24.60 -24.22
N VAL B 80 -0.28 -25.30 -23.21
CA VAL B 80 0.42 -26.47 -22.69
C VAL B 80 -0.57 -27.59 -22.42
N PRO B 81 -0.30 -28.80 -22.95
CA PRO B 81 0.85 -29.16 -23.79
C PRO B 81 1.00 -28.35 -25.07
N ASP B 82 2.26 -28.10 -25.45
CA ASP B 82 2.58 -27.34 -26.65
C ASP B 82 1.62 -27.61 -27.79
N HIS B 83 0.99 -26.55 -28.28
CA HIS B 83 0.01 -26.64 -29.35
C HIS B 83 -0.80 -27.91 -29.26
N ASP B 84 -1.81 -27.90 -28.40
CA ASP B 84 -2.65 -29.06 -28.22
C ASP B 84 -4.09 -28.67 -27.96
N PRO B 85 -5.02 -29.18 -28.77
CA PRO B 85 -6.44 -28.87 -28.62
C PRO B 85 -6.98 -29.35 -27.26
N ASN B 86 -6.25 -30.26 -26.62
CA ASN B 86 -6.63 -30.77 -25.30
C ASN B 86 -5.66 -30.22 -24.27
N TRP B 87 -5.68 -28.89 -24.12
CA TRP B 87 -4.79 -28.19 -23.19
C TRP B 87 -5.19 -28.18 -21.72
N LYS B 88 -4.18 -28.04 -20.87
CA LYS B 88 -4.36 -28.01 -19.42
C LYS B 88 -4.32 -26.56 -18.93
N LEU B 89 -3.58 -25.73 -19.68
CA LEU B 89 -3.42 -24.32 -19.37
C LEU B 89 -3.09 -23.58 -20.66
N ARG B 90 -3.06 -22.25 -20.58
CA ARG B 90 -2.71 -21.44 -21.73
C ARG B 90 -2.24 -20.07 -21.25
N VAL B 91 -1.67 -19.30 -22.17
CA VAL B 91 -1.21 -17.96 -21.84
C VAL B 91 -1.58 -17.05 -23.00
N ILE B 92 -2.25 -15.95 -22.68
CA ILE B 92 -2.68 -15.02 -23.72
C ILE B 92 -2.36 -13.57 -23.37
N GLU B 93 -2.87 -12.67 -24.20
CA GLU B 93 -2.69 -11.24 -24.01
C GLU B 93 -3.92 -10.68 -23.30
N ASN B 94 -3.78 -9.48 -22.76
CA ASN B 94 -4.89 -8.82 -22.08
C ASN B 94 -5.51 -7.85 -23.09
N LEU B 95 -6.81 -7.98 -23.33
CA LEU B 95 -7.51 -7.13 -24.28
C LEU B 95 -7.41 -5.64 -23.99
N TYR B 96 -7.36 -5.29 -22.71
CA TYR B 96 -7.24 -3.90 -22.26
C TYR B 96 -6.18 -3.87 -21.17
N PRO B 97 -4.91 -3.99 -21.56
CA PRO B 97 -3.73 -4.01 -20.68
C PRO B 97 -3.43 -2.74 -19.91
N ALA B 98 -2.60 -2.87 -18.88
CA ALA B 98 -2.19 -1.72 -18.08
C ALA B 98 -1.06 -1.06 -18.88
N LEU B 99 -0.20 -1.89 -19.47
CA LEU B 99 0.90 -1.40 -20.29
C LEU B 99 0.81 -2.05 -21.69
N SER B 100 1.22 -1.31 -22.72
CA SER B 100 1.17 -1.79 -24.10
C SER B 100 2.38 -2.59 -24.55
N ARG B 101 2.13 -3.52 -25.46
CA ARG B 101 3.18 -4.35 -26.01
C ARG B 101 3.62 -3.73 -27.34
N ASN B 102 2.81 -2.81 -27.86
CA ASN B 102 3.10 -2.15 -29.14
C ASN B 102 3.80 -0.81 -28.97
N LEU B 103 4.85 -0.77 -28.15
CA LEU B 103 5.60 0.45 -27.93
C LEU B 103 7.06 0.20 -27.53
N GLU B 104 7.87 -0.22 -28.50
CA GLU B 104 9.29 -0.50 -28.25
C GLU B 104 10.07 0.81 -28.16
N THR B 105 10.18 1.36 -26.96
CA THR B 105 10.91 2.61 -26.76
C THR B 105 11.13 2.89 -25.29
N ARG B 116 10.32 13.20 -16.79
CA ARG B 116 9.26 13.09 -15.79
C ARG B 116 8.18 12.11 -16.26
N THR B 117 8.47 11.40 -17.34
CA THR B 117 7.55 10.41 -17.88
C THR B 117 8.27 9.28 -18.60
N ILE B 118 7.50 8.30 -19.05
CA ILE B 118 8.01 7.14 -19.77
C ILE B 118 6.86 6.58 -20.61
N VAL B 119 7.20 6.03 -21.77
CA VAL B 119 6.21 5.44 -22.67
C VAL B 119 5.64 4.17 -22.04
N GLY B 120 4.32 3.99 -22.18
CA GLY B 120 3.64 2.86 -21.60
C GLY B 120 4.02 1.48 -22.09
N PHE B 121 5.23 1.32 -22.64
CA PHE B 121 5.64 0.00 -23.11
C PHE B 121 5.55 -1.01 -21.99
N GLY B 122 5.57 -2.29 -22.36
CA GLY B 122 5.50 -3.37 -21.39
C GLY B 122 4.59 -4.48 -21.87
N PHE B 123 4.64 -5.63 -21.21
CA PHE B 123 3.79 -6.74 -21.61
C PHE B 123 2.79 -7.12 -20.53
N HIS B 124 1.50 -7.11 -20.89
CA HIS B 124 0.42 -7.47 -19.99
C HIS B 124 -0.25 -8.70 -20.56
N ASP B 125 0.04 -9.85 -19.97
CA ASP B 125 -0.51 -11.10 -20.44
C ASP B 125 -1.20 -11.91 -19.36
N VAL B 126 -2.34 -12.51 -19.71
CA VAL B 126 -3.13 -13.32 -18.79
C VAL B 126 -2.82 -14.81 -18.92
N VAL B 127 -3.00 -15.53 -17.82
CA VAL B 127 -2.76 -16.95 -17.81
C VAL B 127 -4.00 -17.75 -17.42
N ILE B 128 -4.67 -18.32 -18.41
CA ILE B 128 -5.85 -19.13 -18.20
C ILE B 128 -5.36 -20.46 -17.65
N GLU B 129 -5.63 -20.69 -16.37
CA GLU B 129 -5.17 -21.88 -15.65
C GLU B 129 -5.89 -23.20 -15.86
N SER B 130 -6.94 -23.21 -16.67
CA SER B 130 -7.69 -24.45 -16.93
C SER B 130 -8.86 -24.24 -17.87
N PRO B 131 -9.28 -25.32 -18.56
CA PRO B 131 -10.41 -25.33 -19.50
C PRO B 131 -11.73 -25.22 -18.74
N VAL B 132 -11.86 -26.01 -17.69
CA VAL B 132 -13.06 -26.05 -16.86
C VAL B 132 -13.24 -24.71 -16.15
N HIS B 133 -14.37 -24.06 -16.42
CA HIS B 133 -14.69 -22.76 -15.83
C HIS B 133 -14.98 -22.76 -14.33
N SER B 134 -15.40 -23.90 -13.79
CA SER B 134 -15.71 -23.98 -12.36
C SER B 134 -14.47 -24.25 -11.51
N ILE B 135 -13.43 -24.79 -12.13
CA ILE B 135 -12.18 -25.12 -11.44
C ILE B 135 -11.45 -23.90 -10.89
N GLN B 136 -10.91 -24.04 -9.67
CA GLN B 136 -10.13 -22.99 -9.03
C GLN B 136 -8.69 -23.48 -9.01
N LEU B 137 -7.72 -22.56 -9.07
CA LEU B 137 -6.32 -22.96 -9.05
C LEU B 137 -6.06 -23.95 -7.92
N SER B 138 -6.72 -23.72 -6.79
CA SER B 138 -6.56 -24.57 -5.63
C SER B 138 -6.99 -26.02 -5.90
N ASP B 139 -7.96 -26.21 -6.78
CA ASP B 139 -8.44 -27.56 -7.11
C ASP B 139 -7.56 -28.31 -8.12
N ILE B 140 -6.87 -27.58 -8.98
CA ILE B 140 -6.02 -28.21 -9.99
C ILE B 140 -4.99 -29.15 -9.36
N ASP B 141 -4.66 -30.23 -10.07
CA ASP B 141 -3.69 -31.20 -9.58
C ASP B 141 -2.28 -30.63 -9.56
N PRO B 142 -1.46 -31.06 -8.61
CA PRO B 142 -0.08 -30.59 -8.46
C PRO B 142 0.71 -30.50 -9.76
N VAL B 143 0.48 -31.44 -10.67
CA VAL B 143 1.18 -31.44 -11.94
C VAL B 143 0.65 -30.35 -12.86
N GLY B 144 -0.66 -30.11 -12.80
CA GLY B 144 -1.27 -29.09 -13.64
C GLY B 144 -0.84 -27.70 -13.22
N ILE B 145 -0.52 -27.54 -11.94
CA ILE B 145 -0.08 -26.26 -11.42
C ILE B 145 1.36 -26.06 -11.87
N GLY B 146 2.16 -27.12 -11.76
CA GLY B 146 3.55 -27.08 -12.18
C GLY B 146 3.59 -26.52 -13.59
N ASP B 147 2.65 -26.99 -14.42
CA ASP B 147 2.54 -26.53 -15.79
C ASP B 147 2.40 -25.00 -15.77
N ILE B 148 1.41 -24.50 -15.02
CA ILE B 148 1.16 -23.07 -14.90
C ILE B 148 2.48 -22.34 -14.68
N LEU B 149 3.25 -22.83 -13.72
CA LEU B 149 4.54 -22.25 -13.37
C LEU B 149 5.45 -22.16 -14.60
N ILE B 150 5.79 -23.32 -15.17
CA ILE B 150 6.64 -23.38 -16.35
C ILE B 150 6.07 -22.49 -17.46
N ALA B 151 4.76 -22.43 -17.57
CA ALA B 151 4.15 -21.58 -18.59
C ALA B 151 4.54 -20.11 -18.36
N TYR B 152 4.43 -19.64 -17.11
CA TYR B 152 4.81 -18.27 -16.80
C TYR B 152 6.23 -18.07 -17.32
N LYS B 153 7.12 -18.92 -16.84
CA LYS B 153 8.52 -18.90 -17.23
C LYS B 153 8.67 -18.68 -18.73
N LYS B 154 8.18 -19.64 -19.50
CA LYS B 154 8.25 -19.57 -20.95
C LYS B 154 7.93 -18.18 -21.49
N ARG B 155 6.90 -17.54 -20.92
CA ARG B 155 6.53 -16.19 -21.34
C ARG B 155 7.56 -15.16 -20.85
N ILE B 156 8.05 -15.35 -19.65
CA ILE B 156 9.06 -14.45 -19.07
C ILE B 156 10.33 -14.54 -19.90
N ASN B 157 10.65 -15.74 -20.38
CA ASN B 157 11.85 -15.90 -21.18
C ASN B 157 11.73 -15.16 -22.49
N GLN B 158 10.59 -15.30 -23.16
CA GLN B 158 10.40 -14.59 -24.42
C GLN B 158 10.56 -13.10 -24.10
N ILE B 159 10.00 -12.68 -22.98
CA ILE B 159 10.09 -11.27 -22.61
C ILE B 159 11.48 -10.88 -22.17
N ALA B 160 12.17 -11.81 -21.52
CA ALA B 160 13.53 -11.55 -21.03
C ALA B 160 14.49 -11.13 -22.15
N GLN B 161 14.01 -11.14 -23.39
CA GLN B 161 14.84 -10.77 -24.53
C GLN B 161 14.58 -9.33 -24.99
N HIS B 162 14.31 -8.44 -24.04
CA HIS B 162 14.02 -7.05 -24.34
C HIS B 162 14.67 -6.12 -23.32
N ASP B 163 15.60 -5.30 -23.81
CA ASP B 163 16.32 -4.37 -22.95
C ASP B 163 15.40 -3.27 -22.38
N SER B 164 14.25 -3.06 -23.02
CA SER B 164 13.30 -2.05 -22.55
C SER B 164 12.63 -2.48 -21.26
N ILE B 165 12.53 -3.79 -21.06
CA ILE B 165 11.91 -4.35 -19.87
C ILE B 165 12.97 -4.64 -18.80
N ASN B 166 12.60 -4.44 -17.55
CA ASN B 166 13.51 -4.69 -16.43
C ASN B 166 12.92 -5.57 -15.35
N TYR B 167 11.59 -5.53 -15.19
CA TYR B 167 10.93 -6.38 -14.19
C TYR B 167 9.57 -6.84 -14.69
N ILE B 168 9.25 -8.10 -14.42
CA ILE B 168 7.96 -8.67 -14.80
C ILE B 168 7.29 -9.22 -13.54
N GLN B 169 6.05 -8.80 -13.29
CA GLN B 169 5.35 -9.26 -12.10
C GLN B 169 4.32 -10.37 -12.36
N VAL B 170 4.55 -11.54 -11.77
CA VAL B 170 3.65 -12.67 -11.91
C VAL B 170 2.81 -12.76 -10.63
N PHE B 171 1.49 -12.66 -10.79
CA PHE B 171 0.60 -12.70 -9.64
C PHE B 171 -0.78 -13.27 -9.95
N LYS B 172 -1.47 -13.68 -8.90
CA LYS B 172 -2.81 -14.23 -9.01
C LYS B 172 -3.79 -13.59 -8.03
N ASN B 173 -5.00 -13.37 -8.52
CA ASN B 173 -6.06 -12.78 -7.71
C ASN B 173 -7.35 -13.58 -7.84
N GLN B 174 -7.91 -13.98 -6.71
CA GLN B 174 -9.15 -14.74 -6.70
C GLN B 174 -10.19 -14.05 -5.80
N GLY B 175 -11.31 -13.66 -6.42
CA GLY B 175 -12.37 -12.99 -5.68
C GLY B 175 -12.52 -11.56 -6.13
N ALA B 176 -13.69 -11.24 -6.69
CA ALA B 176 -13.95 -9.89 -7.18
C ALA B 176 -13.46 -8.78 -6.25
N SER B 177 -13.46 -9.03 -4.94
CA SER B 177 -13.02 -8.04 -3.97
C SER B 177 -11.49 -7.95 -3.84
N ALA B 178 -10.80 -8.96 -4.36
CA ALA B 178 -9.36 -8.98 -4.29
C ALA B 178 -8.79 -8.46 -5.62
N GLY B 179 -9.68 -8.18 -6.57
CA GLY B 179 -9.23 -7.68 -7.86
C GLY B 179 -9.64 -8.56 -9.03
N ALA B 180 -9.92 -9.83 -8.74
CA ALA B 180 -10.32 -10.78 -9.78
C ALA B 180 -11.60 -10.32 -10.46
N SER B 181 -11.45 -9.70 -11.63
CA SER B 181 -12.58 -9.20 -12.41
C SER B 181 -13.49 -10.30 -12.96
N MET B 182 -12.89 -11.30 -13.59
CA MET B 182 -13.65 -12.41 -14.15
C MET B 182 -13.57 -13.64 -13.26
N SER B 183 -14.67 -14.39 -13.21
CA SER B 183 -14.75 -15.60 -12.39
C SER B 183 -13.88 -16.73 -12.91
N HIS B 184 -13.51 -16.68 -14.19
CA HIS B 184 -12.67 -17.73 -14.75
C HIS B 184 -11.33 -17.74 -14.01
N SER B 185 -10.75 -18.93 -13.87
CA SER B 185 -9.48 -19.08 -13.18
C SER B 185 -8.35 -18.54 -14.07
N HIS B 186 -7.71 -17.46 -13.63
CA HIS B 186 -6.64 -16.87 -14.40
C HIS B 186 -5.73 -15.98 -13.57
N SER B 187 -4.52 -15.77 -14.09
CA SER B 187 -3.51 -14.93 -13.45
C SER B 187 -3.02 -13.91 -14.47
N GLN B 188 -2.17 -12.99 -14.02
CA GLN B 188 -1.65 -11.94 -14.89
C GLN B 188 -0.15 -11.82 -14.94
N MET B 189 0.31 -11.20 -16.02
CA MET B 189 1.72 -10.94 -16.26
C MET B 189 1.86 -9.51 -16.71
N MET B 190 2.67 -8.77 -15.97
CA MET B 190 2.95 -7.37 -16.28
C MET B 190 4.44 -7.16 -16.35
N ALA B 191 4.92 -6.84 -17.56
CA ALA B 191 6.34 -6.59 -17.78
C ALA B 191 6.58 -5.08 -17.80
N LEU B 192 7.26 -4.58 -16.79
CA LEU B 192 7.52 -3.14 -16.68
C LEU B 192 8.86 -2.74 -17.30
N PRO B 193 8.96 -1.47 -17.75
CA PRO B 193 10.18 -0.92 -18.36
C PRO B 193 11.20 -0.57 -17.28
N VAL B 194 10.74 -0.36 -16.05
CA VAL B 194 11.62 -0.01 -14.92
C VAL B 194 11.38 -0.94 -13.71
N VAL B 195 12.36 -1.01 -12.82
CA VAL B 195 12.21 -1.83 -11.62
C VAL B 195 11.23 -1.09 -10.71
N PRO B 196 10.35 -1.83 -10.02
CA PRO B 196 9.34 -1.25 -9.13
C PRO B 196 9.80 -1.10 -7.66
N PRO B 197 9.09 -0.24 -6.90
CA PRO B 197 9.37 0.05 -5.49
C PRO B 197 9.76 -1.14 -4.59
N THR B 198 8.89 -2.13 -4.46
CA THR B 198 9.21 -3.27 -3.63
C THR B 198 10.51 -3.93 -4.05
N VAL B 199 10.59 -4.36 -5.31
CA VAL B 199 11.77 -5.03 -5.82
C VAL B 199 13.04 -4.27 -5.42
N SER B 200 13.10 -2.99 -5.80
CA SER B 200 14.24 -2.15 -5.46
C SER B 200 14.53 -2.29 -3.97
N SER B 201 13.64 -1.72 -3.15
CA SER B 201 13.76 -1.78 -1.69
C SER B 201 14.28 -3.11 -1.16
N ARG B 202 13.76 -4.19 -1.71
CA ARG B 202 14.16 -5.54 -1.31
C ARG B 202 15.67 -5.71 -1.53
N LEU B 203 16.14 -5.35 -2.72
CA LEU B 203 17.56 -5.44 -3.01
C LEU B 203 18.34 -4.60 -1.98
N ASP B 204 17.88 -3.36 -1.77
CA ASP B 204 18.54 -2.47 -0.84
C ASP B 204 18.43 -2.97 0.60
N GLY B 205 17.39 -3.76 0.87
CA GLY B 205 17.18 -4.30 2.20
C GLY B 205 18.08 -5.48 2.52
N THR B 206 17.99 -6.54 1.73
CA THR B 206 18.82 -7.72 1.97
C THR B 206 20.31 -7.37 1.82
N LYS B 207 20.63 -6.52 0.86
CA LYS B 207 22.03 -6.14 0.64
C LYS B 207 22.66 -5.84 2.00
N ASP B 208 21.99 -5.02 2.80
CA ASP B 208 22.51 -4.67 4.12
C ASP B 208 22.72 -5.94 4.93
N TYR B 209 21.68 -6.75 5.05
CA TYR B 209 21.82 -8.00 5.80
C TYR B 209 23.02 -8.81 5.33
N PHE B 210 23.27 -8.77 4.02
CA PHE B 210 24.40 -9.50 3.45
C PHE B 210 25.71 -8.96 3.97
N GLU B 211 25.80 -7.65 4.11
CA GLU B 211 27.04 -7.06 4.59
C GLU B 211 27.22 -7.20 6.09
N GLU B 212 26.13 -7.07 6.85
CA GLU B 212 26.20 -7.19 8.29
C GLU B 212 26.28 -8.63 8.80
N THR B 213 26.10 -9.61 7.91
CA THR B 213 26.13 -11.01 8.32
C THR B 213 26.73 -11.96 7.28
N GLY B 214 27.04 -11.44 6.11
CA GLY B 214 27.60 -12.27 5.06
C GLY B 214 26.64 -13.40 4.71
N LYS B 215 25.35 -13.19 4.97
CA LYS B 215 24.34 -14.20 4.68
C LYS B 215 23.09 -13.70 3.94
N CYS B 216 22.38 -14.64 3.34
CA CYS B 216 21.16 -14.32 2.63
C CYS B 216 19.97 -14.68 3.51
N CYS B 217 19.29 -13.68 4.04
CA CYS B 217 18.15 -13.89 4.93
C CYS B 217 17.20 -15.01 4.48
N LEU B 218 16.89 -15.07 3.19
CA LEU B 218 15.98 -16.12 2.72
C LEU B 218 16.57 -17.52 2.70
N CYS B 219 17.90 -17.63 2.65
CA CYS B 219 18.53 -18.95 2.70
C CYS B 219 18.46 -19.38 4.16
N GLU B 220 18.12 -18.42 5.00
CA GLU B 220 17.99 -18.67 6.43
C GLU B 220 16.52 -18.62 6.85
N ALA B 221 15.64 -19.04 5.95
CA ALA B 221 14.20 -19.03 6.19
C ALA B 221 13.79 -19.72 7.49
N LYS B 222 14.56 -20.73 7.89
CA LYS B 222 14.29 -21.50 9.10
C LYS B 222 14.67 -20.80 10.41
N SER B 223 15.60 -19.85 10.33
CA SER B 223 16.04 -19.14 11.54
C SER B 223 15.35 -17.80 11.75
N LYS B 224 15.01 -17.15 10.63
CA LYS B 224 14.37 -15.85 10.67
C LYS B 224 12.85 -15.95 10.77
N HIS B 225 12.27 -16.85 9.98
CA HIS B 225 10.82 -17.00 9.96
C HIS B 225 10.28 -18.20 10.73
N PHE B 226 8.96 -18.31 10.77
CA PHE B 226 8.30 -19.41 11.49
C PHE B 226 7.74 -20.43 10.52
N VAL B 227 8.45 -21.55 10.42
CA VAL B 227 8.08 -22.65 9.53
C VAL B 227 6.64 -23.15 9.67
N ILE B 228 5.95 -23.19 8.54
CA ILE B 228 4.57 -23.67 8.44
C ILE B 228 4.60 -25.09 7.88
N ASP B 229 5.23 -25.23 6.72
CA ASP B 229 5.33 -26.54 6.09
C ASP B 229 6.52 -26.61 5.12
N GLU B 230 7.41 -27.55 5.39
CA GLU B 230 8.60 -27.76 4.56
C GLU B 230 8.31 -28.86 3.55
N SER B 231 9.04 -28.82 2.44
CA SER B 231 8.90 -29.79 1.36
C SER B 231 10.27 -30.10 0.79
N SER B 232 10.27 -30.73 -0.38
CA SER B 232 11.49 -31.12 -1.08
C SER B 232 12.43 -29.96 -1.41
N HIS B 233 11.85 -28.84 -1.83
CA HIS B 233 12.69 -27.73 -2.23
C HIS B 233 12.25 -26.36 -1.73
N PHE B 234 11.26 -26.34 -0.83
CA PHE B 234 10.75 -25.10 -0.29
C PHE B 234 10.34 -25.27 1.16
N VAL B 235 9.87 -24.20 1.78
CA VAL B 235 9.42 -24.27 3.17
C VAL B 235 8.43 -23.15 3.53
N SER B 236 7.17 -23.30 3.11
CA SER B 236 6.17 -22.28 3.40
C SER B 236 6.32 -21.78 4.83
N VAL B 237 6.29 -20.47 5.01
CA VAL B 237 6.47 -19.88 6.33
C VAL B 237 5.51 -18.75 6.63
N ALA B 238 5.48 -18.37 7.91
CA ALA B 238 4.69 -17.25 8.38
C ALA B 238 5.83 -16.26 8.55
N PRO B 239 5.94 -15.28 7.64
CA PRO B 239 7.02 -14.30 7.74
C PRO B 239 7.10 -13.55 9.06
N PHE B 240 8.32 -13.39 9.54
CA PHE B 240 8.62 -12.70 10.79
C PHE B 240 7.95 -11.34 10.91
N ALA B 241 8.24 -10.45 9.96
CA ALA B 241 7.67 -9.10 9.97
C ALA B 241 6.63 -8.98 8.87
N ALA B 242 5.79 -10.00 8.74
CA ALA B 242 4.75 -10.01 7.73
C ALA B 242 3.93 -8.73 7.71
N THR B 243 3.73 -8.22 6.51
CA THR B 243 2.95 -7.01 6.27
C THR B 243 1.48 -7.23 6.62
N TYR B 244 0.98 -8.42 6.26
CA TYR B 244 -0.43 -8.77 6.44
C TYR B 244 -0.66 -9.94 7.37
N PRO B 245 -1.81 -9.96 8.07
CA PRO B 245 -2.10 -11.07 8.97
C PRO B 245 -2.26 -12.34 8.15
N PHE B 246 -1.62 -13.41 8.61
CA PHE B 246 -1.66 -14.70 7.92
C PHE B 246 -0.98 -14.68 6.56
N GLU B 247 0.08 -13.88 6.48
CA GLU B 247 0.88 -13.74 5.27
C GLU B 247 1.72 -15.01 5.18
N ILE B 248 1.97 -15.47 3.98
CA ILE B 248 2.75 -16.69 3.81
C ILE B 248 3.62 -16.64 2.57
N TRP B 249 4.88 -17.04 2.72
CA TRP B 249 5.82 -17.09 1.61
C TRP B 249 6.24 -18.53 1.32
N ILE B 250 6.58 -18.79 0.07
CA ILE B 250 7.07 -20.10 -0.34
C ILE B 250 8.53 -19.80 -0.71
N ILE B 251 9.42 -20.19 0.18
CA ILE B 251 10.86 -19.95 0.01
C ILE B 251 11.63 -21.15 -0.53
N PRO B 252 12.36 -20.96 -1.63
CA PRO B 252 13.13 -22.09 -2.15
C PRO B 252 14.22 -22.38 -1.14
N LYS B 253 14.47 -23.65 -0.87
CA LYS B 253 15.50 -24.01 0.09
C LYS B 253 16.89 -23.84 -0.50
N ASP B 254 16.98 -23.99 -1.81
CA ASP B 254 18.25 -23.81 -2.51
C ASP B 254 18.25 -22.40 -3.06
N HIS B 255 19.25 -21.63 -2.69
CA HIS B 255 19.36 -20.26 -3.16
C HIS B 255 19.28 -20.12 -4.67
N SER B 256 18.21 -19.48 -5.14
CA SER B 256 18.00 -19.24 -6.56
C SER B 256 17.55 -17.78 -6.65
N SER B 257 18.20 -17.00 -7.51
CA SER B 257 17.85 -15.59 -7.63
C SER B 257 16.70 -15.28 -8.58
N HIS B 258 16.37 -16.20 -9.48
CA HIS B 258 15.29 -15.93 -10.42
C HIS B 258 14.30 -17.07 -10.59
N PHE B 259 13.02 -16.70 -10.68
CA PHE B 259 11.94 -17.67 -10.82
C PHE B 259 12.10 -18.64 -12.00
N HIS B 260 12.63 -18.16 -13.13
CA HIS B 260 12.79 -19.03 -14.29
C HIS B 260 13.87 -20.09 -14.08
N HIS B 261 14.76 -19.85 -13.13
CA HIS B 261 15.81 -20.78 -12.79
C HIS B 261 15.17 -22.08 -12.32
N LEU B 262 13.87 -22.01 -12.07
CA LEU B 262 13.09 -23.17 -11.62
C LEU B 262 13.10 -24.29 -12.68
N ASP B 263 13.81 -25.37 -12.39
CA ASP B 263 13.86 -26.48 -13.33
C ASP B 263 12.46 -27.06 -13.50
N ASP B 264 12.18 -27.68 -14.64
CA ASP B 264 10.87 -28.24 -14.90
C ASP B 264 10.52 -29.41 -14.00
N VAL B 265 11.18 -29.50 -12.86
CA VAL B 265 10.93 -30.56 -11.90
C VAL B 265 10.37 -29.98 -10.61
N LYS B 266 11.04 -28.94 -10.09
CA LYS B 266 10.61 -28.28 -8.87
C LYS B 266 9.28 -27.56 -9.06
N ALA B 267 8.81 -27.48 -10.30
CA ALA B 267 7.55 -26.81 -10.57
C ALA B 267 6.38 -27.63 -10.03
N VAL B 268 6.57 -28.95 -9.96
CA VAL B 268 5.53 -29.82 -9.44
C VAL B 268 5.59 -29.86 -7.91
N ASP B 269 6.80 -29.89 -7.38
CA ASP B 269 6.96 -29.89 -5.94
C ASP B 269 6.44 -28.56 -5.43
N LEU B 270 6.61 -27.52 -6.24
CA LEU B 270 6.15 -26.20 -5.87
C LEU B 270 4.63 -26.14 -6.06
N GLY B 271 4.16 -26.70 -7.17
CA GLY B 271 2.73 -26.72 -7.44
C GLY B 271 1.98 -27.39 -6.32
N GLY B 272 2.61 -28.39 -5.70
CA GLY B 272 2.00 -29.11 -4.61
C GLY B 272 1.91 -28.30 -3.32
N LEU B 273 2.98 -27.57 -3.01
CA LEU B 273 3.04 -26.75 -1.81
C LEU B 273 2.09 -25.57 -1.91
N LEU B 274 2.10 -24.91 -3.07
CA LEU B 274 1.23 -23.78 -3.30
C LEU B 274 -0.22 -24.21 -3.14
N LYS B 275 -0.52 -25.42 -3.60
CA LYS B 275 -1.88 -25.97 -3.50
C LYS B 275 -2.26 -26.17 -2.02
N LEU B 276 -1.31 -26.70 -1.25
CA LEU B 276 -1.50 -26.93 0.17
C LEU B 276 -1.77 -25.62 0.92
N MET B 277 -0.90 -24.64 0.70
CA MET B 277 -1.07 -23.37 1.37
C MET B 277 -2.39 -22.69 1.02
N LEU B 278 -2.91 -22.95 -0.18
CA LEU B 278 -4.16 -22.34 -0.57
C LEU B 278 -5.37 -23.04 0.07
N GLN B 279 -5.26 -24.36 0.21
CA GLN B 279 -6.33 -25.16 0.82
C GLN B 279 -6.39 -24.96 2.32
N LYS B 280 -5.23 -24.84 2.96
CA LYS B 280 -5.21 -24.62 4.40
C LYS B 280 -5.82 -23.24 4.67
N ILE B 281 -5.41 -22.26 3.88
CA ILE B 281 -5.91 -20.90 4.01
C ILE B 281 -7.42 -20.90 3.78
N ALA B 282 -7.85 -21.56 2.70
CA ALA B 282 -9.26 -21.64 2.36
C ALA B 282 -10.05 -22.26 3.53
N LYS B 283 -9.46 -23.24 4.19
CA LYS B 283 -10.12 -23.89 5.32
C LYS B 283 -10.16 -22.93 6.51
N GLN B 284 -9.01 -22.79 7.16
CA GLN B 284 -8.84 -21.94 8.33
C GLN B 284 -9.46 -20.54 8.23
N LEU B 285 -9.39 -19.92 7.06
CA LEU B 285 -9.94 -18.58 6.90
C LEU B 285 -11.28 -18.55 6.17
N ASN B 286 -11.86 -19.72 5.95
CA ASN B 286 -13.15 -19.80 5.30
C ASN B 286 -13.10 -19.15 3.91
N ASP B 287 -12.17 -19.65 3.09
CA ASP B 287 -11.97 -19.18 1.73
C ASP B 287 -12.06 -17.66 1.52
N PRO B 288 -11.13 -16.91 2.12
CA PRO B 288 -11.15 -15.46 1.97
C PRO B 288 -10.67 -15.07 0.60
N PRO B 289 -10.91 -13.83 0.19
CA PRO B 289 -10.40 -13.49 -1.14
C PRO B 289 -8.89 -13.67 -0.98
N TYR B 290 -8.16 -13.86 -2.06
CA TYR B 290 -6.72 -13.99 -1.91
C TYR B 290 -5.96 -13.72 -3.17
N ASN B 291 -4.66 -13.54 -3.01
CA ASN B 291 -3.78 -13.29 -4.13
C ASN B 291 -2.36 -13.64 -3.73
N TYR B 292 -1.57 -14.09 -4.69
CA TYR B 292 -0.18 -14.34 -4.36
C TYR B 292 0.71 -13.55 -5.30
N MET B 293 1.97 -13.40 -4.91
CA MET B 293 2.91 -12.64 -5.70
C MET B 293 4.27 -13.29 -5.79
N ILE B 294 4.74 -13.47 -7.02
CA ILE B 294 6.04 -14.07 -7.20
C ILE B 294 7.05 -12.91 -7.16
N HIS B 295 7.92 -12.93 -6.17
CA HIS B 295 8.96 -11.90 -6.01
C HIS B 295 10.28 -12.49 -6.48
N THR B 296 10.70 -12.08 -7.67
CA THR B 296 11.93 -12.60 -8.23
C THR B 296 12.94 -11.52 -8.56
N SER B 297 13.89 -11.84 -9.43
CA SER B 297 14.92 -10.88 -9.78
C SER B 297 14.59 -10.06 -11.01
N PRO B 298 15.10 -8.82 -11.07
CA PRO B 298 14.84 -7.98 -12.24
C PRO B 298 15.71 -8.55 -13.37
N LEU B 299 15.48 -8.11 -14.59
CA LEU B 299 16.26 -8.60 -15.72
C LEU B 299 17.73 -8.17 -15.65
N LYS B 300 17.99 -6.91 -15.31
CA LYS B 300 19.37 -6.46 -15.25
C LYS B 300 19.96 -6.51 -13.85
N VAL B 301 19.85 -7.67 -13.21
CA VAL B 301 20.39 -7.85 -11.87
C VAL B 301 21.87 -8.16 -12.03
N THR B 302 22.69 -7.67 -11.10
CA THR B 302 24.13 -7.89 -11.17
C THR B 302 24.58 -9.19 -10.50
N GLU B 303 25.81 -9.61 -10.81
CA GLU B 303 26.39 -10.82 -10.25
C GLU B 303 26.59 -10.66 -8.74
N SER B 304 26.97 -9.45 -8.37
CA SER B 304 27.24 -9.08 -6.99
C SER B 304 25.99 -9.08 -6.12
N GLN B 305 24.83 -8.87 -6.74
CA GLN B 305 23.55 -8.85 -6.03
C GLN B 305 23.01 -10.26 -5.81
N LEU B 306 23.41 -11.17 -6.69
CA LEU B 306 23.00 -12.57 -6.69
C LEU B 306 23.09 -13.35 -5.37
N PRO B 307 24.23 -13.26 -4.65
CA PRO B 307 24.37 -13.99 -3.38
C PRO B 307 23.21 -13.78 -2.39
N TYR B 308 22.61 -12.59 -2.42
CA TYR B 308 21.51 -12.31 -1.51
C TYR B 308 20.16 -12.15 -2.19
N THR B 309 20.17 -11.76 -3.45
CA THR B 309 18.91 -11.60 -4.19
C THR B 309 18.29 -12.98 -4.26
N HIS B 310 17.28 -13.20 -3.44
CA HIS B 310 16.64 -14.52 -3.33
C HIS B 310 15.14 -14.43 -3.63
N TRP B 311 14.71 -15.05 -4.73
CA TRP B 311 13.30 -14.98 -5.15
C TRP B 311 12.33 -15.88 -4.38
N PHE B 312 11.06 -15.47 -4.33
CA PHE B 312 10.04 -16.25 -3.63
C PHE B 312 8.61 -15.90 -4.01
N LEU B 313 7.66 -16.65 -3.48
CA LEU B 313 6.25 -16.41 -3.76
C LEU B 313 5.53 -16.02 -2.46
N GLN B 314 4.89 -14.84 -2.48
CA GLN B 314 4.17 -14.33 -1.32
C GLN B 314 2.65 -14.51 -1.46
N ILE B 315 2.02 -15.01 -0.41
CA ILE B 315 0.56 -15.20 -0.40
C ILE B 315 -0.09 -14.37 0.70
N VAL B 316 -1.15 -13.63 0.33
CA VAL B 316 -1.86 -12.81 1.29
C VAL B 316 -3.36 -12.95 1.16
N PRO B 317 -4.01 -13.42 2.22
CA PRO B 317 -5.46 -13.58 2.21
C PRO B 317 -6.01 -12.21 2.55
N GLN B 318 -7.08 -11.82 1.87
CA GLN B 318 -7.71 -10.53 2.10
C GLN B 318 -8.49 -10.56 3.43
N LEU B 319 -8.04 -9.73 4.37
CA LEU B 319 -8.65 -9.65 5.69
C LEU B 319 -8.66 -8.19 6.12
N SER B 320 -7.91 -7.87 7.17
CA SER B 320 -7.84 -6.49 7.66
C SER B 320 -7.69 -5.52 6.51
N GLY B 321 -8.38 -4.39 6.58
CA GLY B 321 -8.29 -3.39 5.54
C GLY B 321 -7.30 -2.32 5.95
N VAL B 322 -6.94 -1.43 5.03
CA VAL B 322 -6.01 -0.36 5.34
C VAL B 322 -6.74 0.97 5.47
N GLY B 323 -6.11 1.91 6.17
CA GLY B 323 -6.72 3.21 6.35
C GLY B 323 -5.74 4.33 6.05
N GLY B 324 -6.08 5.53 6.52
CA GLY B 324 -5.25 6.69 6.30
C GLY B 324 -3.88 6.53 6.96
N PHE B 325 -3.83 5.71 8.00
CA PHE B 325 -2.56 5.51 8.67
C PHE B 325 -1.61 4.79 7.73
N GLU B 326 -2.09 3.66 7.20
CA GLU B 326 -1.29 2.87 6.28
C GLU B 326 -1.00 3.66 5.03
N ILE B 327 -2.06 4.23 4.44
CA ILE B 327 -1.88 5.02 3.21
C ILE B 327 -0.86 6.12 3.42
N GLY B 328 -0.89 6.74 4.61
CA GLY B 328 0.03 7.82 4.91
C GLY B 328 1.46 7.45 5.24
N THR B 329 1.66 6.43 6.08
CA THR B 329 3.02 6.05 6.46
C THR B 329 3.67 4.92 5.68
N GLY B 330 2.93 4.29 4.78
CA GLY B 330 3.50 3.19 4.03
C GLY B 330 3.89 2.11 5.03
N CYS B 331 3.44 2.27 6.26
CA CYS B 331 3.72 1.34 7.35
C CYS B 331 2.42 0.61 7.65
N TYR B 332 2.50 -0.68 7.91
CA TYR B 332 1.30 -1.46 8.17
C TYR B 332 1.18 -1.93 9.61
N ILE B 333 0.01 -2.46 9.95
CA ILE B 333 -0.25 -2.98 11.27
C ILE B 333 -0.88 -4.36 11.14
N ASN B 334 -0.11 -5.38 11.50
CA ASN B 334 -0.55 -6.77 11.43
C ASN B 334 -1.14 -7.16 12.78
N PRO B 335 -2.43 -7.52 12.82
CA PRO B 335 -3.07 -7.90 14.08
C PRO B 335 -2.64 -9.24 14.62
N VAL B 336 -2.00 -10.06 13.79
CA VAL B 336 -1.59 -11.39 14.24
C VAL B 336 -0.12 -11.73 13.99
N PHE B 337 0.58 -12.11 15.06
CA PHE B 337 1.98 -12.51 14.95
C PHE B 337 2.07 -13.76 14.09
N PRO B 338 3.18 -13.95 13.37
CA PRO B 338 3.37 -15.12 12.51
C PRO B 338 3.53 -16.45 13.25
N GLU B 339 4.03 -16.40 14.49
CA GLU B 339 4.21 -17.61 15.28
C GLU B 339 2.86 -18.33 15.38
N ASP B 340 1.85 -17.57 15.77
CA ASP B 340 0.50 -18.11 15.89
C ASP B 340 -0.03 -18.54 14.54
N VAL B 341 0.26 -17.76 13.50
CA VAL B 341 -0.22 -18.13 12.18
C VAL B 341 0.37 -19.49 11.84
N ALA B 342 1.65 -19.65 12.15
CA ALA B 342 2.35 -20.90 11.88
C ALA B 342 1.73 -22.04 12.69
N LYS B 343 1.60 -21.82 13.99
CA LYS B 343 1.02 -22.84 14.86
C LYS B 343 -0.41 -23.22 14.45
N VAL B 344 -1.18 -22.25 13.96
CA VAL B 344 -2.55 -22.54 13.53
C VAL B 344 -2.61 -23.23 12.16
N MET B 345 -1.75 -22.80 11.24
CA MET B 345 -1.71 -23.38 9.91
C MET B 345 -1.05 -24.77 9.93
N ARG B 346 -0.14 -24.99 10.87
CA ARG B 346 0.51 -26.30 10.98
C ARG B 346 -0.52 -27.28 11.51
N GLU B 347 -1.06 -26.98 12.69
CA GLU B 347 -2.07 -27.83 13.31
C GLU B 347 -3.38 -27.72 12.56
N VAL B 348 -3.35 -27.97 11.27
CA VAL B 348 -4.56 -27.93 10.46
C VAL B 348 -4.50 -29.07 9.44
N SER B 349 -5.62 -29.75 9.24
CA SER B 349 -5.69 -30.87 8.31
C SER B 349 -6.70 -30.66 7.18
N LEU B 350 -6.54 -31.41 6.09
CA LEU B 350 -7.43 -31.29 4.95
C LEU B 350 -8.23 -32.57 4.66
ZN ZN C . -21.58 10.44 18.45
ZN ZN D . 9.25 24.51 -1.08
ZN ZN E . -14.80 -19.58 -18.42
ZN ZN F . 19.82 -17.06 -0.24
N PRO A 23 -1.51 6.35 -22.29
CA PRO A 23 -0.97 5.38 -21.33
C PRO A 23 0.51 5.66 -21.10
N GLU A 24 0.88 5.90 -19.85
CA GLU A 24 2.28 6.21 -19.53
C GLU A 24 2.60 6.13 -18.03
N LEU A 25 3.90 6.14 -17.74
CA LEU A 25 4.42 6.09 -16.38
C LEU A 25 4.81 7.51 -15.98
N ARG A 26 4.42 7.91 -14.77
CA ARG A 26 4.75 9.25 -14.28
C ARG A 26 5.31 9.12 -12.88
N LYS A 27 6.45 9.77 -12.65
CA LYS A 27 7.15 9.73 -11.36
C LYS A 27 7.19 11.12 -10.76
N ASP A 28 7.48 11.20 -9.47
CA ASP A 28 7.53 12.51 -8.84
C ASP A 28 8.34 12.51 -7.55
N PRO A 29 9.12 13.58 -7.33
CA PRO A 29 9.94 13.69 -6.12
C PRO A 29 9.27 13.14 -4.86
N VAL A 30 8.10 13.69 -4.51
CA VAL A 30 7.37 13.27 -3.31
C VAL A 30 7.23 11.76 -3.10
N THR A 31 6.67 11.08 -4.08
CA THR A 31 6.49 9.65 -3.99
C THR A 31 7.77 8.95 -4.36
N ASN A 32 8.59 9.62 -5.17
CA ASN A 32 9.85 9.05 -5.62
C ASN A 32 9.58 7.69 -6.27
N ARG A 33 8.41 7.52 -6.89
CA ARG A 33 8.08 6.26 -7.54
C ARG A 33 7.25 6.50 -8.79
N TRP A 34 7.32 5.57 -9.74
CA TRP A 34 6.54 5.72 -10.96
C TRP A 34 5.11 5.23 -10.76
N VAL A 35 4.18 5.81 -11.50
CA VAL A 35 2.78 5.37 -11.45
C VAL A 35 2.37 5.15 -12.90
N ILE A 36 1.41 4.27 -13.10
CA ILE A 36 0.94 3.98 -14.45
C ILE A 36 -0.45 4.57 -14.65
N PHE A 37 -0.60 5.37 -15.70
CA PHE A 37 -1.89 5.94 -16.01
C PHE A 37 -2.45 5.19 -17.21
N SER A 38 -3.70 4.74 -17.12
CA SER A 38 -4.32 4.02 -18.23
C SER A 38 -5.84 3.95 -18.13
N PRO A 39 -6.53 3.75 -19.27
CA PRO A 39 -7.99 3.66 -19.30
C PRO A 39 -8.49 2.23 -19.12
N PHE A 48 -16.75 9.11 -16.25
CA PHE A 48 -16.16 8.51 -15.07
C PHE A 48 -17.03 8.83 -13.85
N LYS A 49 -16.99 7.96 -12.84
CA LYS A 49 -17.77 8.19 -11.64
C LYS A 49 -17.23 7.45 -10.41
N SER A 50 -18.13 7.00 -9.53
CA SER A 50 -17.74 6.31 -8.31
C SER A 50 -18.38 4.94 -8.09
N LYS A 51 -18.11 4.35 -6.93
CA LYS A 51 -18.66 3.05 -6.56
C LYS A 51 -19.65 3.21 -5.41
N SER A 62 -26.47 9.26 18.06
CA SER A 62 -25.68 9.26 19.28
C SER A 62 -24.71 8.09 19.34
N CYS A 63 -23.58 8.28 20.03
CA CYS A 63 -22.58 7.23 20.17
C CYS A 63 -21.67 7.56 21.35
N PRO A 64 -20.82 6.60 21.77
CA PRO A 64 -19.89 6.77 22.89
C PRO A 64 -18.92 7.95 22.79
N PHE A 65 -18.99 8.68 21.68
CA PHE A 65 -18.12 9.84 21.48
C PHE A 65 -18.90 11.16 21.51
N CYS A 66 -20.21 11.06 21.68
CA CYS A 66 -21.05 12.25 21.76
C CYS A 66 -20.78 12.99 23.06
N ILE A 67 -21.23 14.24 23.12
CA ILE A 67 -21.02 15.05 24.32
C ILE A 67 -21.78 14.45 25.50
N GLY A 68 -21.19 14.57 26.69
CA GLY A 68 -21.83 14.03 27.88
C GLY A 68 -21.50 12.56 28.11
N ARG A 69 -21.14 11.86 27.04
CA ARG A 69 -20.80 10.45 27.11
C ARG A 69 -19.29 10.24 27.19
N GLU A 70 -18.57 11.34 27.42
CA GLU A 70 -17.11 11.33 27.53
C GLU A 70 -16.58 10.26 28.49
N GLN A 71 -17.40 9.87 29.46
CA GLN A 71 -17.02 8.87 30.43
C GLN A 71 -16.81 7.52 29.73
N GLU A 72 -17.51 7.33 28.62
CA GLU A 72 -17.41 6.11 27.84
C GLU A 72 -16.09 6.08 27.08
N CYS A 73 -15.48 7.25 26.93
CA CYS A 73 -14.23 7.39 26.20
C CYS A 73 -13.00 7.04 27.04
N ALA A 74 -11.82 7.34 26.51
CA ALA A 74 -10.55 7.05 27.17
C ALA A 74 -9.96 8.36 27.73
N PRO A 75 -8.94 8.25 28.61
CA PRO A 75 -8.29 9.42 29.22
C PRO A 75 -8.08 10.59 28.25
N GLU A 76 -8.59 11.76 28.63
CA GLU A 76 -8.48 12.96 27.81
C GLU A 76 -7.12 13.66 27.96
N LEU A 77 -6.63 14.23 26.85
CA LEU A 77 -5.36 14.96 26.85
C LEU A 77 -5.67 16.45 26.96
N PHE A 78 -6.75 16.87 26.30
CA PHE A 78 -7.21 18.24 26.31
C PHE A 78 -8.44 18.40 25.44
N ARG A 79 -9.04 19.57 25.48
CA ARG A 79 -10.23 19.86 24.69
C ARG A 79 -10.20 21.31 24.26
N VAL A 80 -11.12 21.67 23.37
CA VAL A 80 -11.22 23.04 22.87
C VAL A 80 -12.69 23.43 22.79
N PRO A 81 -13.05 24.61 23.31
CA PRO A 81 -12.13 25.57 23.96
C PRO A 81 -11.55 24.99 25.25
N ASP A 82 -10.41 25.54 25.68
CA ASP A 82 -9.72 25.08 26.89
C ASP A 82 -10.70 24.64 27.98
N HIS A 83 -10.60 23.38 28.36
CA HIS A 83 -11.46 22.76 29.37
C HIS A 83 -12.80 23.46 29.59
N ASP A 84 -13.78 23.09 28.79
CA ASP A 84 -15.12 23.65 28.84
C ASP A 84 -16.15 22.53 28.68
N PRO A 85 -17.17 22.48 29.56
CA PRO A 85 -18.19 21.45 29.49
C PRO A 85 -18.86 21.35 28.11
N ASN A 86 -19.17 22.48 27.50
CA ASN A 86 -19.77 22.47 26.17
C ASN A 86 -18.63 22.62 25.17
N TRP A 87 -17.88 21.54 24.98
CA TRP A 87 -16.73 21.53 24.08
C TRP A 87 -17.00 21.37 22.60
N LYS A 88 -16.13 21.99 21.80
CA LYS A 88 -16.21 21.97 20.34
C LYS A 88 -15.42 20.78 19.75
N LEU A 89 -14.25 20.51 20.31
CA LEU A 89 -13.43 19.40 19.83
C LEU A 89 -12.54 18.92 20.96
N ARG A 90 -12.09 17.67 20.87
CA ARG A 90 -11.19 17.13 21.89
C ARG A 90 -10.40 15.92 21.38
N VAL A 91 -9.28 15.65 22.06
CA VAL A 91 -8.42 14.53 21.72
C VAL A 91 -8.06 13.77 22.98
N ILE A 92 -8.32 12.47 22.96
CA ILE A 92 -8.04 11.59 24.09
C ILE A 92 -7.14 10.45 23.62
N GLU A 93 -6.92 9.48 24.51
CA GLU A 93 -6.11 8.33 24.20
C GLU A 93 -6.98 7.39 23.40
N ASN A 94 -6.37 6.63 22.48
CA ASN A 94 -7.15 5.66 21.73
C ASN A 94 -7.27 4.43 22.64
N LEU A 95 -8.50 3.98 22.85
CA LEU A 95 -8.77 2.84 23.72
C LEU A 95 -8.12 1.55 23.26
N TYR A 96 -8.10 1.32 21.94
CA TYR A 96 -7.49 0.13 21.37
C TYR A 96 -6.18 0.51 20.67
N PRO A 97 -5.12 0.79 21.44
CA PRO A 97 -3.81 1.18 20.93
C PRO A 97 -3.09 0.23 19.97
N ALA A 98 -2.33 0.81 19.05
CA ALA A 98 -1.54 0.06 18.09
C ALA A 98 -0.12 0.05 18.65
N LEU A 99 0.27 1.21 19.19
CA LEU A 99 1.58 1.39 19.81
C LEU A 99 1.33 1.88 21.22
N SER A 100 1.37 0.97 22.19
CA SER A 100 1.12 1.32 23.59
C SER A 100 2.07 2.41 24.09
N ARG A 101 1.50 3.50 24.59
CA ARG A 101 2.29 4.61 25.11
C ARG A 101 2.83 4.30 26.51
N ASN A 102 2.51 3.11 27.01
CA ASN A 102 2.99 2.72 28.33
C ASN A 102 4.20 1.79 28.27
N LEU A 103 4.80 1.68 27.09
CA LEU A 103 5.98 0.83 26.91
C LEU A 103 7.24 1.64 26.60
N GLU A 104 7.32 2.85 27.15
CA GLU A 104 8.49 3.68 26.89
C GLU A 104 9.78 3.06 27.42
N THR A 105 10.34 2.15 26.62
CA THR A 105 11.57 1.44 26.95
C THR A 105 12.50 1.39 25.74
N ARG A 116 16.07 -5.74 14.77
CA ARG A 116 15.11 -6.76 14.34
C ARG A 116 13.71 -6.47 14.86
N THR A 117 13.61 -6.15 16.13
CA THR A 117 12.32 -5.83 16.74
C THR A 117 12.48 -4.62 17.67
N ILE A 118 11.36 -3.93 17.93
CA ILE A 118 11.36 -2.75 18.80
C ILE A 118 10.02 -2.67 19.50
N VAL A 119 10.05 -2.69 20.84
CA VAL A 119 8.81 -2.63 21.62
C VAL A 119 7.83 -1.63 21.00
N GLY A 120 6.55 -2.00 20.97
CA GLY A 120 5.53 -1.16 20.38
C GLY A 120 5.22 0.15 21.09
N PHE A 121 6.25 0.85 21.57
CA PHE A 121 6.04 2.12 22.24
C PHE A 121 5.68 3.21 21.24
N GLY A 122 4.59 3.92 21.51
CA GLY A 122 4.18 5.00 20.62
C GLY A 122 3.04 5.82 21.18
N PHE A 123 2.52 6.76 20.39
CA PHE A 123 1.40 7.58 20.84
C PHE A 123 0.31 7.52 19.80
N HIS A 124 -0.90 7.20 20.25
CA HIS A 124 -2.05 7.10 19.36
C HIS A 124 -3.24 7.85 19.96
N ASP A 125 -3.35 9.13 19.61
CA ASP A 125 -4.43 9.95 20.11
C ASP A 125 -5.63 9.94 19.15
N VAL A 126 -6.80 10.21 19.70
CA VAL A 126 -8.07 10.23 18.98
C VAL A 126 -8.74 11.62 19.05
N VAL A 127 -8.41 12.49 18.11
CA VAL A 127 -9.00 13.81 18.07
C VAL A 127 -10.47 13.68 17.70
N ILE A 128 -11.32 13.64 18.71
CA ILE A 128 -12.75 13.54 18.49
C ILE A 128 -13.21 14.89 17.98
N GLU A 129 -13.61 14.90 16.70
CA GLU A 129 -14.00 16.12 16.00
C GLU A 129 -15.32 16.77 16.37
N SER A 130 -16.25 16.00 16.91
CA SER A 130 -17.54 16.60 17.23
C SER A 130 -18.17 16.09 18.50
N PRO A 131 -19.09 16.88 19.07
CA PRO A 131 -19.82 16.54 20.31
C PRO A 131 -21.09 15.78 19.93
N VAL A 132 -21.68 16.15 18.79
CA VAL A 132 -22.90 15.54 18.28
C VAL A 132 -22.55 14.28 17.51
N HIS A 133 -23.39 13.87 16.56
CA HIS A 133 -23.08 12.66 15.80
C HIS A 133 -23.19 12.78 14.28
N SER A 134 -24.36 13.14 13.77
CA SER A 134 -24.55 13.25 12.33
C SER A 134 -23.58 14.25 11.71
N ILE A 135 -22.78 14.89 12.55
CA ILE A 135 -21.81 15.87 12.10
C ILE A 135 -20.60 15.26 11.38
N GLN A 136 -20.51 15.53 10.08
CA GLN A 136 -19.41 15.03 9.24
C GLN A 136 -18.40 16.14 8.98
N LEU A 137 -17.20 15.98 9.53
CA LEU A 137 -16.10 16.94 9.38
C LEU A 137 -16.28 18.01 8.29
N SER A 138 -16.67 17.58 7.09
CA SER A 138 -16.87 18.50 5.96
C SER A 138 -17.90 19.60 6.22
N ASP A 139 -18.85 19.31 7.11
CA ASP A 139 -19.89 20.28 7.43
C ASP A 139 -19.39 21.38 8.36
N ILE A 140 -18.57 21.01 9.34
CA ILE A 140 -18.06 21.96 10.31
C ILE A 140 -17.56 23.25 9.68
N ASP A 141 -17.76 24.36 10.38
CA ASP A 141 -17.35 25.67 9.90
C ASP A 141 -15.83 25.76 9.83
N PRO A 142 -15.31 26.51 8.85
CA PRO A 142 -13.86 26.67 8.69
C PRO A 142 -13.16 26.94 10.02
N VAL A 143 -13.77 27.78 10.85
CA VAL A 143 -13.21 28.13 12.15
C VAL A 143 -12.84 26.89 12.95
N GLY A 144 -13.82 26.01 13.14
CA GLY A 144 -13.59 24.78 13.88
C GLY A 144 -12.48 23.96 13.25
N ILE A 145 -12.56 23.77 11.93
CA ILE A 145 -11.54 22.99 11.23
C ILE A 145 -10.19 23.67 11.46
N GLY A 146 -10.19 25.00 11.37
CA GLY A 146 -8.96 25.75 11.60
C GLY A 146 -8.41 25.43 12.97
N ASP A 147 -9.29 25.24 13.94
CA ASP A 147 -8.85 24.90 15.29
C ASP A 147 -8.56 23.40 15.37
N ILE A 148 -9.18 22.62 14.50
CA ILE A 148 -8.93 21.18 14.47
C ILE A 148 -7.45 21.07 14.15
N LEU A 149 -7.03 21.83 13.14
CA LEU A 149 -5.64 21.86 12.69
C LEU A 149 -4.72 22.36 13.81
N ILE A 150 -5.20 23.32 14.61
CA ILE A 150 -4.43 23.88 15.71
C ILE A 150 -4.34 22.86 16.85
N ALA A 151 -5.44 22.14 17.08
CA ALA A 151 -5.46 21.13 18.13
C ALA A 151 -4.35 20.09 17.87
N TYR A 152 -4.21 19.66 16.62
CA TYR A 152 -3.18 18.68 16.25
C TYR A 152 -1.83 19.23 16.67
N LYS A 153 -1.54 20.44 16.20
CA LYS A 153 -0.29 21.13 16.49
C LYS A 153 0.07 21.05 17.96
N LYS A 154 -0.91 21.32 18.81
CA LYS A 154 -0.71 21.29 20.26
C LYS A 154 -0.08 19.96 20.62
N ARG A 155 -0.81 18.88 20.34
CA ARG A 155 -0.33 17.55 20.65
C ARG A 155 1.01 17.27 19.94
N ILE A 156 1.14 17.69 18.69
CA ILE A 156 2.39 17.48 17.97
C ILE A 156 3.57 18.05 18.76
N ASN A 157 3.45 19.31 19.19
CA ASN A 157 4.55 19.91 19.97
C ASN A 157 4.78 19.19 21.29
N GLN A 158 3.72 18.62 21.86
CA GLN A 158 3.80 17.89 23.11
C GLN A 158 4.59 16.60 22.89
N ILE A 159 4.22 15.85 21.86
CA ILE A 159 4.91 14.60 21.53
C ILE A 159 6.37 14.86 21.20
N ALA A 160 6.63 15.93 20.46
CA ALA A 160 7.99 16.28 20.05
C ALA A 160 8.96 16.35 21.23
N GLN A 161 8.41 16.45 22.44
CA GLN A 161 9.25 16.54 23.62
C GLN A 161 9.84 15.18 23.98
N HIS A 162 9.46 14.16 23.22
CA HIS A 162 9.97 12.81 23.42
C HIS A 162 11.03 12.52 22.37
N ASP A 163 12.18 12.04 22.82
CA ASP A 163 13.30 11.75 21.93
C ASP A 163 13.15 10.44 21.17
N SER A 164 12.34 9.53 21.69
CA SER A 164 12.11 8.25 21.04
C SER A 164 11.18 8.33 19.84
N ILE A 165 10.58 9.49 19.64
CA ILE A 165 9.67 9.72 18.52
C ILE A 165 10.40 10.44 17.39
N ASN A 166 10.11 10.05 16.15
CA ASN A 166 10.76 10.67 15.00
C ASN A 166 9.84 11.07 13.87
N TYR A 167 8.55 10.78 14.00
CA TYR A 167 7.58 11.17 12.98
C TYR A 167 6.17 11.01 13.50
N ILE A 168 5.38 12.06 13.35
CA ILE A 168 4.00 12.00 13.81
C ILE A 168 3.13 11.99 12.58
N GLN A 169 2.22 11.03 12.53
CA GLN A 169 1.32 10.91 11.37
C GLN A 169 -0.12 11.26 11.76
N VAL A 170 -0.65 12.32 11.16
CA VAL A 170 -2.03 12.70 11.41
C VAL A 170 -2.87 12.26 10.21
N PHE A 171 -4.00 11.60 10.46
CA PHE A 171 -4.86 11.13 9.37
C PHE A 171 -6.34 11.09 9.74
N LYS A 172 -7.20 11.03 8.72
CA LYS A 172 -8.64 10.99 8.89
C LYS A 172 -9.30 9.86 8.09
N ASN A 173 -10.04 9.01 8.78
CA ASN A 173 -10.76 7.88 8.20
C ASN A 173 -12.27 8.08 8.32
N GLN A 174 -12.94 8.36 7.21
CA GLN A 174 -14.40 8.52 7.20
C GLN A 174 -14.98 7.42 6.32
N GLY A 175 -15.77 6.55 6.93
CA GLY A 175 -16.37 5.45 6.19
C GLY A 175 -15.71 4.14 6.58
N ALA A 176 -16.53 3.12 6.83
CA ALA A 176 -16.03 1.82 7.24
C ALA A 176 -14.99 1.23 6.29
N SER A 177 -15.32 1.17 5.01
CA SER A 177 -14.41 0.61 4.01
C SER A 177 -13.11 1.41 3.86
N ALA A 178 -13.04 2.57 4.50
CA ALA A 178 -11.86 3.41 4.43
C ALA A 178 -11.07 3.37 5.74
N GLY A 179 -11.41 2.38 6.57
CA GLY A 179 -10.72 2.21 7.84
C GLY A 179 -11.44 2.62 9.11
N ALA A 180 -12.33 3.59 9.04
CA ALA A 180 -13.05 4.06 10.22
C ALA A 180 -13.88 2.97 10.89
N SER A 181 -13.71 2.85 12.20
CA SER A 181 -14.43 1.85 12.98
C SER A 181 -15.55 2.48 13.81
N MET A 182 -15.62 3.81 13.82
CA MET A 182 -16.66 4.53 14.56
C MET A 182 -17.45 5.50 13.69
N SER A 183 -18.76 5.53 13.92
CA SER A 183 -19.67 6.39 13.17
C SER A 183 -19.40 7.88 13.38
N HIS A 184 -19.13 8.25 14.63
CA HIS A 184 -18.86 9.63 15.02
C HIS A 184 -17.61 10.21 14.34
N SER A 185 -17.74 11.42 13.80
CA SER A 185 -16.61 12.07 13.12
C SER A 185 -15.38 12.29 13.99
N HIS A 186 -14.23 11.84 13.49
CA HIS A 186 -12.99 11.96 14.22
C HIS A 186 -11.82 11.73 13.29
N SER A 187 -10.64 12.11 13.74
CA SER A 187 -9.42 11.93 12.99
C SER A 187 -8.46 11.29 13.99
N GLN A 188 -7.30 10.82 13.52
CA GLN A 188 -6.36 10.20 14.44
C GLN A 188 -4.94 10.70 14.29
N MET A 189 -4.15 10.52 15.34
CA MET A 189 -2.75 10.92 15.35
C MET A 189 -1.93 9.74 15.82
N MET A 190 -0.93 9.36 15.02
CA MET A 190 -0.04 8.25 15.34
C MET A 190 1.40 8.71 15.37
N ALA A 191 1.99 8.70 16.56
CA ALA A 191 3.39 9.11 16.73
C ALA A 191 4.23 7.82 16.77
N LEU A 192 5.18 7.71 15.85
CA LEU A 192 6.01 6.51 15.80
C LEU A 192 7.47 6.77 16.18
N PRO A 193 8.20 5.71 16.58
CA PRO A 193 9.60 5.83 16.96
C PRO A 193 10.53 5.83 15.73
N VAL A 194 10.00 5.44 14.57
CA VAL A 194 10.79 5.40 13.35
C VAL A 194 10.23 6.30 12.26
N VAL A 195 11.06 6.58 11.25
CA VAL A 195 10.62 7.39 10.11
C VAL A 195 10.02 6.41 9.08
N PRO A 196 8.72 6.57 8.76
CA PRO A 196 7.93 5.77 7.81
C PRO A 196 8.49 5.73 6.39
N PRO A 197 8.20 4.66 5.63
CA PRO A 197 8.70 4.53 4.26
C PRO A 197 8.37 5.70 3.30
N THR A 198 7.13 6.17 3.30
CA THR A 198 6.76 7.28 2.42
C THR A 198 7.55 8.52 2.80
N VAL A 199 7.85 8.66 4.08
CA VAL A 199 8.60 9.80 4.57
C VAL A 199 10.05 9.74 4.06
N SER A 200 10.76 8.68 4.42
CA SER A 200 12.13 8.56 3.94
C SER A 200 12.12 8.55 2.41
N SER A 201 11.25 7.71 1.83
CA SER A 201 11.15 7.62 0.38
C SER A 201 10.80 8.95 -0.25
N ARG A 202 10.27 9.86 0.58
CA ARG A 202 9.90 11.19 0.12
C ARG A 202 11.09 12.13 0.17
N LEU A 203 11.81 12.10 1.28
CA LEU A 203 12.98 12.96 1.42
C LEU A 203 13.94 12.75 0.26
N ASP A 204 14.23 11.48 -0.01
CA ASP A 204 15.15 11.09 -1.09
C ASP A 204 14.81 11.67 -2.48
N GLY A 205 13.54 11.60 -2.88
CA GLY A 205 13.17 12.11 -4.18
C GLY A 205 13.34 13.61 -4.28
N THR A 206 12.83 14.28 -3.25
CA THR A 206 12.90 15.73 -3.16
C THR A 206 14.34 16.21 -2.98
N LYS A 207 15.22 15.31 -2.56
CA LYS A 207 16.62 15.70 -2.39
C LYS A 207 17.27 15.61 -3.77
N ASP A 208 16.96 14.53 -4.49
CA ASP A 208 17.51 14.35 -5.83
C ASP A 208 17.04 15.46 -6.74
N TYR A 209 15.77 15.82 -6.63
CA TYR A 209 15.23 16.87 -7.47
C TYR A 209 15.96 18.19 -7.21
N PHE A 210 16.02 18.59 -5.94
CA PHE A 210 16.68 19.84 -5.56
C PHE A 210 18.14 19.85 -6.00
N GLU A 211 18.76 18.67 -6.06
CA GLU A 211 20.15 18.57 -6.48
C GLU A 211 20.33 19.06 -7.91
N GLU A 212 19.52 18.52 -8.82
CA GLU A 212 19.61 18.87 -10.23
C GLU A 212 18.92 20.16 -10.64
N THR A 213 17.97 20.64 -9.84
CA THR A 213 17.25 21.86 -10.20
C THR A 213 17.44 23.01 -9.23
N GLY A 214 17.92 22.71 -8.02
CA GLY A 214 18.14 23.74 -7.03
C GLY A 214 16.84 24.29 -6.46
N LYS A 215 15.74 23.58 -6.67
CA LYS A 215 14.45 24.03 -6.17
C LYS A 215 13.54 22.93 -5.62
N CYS A 216 12.57 23.32 -4.80
CA CYS A 216 11.62 22.41 -4.20
C CYS A 216 10.41 22.26 -5.09
N CYS A 217 10.18 21.04 -5.57
CA CYS A 217 9.06 20.74 -6.45
C CYS A 217 7.71 21.24 -5.94
N LEU A 218 7.50 21.32 -4.63
CA LEU A 218 6.22 21.80 -4.14
C LEU A 218 6.01 23.30 -4.34
N CYS A 219 7.04 24.10 -4.10
CA CYS A 219 6.91 25.54 -4.31
C CYS A 219 6.60 25.78 -5.78
N GLU A 220 6.98 24.83 -6.62
CA GLU A 220 6.72 24.93 -8.05
C GLU A 220 5.45 24.15 -8.36
N ALA A 221 4.47 24.22 -7.47
CA ALA A 221 3.21 23.50 -7.64
C ALA A 221 2.45 23.87 -8.91
N LYS A 222 1.97 25.12 -8.98
CA LYS A 222 1.22 25.60 -10.14
C LYS A 222 1.96 25.30 -11.43
N SER A 223 3.27 25.09 -11.33
CA SER A 223 4.07 24.80 -12.51
C SER A 223 4.11 23.32 -12.86
N LYS A 224 4.40 22.48 -11.87
CA LYS A 224 4.51 21.03 -12.07
C LYS A 224 3.23 20.21 -11.92
N HIS A 225 2.22 20.77 -11.26
CA HIS A 225 0.96 20.04 -11.06
C HIS A 225 -0.22 20.78 -11.68
N PHE A 226 -1.42 20.22 -11.53
CA PHE A 226 -2.61 20.83 -12.12
C PHE A 226 -3.52 21.48 -11.09
N VAL A 227 -3.40 22.80 -11.02
CA VAL A 227 -4.17 23.64 -10.08
C VAL A 227 -5.69 23.52 -10.19
N ILE A 228 -6.31 23.30 -9.04
CA ILE A 228 -7.75 23.19 -8.95
C ILE A 228 -8.25 24.48 -8.35
N ASP A 229 -8.03 24.65 -7.04
CA ASP A 229 -8.45 25.86 -6.35
C ASP A 229 -7.29 26.43 -5.53
N GLU A 230 -7.48 27.63 -5.00
CA GLU A 230 -6.44 28.28 -4.23
C GLU A 230 -6.99 29.26 -3.21
N SER A 231 -6.41 29.27 -2.02
CA SER A 231 -6.83 30.18 -0.96
C SER A 231 -5.73 31.22 -0.75
N SER A 232 -5.81 31.96 0.35
CA SER A 232 -4.82 33.00 0.63
C SER A 232 -3.42 32.46 0.85
N HIS A 233 -3.30 31.31 1.51
CA HIS A 233 -2.00 30.72 1.78
C HIS A 233 -1.76 29.33 1.21
N PHE A 234 -2.79 28.73 0.61
CA PHE A 234 -2.67 27.39 0.07
C PHE A 234 -3.26 27.22 -1.32
N VAL A 235 -2.78 26.20 -2.04
CA VAL A 235 -3.27 25.90 -3.36
C VAL A 235 -3.46 24.39 -3.44
N SER A 236 -4.67 23.97 -3.83
CA SER A 236 -4.96 22.54 -3.95
C SER A 236 -4.66 22.13 -5.39
N VAL A 237 -4.29 20.87 -5.59
CA VAL A 237 -3.98 20.39 -6.93
C VAL A 237 -4.27 18.92 -7.12
N ALA A 238 -4.39 18.53 -8.39
CA ALA A 238 -4.57 17.14 -8.77
C ALA A 238 -3.13 16.73 -9.06
N PRO A 239 -2.59 15.81 -8.27
CA PRO A 239 -1.21 15.36 -8.46
C PRO A 239 -0.84 14.95 -9.88
N PHE A 240 0.25 15.50 -10.39
CA PHE A 240 0.72 15.21 -11.73
C PHE A 240 1.03 13.73 -11.89
N ALA A 241 1.46 13.11 -10.78
CA ALA A 241 1.81 11.70 -10.75
C ALA A 241 0.98 10.97 -9.71
N ALA A 242 -0.22 11.51 -9.48
CA ALA A 242 -1.15 10.96 -8.50
C ALA A 242 -1.23 9.45 -8.50
N THR A 243 -1.15 8.90 -7.29
CA THR A 243 -1.20 7.46 -7.07
C THR A 243 -2.62 6.91 -7.18
N TYR A 244 -3.60 7.75 -6.87
CA TYR A 244 -4.99 7.32 -6.87
C TYR A 244 -5.92 8.20 -7.68
N PRO A 245 -7.06 7.63 -8.13
CA PRO A 245 -8.03 8.39 -8.91
C PRO A 245 -8.65 9.49 -8.04
N PHE A 246 -8.66 10.71 -8.55
CA PHE A 246 -9.21 11.87 -7.85
C PHE A 246 -8.42 12.33 -6.64
N GLU A 247 -7.25 11.75 -6.42
CA GLU A 247 -6.41 12.16 -5.30
C GLU A 247 -6.20 13.67 -5.44
N ILE A 248 -6.12 14.38 -4.31
CA ILE A 248 -5.93 15.83 -4.31
C ILE A 248 -4.89 16.24 -3.28
N TRP A 249 -4.05 17.20 -3.63
CA TRP A 249 -3.04 17.69 -2.69
C TRP A 249 -3.29 19.16 -2.40
N ILE A 250 -3.21 19.52 -1.12
CA ILE A 250 -3.35 20.91 -0.73
C ILE A 250 -1.95 21.27 -0.29
N ILE A 251 -1.30 22.15 -1.03
CA ILE A 251 0.07 22.56 -0.76
C ILE A 251 0.17 23.95 -0.15
N PRO A 252 0.94 24.11 0.95
CA PRO A 252 1.06 25.43 1.56
C PRO A 252 1.91 26.32 0.67
N LYS A 253 1.31 27.36 0.10
CA LYS A 253 2.03 28.26 -0.79
C LYS A 253 3.34 28.74 -0.19
N ASP A 254 3.41 28.78 1.13
CA ASP A 254 4.62 29.17 1.82
C ASP A 254 5.46 27.92 2.10
N HIS A 255 6.75 27.97 1.77
CA HIS A 255 7.62 26.84 1.98
C HIS A 255 7.95 26.64 3.45
N SER A 256 7.58 25.46 3.95
CA SER A 256 7.84 25.06 5.33
C SER A 256 7.95 23.54 5.35
N SER A 257 8.89 23.03 6.14
CA SER A 257 9.10 21.59 6.23
C SER A 257 8.13 20.88 7.17
N HIS A 258 7.46 21.63 8.02
CA HIS A 258 6.53 21.00 8.95
C HIS A 258 5.22 21.72 9.15
N PHE A 259 4.15 20.94 9.03
CA PHE A 259 2.78 21.40 9.18
C PHE A 259 2.53 22.05 10.55
N HIS A 260 3.14 21.51 11.60
CA HIS A 260 2.91 22.06 12.94
C HIS A 260 3.23 23.54 13.05
N HIS A 261 4.07 24.02 12.14
CA HIS A 261 4.45 25.43 12.11
C HIS A 261 3.30 26.16 11.43
N LEU A 262 2.11 26.00 11.99
CA LEU A 262 0.90 26.62 11.46
C LEU A 262 0.37 27.70 12.41
N ASP A 263 -0.11 28.80 11.85
CA ASP A 263 -0.66 29.88 12.66
C ASP A 263 -2.17 29.96 12.45
N ASP A 264 -2.85 30.77 13.26
CA ASP A 264 -4.30 30.90 13.20
C ASP A 264 -4.87 31.32 11.85
N VAL A 265 -4.29 32.33 11.23
CA VAL A 265 -4.78 32.80 9.94
C VAL A 265 -4.71 31.68 8.91
N LYS A 266 -3.56 31.00 8.87
CA LYS A 266 -3.37 29.90 7.94
C LYS A 266 -4.26 28.69 8.26
N ALA A 267 -4.43 28.40 9.55
CA ALA A 267 -5.27 27.26 9.96
C ALA A 267 -6.71 27.46 9.53
N VAL A 268 -7.19 28.69 9.60
CA VAL A 268 -8.56 29.00 9.20
C VAL A 268 -8.64 29.06 7.68
N ASP A 269 -7.60 29.59 7.05
CA ASP A 269 -7.55 29.71 5.61
C ASP A 269 -7.32 28.34 4.99
N LEU A 270 -6.87 27.40 5.81
CA LEU A 270 -6.63 26.05 5.33
C LEU A 270 -7.88 25.23 5.59
N GLY A 271 -8.65 25.66 6.59
CA GLY A 271 -9.88 24.96 6.92
C GLY A 271 -10.89 25.11 5.79
N GLY A 272 -10.87 26.29 5.16
CA GLY A 272 -11.78 26.56 4.06
C GLY A 272 -11.40 25.87 2.77
N LEU A 273 -10.10 25.89 2.45
CA LEU A 273 -9.65 25.24 1.22
C LEU A 273 -9.85 23.74 1.35
N LEU A 274 -9.68 23.20 2.55
CA LEU A 274 -9.87 21.76 2.78
C LEU A 274 -11.37 21.46 2.74
N LYS A 275 -12.17 22.44 3.13
CA LYS A 275 -13.62 22.30 3.13
C LYS A 275 -14.13 22.31 1.69
N LEU A 276 -13.57 23.19 0.87
CA LEU A 276 -13.99 23.28 -0.53
C LEU A 276 -13.65 22.02 -1.30
N MET A 277 -12.51 21.42 -0.99
CA MET A 277 -12.07 20.20 -1.69
C MET A 277 -12.87 18.97 -1.25
N LEU A 278 -13.20 18.88 0.04
CA LEU A 278 -13.98 17.75 0.54
C LEU A 278 -15.42 17.78 0.02
N GLN A 279 -16.03 18.96 0.04
CA GLN A 279 -17.42 19.10 -0.42
C GLN A 279 -17.54 18.87 -1.93
N LYS A 280 -16.52 19.26 -2.68
CA LYS A 280 -16.55 19.04 -4.12
C LYS A 280 -16.38 17.54 -4.35
N ILE A 281 -15.58 16.90 -3.51
CA ILE A 281 -15.36 15.46 -3.62
C ILE A 281 -16.71 14.80 -3.39
N ALA A 282 -17.30 15.10 -2.25
CA ALA A 282 -18.59 14.53 -1.90
C ALA A 282 -19.68 14.71 -2.97
N LYS A 283 -19.88 15.94 -3.44
CA LYS A 283 -20.92 16.21 -4.42
C LYS A 283 -20.58 15.75 -5.83
N GLN A 284 -19.30 15.49 -6.09
CA GLN A 284 -18.90 15.05 -7.42
C GLN A 284 -18.75 13.53 -7.50
N LEU A 285 -18.23 12.93 -6.44
CA LEU A 285 -17.99 11.48 -6.43
C LEU A 285 -18.95 10.65 -5.60
N ASN A 286 -20.17 11.14 -5.43
CA ASN A 286 -21.20 10.42 -4.68
C ASN A 286 -20.91 10.33 -3.19
N ASP A 287 -20.04 11.23 -2.72
CA ASP A 287 -19.67 11.30 -1.30
C ASP A 287 -19.37 9.92 -0.70
N PRO A 288 -18.29 9.27 -1.14
CA PRO A 288 -17.92 7.94 -0.62
C PRO A 288 -17.07 8.12 0.64
N PRO A 289 -16.59 7.01 1.21
CA PRO A 289 -15.75 7.07 2.42
C PRO A 289 -14.41 7.61 1.90
N TYR A 290 -13.91 8.71 2.46
CA TYR A 290 -12.65 9.27 1.98
C TYR A 290 -11.44 8.99 2.86
N ASN A 291 -10.29 9.43 2.36
CA ASN A 291 -9.02 9.28 3.06
C ASN A 291 -8.11 10.48 2.78
N TYR A 292 -7.56 11.05 3.85
CA TYR A 292 -6.62 12.15 3.71
C TYR A 292 -5.65 12.09 4.85
N MET A 293 -4.40 12.48 4.57
CA MET A 293 -3.37 12.45 5.58
C MET A 293 -2.40 13.61 5.43
N ILE A 294 -1.81 13.97 6.56
CA ILE A 294 -0.87 15.07 6.61
C ILE A 294 0.56 14.56 6.46
N HIS A 295 1.22 14.99 5.39
CA HIS A 295 2.58 14.61 5.12
C HIS A 295 3.48 15.77 5.57
N THR A 296 4.16 15.56 6.70
CA THR A 296 5.03 16.58 7.26
C THR A 296 6.46 16.03 7.34
N SER A 297 7.31 16.63 8.17
CA SER A 297 8.69 16.15 8.29
C SER A 297 8.96 15.36 9.57
N PRO A 298 10.09 14.65 9.61
CA PRO A 298 10.36 13.90 10.84
C PRO A 298 10.74 14.90 11.92
N LEU A 299 10.83 14.45 13.16
CA LEU A 299 11.19 15.35 14.24
C LEU A 299 12.67 15.73 14.15
N LYS A 300 13.49 14.76 13.77
CA LYS A 300 14.92 15.00 13.63
C LYS A 300 15.35 15.40 12.23
N VAL A 301 14.45 16.05 11.49
CA VAL A 301 14.79 16.46 10.15
C VAL A 301 15.98 17.43 10.19
N THR A 302 16.90 17.29 9.23
CA THR A 302 18.09 18.15 9.20
C THR A 302 17.87 19.43 8.39
N GLU A 303 18.67 20.44 8.70
CA GLU A 303 18.57 21.73 8.02
C GLU A 303 18.97 21.57 6.56
N SER A 304 19.94 20.71 6.29
CA SER A 304 20.36 20.49 4.91
C SER A 304 19.20 19.97 4.08
N GLN A 305 18.17 19.45 4.76
CA GLN A 305 17.00 18.90 4.09
C GLN A 305 15.89 19.93 3.94
N LEU A 306 15.93 20.95 4.78
CA LEU A 306 14.93 22.02 4.81
C LEU A 306 14.57 22.71 3.48
N PRO A 307 15.53 22.86 2.55
CA PRO A 307 15.19 23.51 1.28
C PRO A 307 14.17 22.73 0.46
N TYR A 308 14.40 21.42 0.29
CA TYR A 308 13.51 20.58 -0.48
C TYR A 308 12.45 19.83 0.32
N THR A 309 12.40 20.09 1.63
CA THR A 309 11.39 19.43 2.46
C THR A 309 10.29 20.45 2.70
N HIS A 310 9.12 20.14 2.18
CA HIS A 310 7.95 21.02 2.23
C HIS A 310 6.72 20.12 2.45
N TRP A 311 5.94 20.40 3.49
CA TRP A 311 4.78 19.56 3.80
C TRP A 311 3.56 19.85 2.95
N PHE A 312 2.55 18.99 3.08
CA PHE A 312 1.29 19.13 2.35
C PHE A 312 0.28 18.10 2.78
N LEU A 313 -0.97 18.35 2.41
CA LEU A 313 -2.04 17.45 2.76
C LEU A 313 -2.54 16.75 1.50
N GLN A 314 -2.71 15.43 1.60
CA GLN A 314 -3.15 14.58 0.49
C GLN A 314 -4.57 14.08 0.75
N ILE A 315 -5.42 14.15 -0.28
CA ILE A 315 -6.80 13.67 -0.18
C ILE A 315 -7.05 12.64 -1.28
N VAL A 316 -7.40 11.42 -0.87
CA VAL A 316 -7.66 10.34 -1.79
C VAL A 316 -9.04 9.74 -1.56
N PRO A 317 -9.93 9.88 -2.53
CA PRO A 317 -11.26 9.30 -2.36
C PRO A 317 -11.07 7.81 -2.63
N GLN A 318 -11.96 6.98 -2.10
CA GLN A 318 -11.84 5.54 -2.29
C GLN A 318 -12.69 5.04 -3.45
N LEU A 319 -12.02 4.73 -4.56
CA LEU A 319 -12.70 4.26 -5.75
C LEU A 319 -11.95 3.07 -6.36
N SER A 320 -10.94 2.60 -5.65
CA SER A 320 -10.15 1.49 -6.16
C SER A 320 -9.73 0.57 -5.02
N GLY A 321 -9.11 -0.56 -5.38
CA GLY A 321 -8.66 -1.53 -4.40
C GLY A 321 -7.37 -2.18 -4.88
N VAL A 322 -6.49 -2.53 -3.95
CA VAL A 322 -5.21 -3.12 -4.32
C VAL A 322 -5.30 -4.52 -4.90
N GLY A 323 -4.68 -4.71 -6.06
CA GLY A 323 -4.67 -6.00 -6.72
C GLY A 323 -3.29 -6.60 -6.58
N GLY A 324 -3.12 -7.81 -7.12
CA GLY A 324 -1.85 -8.51 -7.03
C GLY A 324 -0.68 -7.74 -7.61
N PHE A 325 -0.95 -6.96 -8.66
CA PHE A 325 0.09 -6.17 -9.29
C PHE A 325 0.58 -5.10 -8.32
N GLU A 326 -0.35 -4.55 -7.54
CA GLU A 326 0.02 -3.51 -6.59
C GLU A 326 0.77 -4.08 -5.39
N ILE A 327 0.22 -5.12 -4.78
CA ILE A 327 0.86 -5.71 -3.60
C ILE A 327 2.26 -6.23 -3.92
N GLY A 328 2.48 -6.59 -5.18
CA GLY A 328 3.78 -7.09 -5.58
C GLY A 328 4.80 -6.04 -6.01
N THR A 329 4.38 -5.06 -6.80
CA THR A 329 5.34 -4.06 -7.27
C THR A 329 5.59 -2.88 -6.36
N GLY A 330 4.55 -2.40 -5.69
CA GLY A 330 4.72 -1.23 -4.84
C GLY A 330 4.46 -0.06 -5.79
N CYS A 331 3.91 -0.40 -6.94
CA CYS A 331 3.57 0.56 -7.98
C CYS A 331 2.07 0.49 -8.20
N TYR A 332 1.46 1.58 -8.66
CA TYR A 332 0.03 1.64 -8.88
C TYR A 332 -0.37 1.99 -10.30
N ILE A 333 -1.67 1.89 -10.55
CA ILE A 333 -2.24 2.20 -11.85
C ILE A 333 -3.47 3.08 -11.65
N ASN A 334 -3.36 4.33 -12.11
CA ASN A 334 -4.45 5.28 -12.00
C ASN A 334 -5.19 5.32 -13.33
N PRO A 335 -6.52 5.21 -13.28
CA PRO A 335 -7.36 5.23 -14.48
C PRO A 335 -7.62 6.62 -15.06
N VAL A 336 -7.36 7.66 -14.27
CA VAL A 336 -7.60 9.03 -14.74
C VAL A 336 -6.38 9.96 -14.61
N PHE A 337 -6.31 10.97 -15.47
CA PHE A 337 -5.22 11.93 -15.41
C PHE A 337 -5.63 13.14 -14.58
N PRO A 338 -4.67 13.72 -13.82
CA PRO A 338 -4.99 14.89 -12.99
C PRO A 338 -5.61 16.02 -13.82
N GLU A 339 -5.00 16.33 -14.97
CA GLU A 339 -5.52 17.37 -15.85
C GLU A 339 -7.05 17.29 -15.94
N ASP A 340 -7.55 16.08 -16.16
CA ASP A 340 -8.99 15.90 -16.28
C ASP A 340 -9.66 15.96 -14.91
N VAL A 341 -9.17 15.20 -13.95
CA VAL A 341 -9.78 15.25 -12.62
C VAL A 341 -9.88 16.72 -12.20
N ALA A 342 -8.88 17.50 -12.60
CA ALA A 342 -8.79 18.92 -12.29
C ALA A 342 -9.95 19.75 -12.86
N LYS A 343 -10.35 19.48 -14.10
CA LYS A 343 -11.45 20.24 -14.70
C LYS A 343 -12.74 19.90 -13.96
N VAL A 344 -12.97 18.62 -13.73
CA VAL A 344 -14.16 18.13 -13.06
C VAL A 344 -14.48 18.88 -11.77
N MET A 345 -13.52 18.91 -10.85
CA MET A 345 -13.71 19.60 -9.58
C MET A 345 -13.65 21.10 -9.80
N ARG A 346 -12.92 21.52 -10.83
CA ARG A 346 -12.80 22.94 -11.15
C ARG A 346 -14.14 23.49 -11.63
N GLU A 347 -14.95 22.63 -12.25
CA GLU A 347 -16.25 23.04 -12.77
C GLU A 347 -17.42 22.58 -11.91
N VAL A 348 -17.21 21.56 -11.09
CA VAL A 348 -18.27 21.06 -10.22
C VAL A 348 -18.88 22.24 -9.47
N SER A 349 -20.20 22.22 -9.29
CA SER A 349 -20.89 23.30 -8.59
C SER A 349 -21.68 22.84 -7.36
N LEU A 350 -21.59 23.61 -6.29
CA LEU A 350 -22.28 23.31 -5.05
C LEU A 350 -23.63 24.01 -4.96
N THR A 351 -24.15 24.47 -6.09
CA THR A 351 -25.44 25.18 -6.13
C THR A 351 -26.58 24.21 -5.87
N GLN B 21 -1.04 -10.36 22.25
CA GLN B 21 0.29 -9.95 22.77
C GLN B 21 0.46 -8.41 22.74
N SER B 22 1.51 -7.93 23.41
CA SER B 22 1.81 -6.51 23.49
C SER B 22 2.38 -5.98 22.18
N PRO B 23 2.13 -4.70 21.88
CA PRO B 23 2.61 -4.06 20.65
C PRO B 23 4.09 -4.31 20.39
N GLU B 24 4.46 -4.34 19.11
CA GLU B 24 5.85 -4.56 18.73
C GLU B 24 6.08 -4.23 17.25
N LEU B 25 7.30 -3.81 16.93
CA LEU B 25 7.70 -3.49 15.56
C LEU B 25 8.71 -4.52 15.06
N ARG B 26 8.47 -5.09 13.89
CA ARG B 26 9.40 -6.07 13.33
C ARG B 26 9.81 -5.64 11.93
N LYS B 27 10.89 -6.23 11.42
CA LYS B 27 11.41 -5.87 10.10
C LYS B 27 12.12 -7.05 9.44
N ASP B 28 12.23 -6.99 8.12
CA ASP B 28 12.92 -8.04 7.38
C ASP B 28 13.72 -7.40 6.24
N PRO B 29 14.92 -7.93 5.97
CA PRO B 29 15.78 -7.40 4.90
C PRO B 29 15.19 -7.62 3.50
N VAL B 30 14.02 -8.26 3.44
CA VAL B 30 13.34 -8.51 2.17
C VAL B 30 12.31 -7.42 1.91
N THR B 31 11.64 -6.97 2.97
CA THR B 31 10.66 -5.91 2.84
C THR B 31 11.29 -4.57 3.11
N ASN B 32 12.23 -4.57 4.05
CA ASN B 32 12.95 -3.38 4.48
C ASN B 32 12.02 -2.26 4.94
N ARG B 33 10.89 -2.63 5.53
CA ARG B 33 9.93 -1.64 6.03
C ARG B 33 9.31 -2.07 7.34
N TRP B 34 9.30 -1.16 8.31
CA TRP B 34 8.75 -1.48 9.62
C TRP B 34 7.26 -1.80 9.57
N VAL B 35 6.89 -2.88 10.25
CA VAL B 35 5.50 -3.28 10.38
C VAL B 35 5.12 -3.26 11.87
N ILE B 36 3.87 -2.92 12.14
CA ILE B 36 3.40 -2.89 13.50
C ILE B 36 2.48 -4.07 13.72
N PHE B 37 2.80 -4.88 14.71
CA PHE B 37 1.99 -6.03 15.06
C PHE B 37 1.23 -5.55 16.29
N SER B 38 -0.07 -5.71 16.28
CA SER B 38 -0.88 -5.30 17.41
C SER B 38 -2.23 -6.03 17.38
N PRO B 39 -2.35 -7.10 18.17
CA PRO B 39 -3.58 -7.88 18.22
C PRO B 39 -4.62 -7.34 19.18
N THR B 46 -7.02 -20.83 13.86
CA THR B 46 -8.29 -20.42 14.45
C THR B 46 -8.15 -19.04 15.07
N ASP B 47 -6.91 -18.67 15.36
CA ASP B 47 -6.63 -17.38 15.98
C ASP B 47 -7.44 -16.30 15.28
N PHE B 48 -7.61 -16.46 13.96
CA PHE B 48 -8.37 -15.50 13.16
C PHE B 48 -9.27 -16.19 12.12
N LYS B 49 -10.06 -15.37 11.43
CA LYS B 49 -10.98 -15.86 10.41
C LYS B 49 -11.18 -14.80 9.32
N SER B 50 -11.95 -15.15 8.30
CA SER B 50 -12.25 -14.26 7.18
C SER B 50 -12.55 -12.84 7.60
N SER B 62 -21.42 -18.96 -19.65
CA SER B 62 -20.42 -19.09 -18.60
C SER B 62 -19.36 -17.98 -18.68
N CYS B 63 -18.43 -18.09 -19.62
CA CYS B 63 -17.38 -17.08 -19.74
C CYS B 63 -16.50 -17.22 -20.99
N PRO B 64 -16.01 -16.09 -21.50
CA PRO B 64 -15.14 -16.09 -22.69
C PRO B 64 -13.92 -16.98 -22.58
N PHE B 65 -13.36 -17.11 -21.38
CA PHE B 65 -12.18 -17.95 -21.18
C PHE B 65 -12.41 -19.42 -21.47
N CYS B 66 -13.68 -19.84 -21.43
CA CYS B 66 -14.01 -21.23 -21.70
C CYS B 66 -13.57 -21.66 -23.09
N ILE B 67 -13.36 -22.97 -23.28
CA ILE B 67 -12.94 -23.51 -24.56
C ILE B 67 -13.96 -23.16 -25.64
N GLU B 72 -12.79 -15.27 -29.66
CA GLU B 72 -13.72 -14.56 -28.77
C GLU B 72 -12.95 -13.75 -27.72
N CYS B 73 -11.66 -13.56 -27.94
CA CYS B 73 -10.84 -12.82 -27.00
C CYS B 73 -9.74 -12.04 -27.71
N ALA B 74 -8.58 -11.97 -27.06
CA ALA B 74 -7.42 -11.28 -27.59
C ALA B 74 -6.40 -12.30 -28.09
N PRO B 75 -5.49 -11.86 -28.99
CA PRO B 75 -4.44 -12.68 -29.58
C PRO B 75 -3.77 -13.65 -28.61
N GLU B 76 -3.68 -14.90 -29.01
CA GLU B 76 -3.03 -15.93 -28.20
C GLU B 76 -1.52 -15.91 -28.37
N LEU B 77 -0.78 -16.15 -27.30
CA LEU B 77 0.67 -16.17 -27.39
C LEU B 77 1.02 -17.63 -27.67
N PHE B 78 0.63 -18.49 -26.75
CA PHE B 78 0.84 -19.92 -26.90
C PHE B 78 -0.13 -20.64 -25.98
N ARG B 79 0.00 -21.95 -25.90
CA ARG B 79 -0.87 -22.75 -25.04
C ARG B 79 -0.12 -24.01 -24.66
N VAL B 80 -0.76 -24.88 -23.89
CA VAL B 80 -0.14 -26.11 -23.46
C VAL B 80 -1.17 -27.23 -23.38
N PRO B 81 -0.95 -28.34 -24.11
CA PRO B 81 0.20 -28.60 -24.99
C PRO B 81 0.20 -27.68 -26.20
N ASP B 82 1.33 -27.59 -26.89
CA ASP B 82 1.45 -26.73 -28.07
C ASP B 82 0.33 -26.99 -29.05
N HIS B 83 0.03 -25.99 -29.88
CA HIS B 83 -1.02 -26.07 -30.89
C HIS B 83 -1.88 -27.31 -30.72
N ASP B 84 -2.83 -27.24 -29.79
CA ASP B 84 -3.71 -28.36 -29.52
C ASP B 84 -5.06 -27.94 -28.97
N PRO B 85 -6.15 -28.25 -29.70
CA PRO B 85 -7.52 -27.92 -29.32
C PRO B 85 -7.88 -28.30 -27.88
N ASN B 86 -7.41 -29.45 -27.42
CA ASN B 86 -7.68 -29.89 -26.05
C ASN B 86 -6.57 -29.37 -25.15
N TRP B 87 -6.62 -28.06 -24.90
CA TRP B 87 -5.62 -27.37 -24.09
C TRP B 87 -5.84 -27.35 -22.58
N LYS B 88 -4.75 -27.53 -21.85
CA LYS B 88 -4.79 -27.49 -20.38
C LYS B 88 -4.71 -26.03 -19.94
N LEU B 89 -3.80 -25.28 -20.57
CA LEU B 89 -3.61 -23.87 -20.25
C LEU B 89 -3.21 -23.10 -21.50
N ARG B 90 -3.23 -21.78 -21.39
CA ARG B 90 -2.83 -20.89 -22.47
C ARG B 90 -2.59 -19.47 -21.97
N VAL B 91 -1.83 -18.68 -22.73
CA VAL B 91 -1.55 -17.32 -22.34
C VAL B 91 -1.85 -16.41 -23.52
N ILE B 92 -2.64 -15.38 -23.26
CA ILE B 92 -3.03 -14.45 -24.30
C ILE B 92 -2.72 -13.01 -23.93
N GLU B 93 -2.89 -12.11 -24.89
CA GLU B 93 -2.67 -10.70 -24.66
C GLU B 93 -3.84 -10.23 -23.83
N ASN B 94 -3.65 -9.15 -23.07
CA ASN B 94 -4.73 -8.61 -22.27
C ASN B 94 -5.41 -7.59 -23.18
N LEU B 95 -6.66 -7.85 -23.53
CA LEU B 95 -7.42 -6.98 -24.42
C LEU B 95 -7.39 -5.49 -24.04
N TYR B 96 -7.27 -5.22 -22.74
CA TYR B 96 -7.20 -3.85 -22.21
C TYR B 96 -5.94 -3.77 -21.36
N PRO B 97 -4.76 -3.69 -22.00
CA PRO B 97 -3.46 -3.62 -21.34
C PRO B 97 -3.15 -2.42 -20.46
N ALA B 98 -2.53 -2.68 -19.30
CA ALA B 98 -2.14 -1.60 -18.41
C ALA B 98 -0.97 -0.93 -19.14
N LEU B 99 -0.12 -1.74 -19.75
CA LEU B 99 1.03 -1.25 -20.52
C LEU B 99 0.97 -1.85 -21.93
N SER B 100 0.77 -0.99 -22.93
CA SER B 100 0.66 -1.40 -24.33
C SER B 100 1.96 -1.92 -24.92
N ARG B 101 1.91 -3.16 -25.42
CA ARG B 101 3.09 -3.77 -26.01
C ARG B 101 3.41 -3.17 -27.39
N ASN B 102 2.62 -2.19 -27.82
CA ASN B 102 2.84 -1.55 -29.11
C ASN B 102 3.43 -0.15 -29.02
N LEU B 103 4.29 0.07 -28.03
CA LEU B 103 4.92 1.36 -27.82
C LEU B 103 6.43 1.24 -27.56
N GLU B 104 7.02 0.13 -27.98
CA GLU B 104 8.45 -0.14 -27.79
C GLU B 104 9.34 1.10 -27.67
N THR B 105 10.28 1.05 -26.74
CA THR B 105 11.20 2.15 -26.54
C THR B 105 12.14 1.88 -25.37
N ARG B 116 10.51 13.40 -17.13
CA ARG B 116 9.64 13.32 -15.97
C ARG B 116 8.64 12.17 -16.10
N THR B 117 8.45 11.70 -17.32
CA THR B 117 7.54 10.59 -17.58
C THR B 117 8.13 9.64 -18.61
N ILE B 118 7.40 8.55 -18.89
CA ILE B 118 7.81 7.56 -19.86
C ILE B 118 6.56 6.97 -20.51
N VAL B 119 6.67 6.57 -21.78
CA VAL B 119 5.54 6.00 -22.49
C VAL B 119 5.12 4.68 -21.84
N GLY B 120 3.82 4.54 -21.59
CA GLY B 120 3.28 3.35 -20.95
C GLY B 120 3.44 2.07 -21.76
N PHE B 121 4.70 1.67 -21.95
CA PHE B 121 5.01 0.47 -22.70
C PHE B 121 5.31 -0.71 -21.80
N GLY B 122 4.98 -1.91 -22.28
CA GLY B 122 5.23 -3.12 -21.52
C GLY B 122 4.27 -4.24 -21.90
N PHE B 123 4.53 -5.44 -21.41
CA PHE B 123 3.67 -6.58 -21.71
C PHE B 123 2.74 -6.93 -20.54
N HIS B 124 1.54 -7.35 -20.89
CA HIS B 124 0.53 -7.78 -19.93
C HIS B 124 -0.12 -9.03 -20.50
N ASP B 125 0.37 -10.18 -20.07
CA ASP B 125 -0.16 -11.43 -20.56
C ASP B 125 -1.33 -11.92 -19.70
N VAL B 126 -2.09 -12.85 -20.25
CA VAL B 126 -3.23 -13.43 -19.53
C VAL B 126 -3.11 -14.94 -19.63
N VAL B 127 -2.75 -15.56 -18.52
CA VAL B 127 -2.61 -17.00 -18.46
C VAL B 127 -3.93 -17.63 -18.02
N ILE B 128 -4.18 -18.84 -18.50
CA ILE B 128 -5.40 -19.57 -18.12
C ILE B 128 -4.93 -20.88 -17.49
N GLU B 129 -5.35 -21.10 -16.25
CA GLU B 129 -4.95 -22.28 -15.49
C GLU B 129 -5.71 -23.57 -15.73
N SER B 130 -6.78 -23.52 -16.51
CA SER B 130 -7.57 -24.70 -16.83
C SER B 130 -8.74 -24.38 -17.75
N PRO B 131 -9.24 -25.40 -18.48
CA PRO B 131 -10.36 -25.28 -19.41
C PRO B 131 -11.69 -25.14 -18.65
N VAL B 132 -11.81 -25.89 -17.55
CA VAL B 132 -13.01 -25.88 -16.73
C VAL B 132 -13.20 -24.54 -16.03
N HIS B 133 -14.31 -23.88 -16.33
CA HIS B 133 -14.64 -22.57 -15.76
C HIS B 133 -15.00 -22.58 -14.27
N SER B 134 -15.65 -23.65 -13.82
CA SER B 134 -16.07 -23.76 -12.43
C SER B 134 -14.95 -24.11 -11.45
N ILE B 135 -13.80 -24.52 -11.97
CA ILE B 135 -12.68 -24.91 -11.12
C ILE B 135 -11.74 -23.78 -10.72
N GLN B 136 -11.35 -23.77 -9.44
CA GLN B 136 -10.43 -22.77 -8.93
C GLN B 136 -9.04 -23.32 -9.16
N LEU B 137 -8.03 -22.44 -9.21
CA LEU B 137 -6.66 -22.90 -9.41
C LEU B 137 -6.29 -23.83 -8.28
N SER B 138 -6.90 -23.62 -7.12
CA SER B 138 -6.64 -24.44 -5.96
C SER B 138 -7.21 -25.85 -6.13
N ASP B 139 -8.26 -25.99 -6.93
CA ASP B 139 -8.86 -27.31 -7.16
C ASP B 139 -7.92 -28.19 -8.00
N ILE B 140 -6.99 -27.56 -8.71
CA ILE B 140 -6.05 -28.31 -9.55
C ILE B 140 -5.00 -29.05 -8.72
N ASP B 141 -4.50 -30.17 -9.23
CA ASP B 141 -3.51 -30.94 -8.51
C ASP B 141 -2.10 -30.54 -8.91
N PRO B 142 -1.09 -30.96 -8.14
CA PRO B 142 0.31 -30.64 -8.41
C PRO B 142 0.71 -30.46 -9.87
N VAL B 143 1.07 -31.57 -10.53
CA VAL B 143 1.50 -31.54 -11.92
C VAL B 143 0.80 -30.49 -12.76
N GLY B 144 -0.51 -30.35 -12.58
CA GLY B 144 -1.27 -29.37 -13.33
C GLY B 144 -0.88 -27.94 -13.04
N ILE B 145 -0.55 -27.67 -11.77
CA ILE B 145 -0.15 -26.33 -11.37
C ILE B 145 1.25 -26.10 -11.93
N GLY B 146 2.06 -27.15 -11.89
CA GLY B 146 3.42 -27.06 -12.41
C GLY B 146 3.31 -26.56 -13.84
N ASP B 147 2.32 -27.08 -14.56
CA ASP B 147 2.08 -26.66 -15.93
C ASP B 147 1.95 -25.14 -15.96
N ILE B 148 1.21 -24.59 -14.99
CA ILE B 148 1.01 -23.15 -14.89
C ILE B 148 2.36 -22.50 -14.60
N LEU B 149 3.03 -23.02 -13.58
CA LEU B 149 4.34 -22.51 -13.18
C LEU B 149 5.38 -22.61 -14.29
N ILE B 150 5.16 -23.53 -15.24
CA ILE B 150 6.08 -23.68 -16.37
C ILE B 150 5.76 -22.62 -17.42
N ALA B 151 4.47 -22.41 -17.66
CA ALA B 151 4.07 -21.41 -18.64
C ALA B 151 4.65 -20.02 -18.28
N TYR B 152 4.71 -19.71 -16.98
CA TYR B 152 5.26 -18.44 -16.52
C TYR B 152 6.70 -18.34 -17.03
N LYS B 153 7.54 -19.23 -16.53
CA LYS B 153 8.94 -19.30 -16.91
C LYS B 153 9.09 -19.07 -18.41
N LYS B 154 8.32 -19.83 -19.18
CA LYS B 154 8.33 -19.73 -20.63
C LYS B 154 8.20 -18.29 -21.06
N ARG B 155 7.01 -17.73 -20.88
CA ARG B 155 6.73 -16.35 -21.25
C ARG B 155 7.75 -15.34 -20.69
N ILE B 156 8.25 -15.62 -19.50
CA ILE B 156 9.24 -14.75 -18.87
C ILE B 156 10.47 -14.74 -19.76
N ASN B 157 10.83 -15.90 -20.30
CA ASN B 157 11.99 -16.01 -21.16
C ASN B 157 11.82 -15.22 -22.46
N GLN B 158 10.65 -15.32 -23.06
CA GLN B 158 10.41 -14.58 -24.29
C GLN B 158 10.53 -13.09 -23.98
N ILE B 159 9.96 -12.69 -22.85
CA ILE B 159 9.99 -11.30 -22.46
C ILE B 159 11.40 -10.81 -22.19
N ALA B 160 12.17 -11.62 -21.47
CA ALA B 160 13.55 -11.26 -21.14
C ALA B 160 14.33 -10.82 -22.38
N GLN B 161 14.02 -11.41 -23.53
CA GLN B 161 14.70 -11.09 -24.77
C GLN B 161 14.72 -9.59 -25.08
N HIS B 162 13.79 -8.85 -24.48
CA HIS B 162 13.72 -7.41 -24.69
C HIS B 162 14.58 -6.66 -23.69
N ASP B 163 15.46 -5.80 -24.18
CA ASP B 163 16.34 -5.04 -23.32
C ASP B 163 15.58 -3.99 -22.51
N SER B 164 14.40 -3.61 -22.99
CA SER B 164 13.59 -2.62 -22.30
C SER B 164 12.99 -3.14 -21.00
N ILE B 165 12.30 -4.27 -21.07
CA ILE B 165 11.70 -4.86 -19.88
C ILE B 165 12.69 -4.80 -18.72
N ASN B 166 12.27 -4.25 -17.60
CA ASN B 166 13.13 -4.14 -16.42
C ASN B 166 12.75 -5.09 -15.30
N TYR B 167 11.45 -5.34 -15.13
CA TYR B 167 10.97 -6.26 -14.09
C TYR B 167 9.73 -7.01 -14.55
N ILE B 168 9.63 -8.28 -14.15
CA ILE B 168 8.46 -9.09 -14.49
C ILE B 168 7.72 -9.41 -13.19
N GLN B 169 6.39 -9.29 -13.23
CA GLN B 169 5.59 -9.55 -12.04
C GLN B 169 4.43 -10.53 -12.29
N VAL B 170 4.55 -11.77 -11.80
CA VAL B 170 3.50 -12.75 -11.98
C VAL B 170 2.52 -12.58 -10.81
N PHE B 171 1.24 -12.43 -11.13
CA PHE B 171 0.25 -12.21 -10.08
C PHE B 171 -1.16 -12.71 -10.42
N LYS B 172 -1.77 -13.39 -9.45
CA LYS B 172 -3.13 -13.91 -9.62
C LYS B 172 -4.10 -13.28 -8.64
N ASN B 173 -5.26 -12.90 -9.14
CA ASN B 173 -6.30 -12.30 -8.32
C ASN B 173 -7.36 -13.35 -8.02
N GLN B 174 -7.44 -13.75 -6.76
CA GLN B 174 -8.42 -14.74 -6.34
C GLN B 174 -9.53 -14.07 -5.55
N GLY B 175 -10.64 -13.79 -6.23
CA GLY B 175 -11.78 -13.15 -5.59
C GLY B 175 -12.00 -11.76 -6.14
N ALA B 176 -13.25 -11.41 -6.36
CA ALA B 176 -13.58 -10.09 -6.88
C ALA B 176 -12.96 -8.96 -6.05
N SER B 177 -13.22 -8.97 -4.75
CA SER B 177 -12.69 -7.93 -3.86
C SER B 177 -11.16 -7.90 -3.80
N ALA B 178 -10.54 -8.88 -4.45
CA ALA B 178 -9.08 -8.94 -4.48
C ALA B 178 -8.61 -8.61 -5.90
N GLY B 179 -9.56 -8.41 -6.81
CA GLY B 179 -9.21 -8.09 -8.17
C GLY B 179 -9.47 -9.22 -9.15
N ALA B 180 -10.32 -10.16 -8.77
CA ALA B 180 -10.66 -11.27 -9.64
C ALA B 180 -12.04 -11.03 -10.25
N SER B 181 -12.07 -10.20 -11.28
CA SER B 181 -13.31 -9.87 -11.97
C SER B 181 -13.93 -11.10 -12.62
N MET B 182 -13.08 -11.99 -13.13
CA MET B 182 -13.55 -13.20 -13.80
C MET B 182 -13.40 -14.45 -12.95
N SER B 183 -14.42 -15.31 -13.02
CA SER B 183 -14.46 -16.54 -12.26
C SER B 183 -13.50 -17.60 -12.78
N HIS B 184 -13.41 -17.72 -14.11
CA HIS B 184 -12.52 -18.69 -14.74
C HIS B 184 -11.14 -18.49 -14.12
N SER B 185 -10.58 -19.54 -13.53
CA SER B 185 -9.28 -19.46 -12.90
C SER B 185 -8.24 -18.86 -13.86
N HIS B 186 -7.61 -17.76 -13.45
CA HIS B 186 -6.62 -17.12 -14.30
C HIS B 186 -5.70 -16.17 -13.55
N SER B 187 -4.47 -16.06 -14.05
CA SER B 187 -3.46 -15.17 -13.48
C SER B 187 -2.99 -14.22 -14.59
N GLN B 188 -2.01 -13.38 -14.28
CA GLN B 188 -1.52 -12.42 -15.25
C GLN B 188 -0.05 -12.10 -15.06
N MET B 189 0.53 -11.53 -16.11
CA MET B 189 1.93 -11.15 -16.11
C MET B 189 2.06 -9.73 -16.60
N MET B 190 2.85 -8.94 -15.88
CA MET B 190 3.10 -7.55 -16.22
C MET B 190 4.61 -7.30 -16.21
N ALA B 191 5.15 -6.99 -17.39
CA ALA B 191 6.58 -6.69 -17.54
C ALA B 191 6.71 -5.18 -17.58
N LEU B 192 7.38 -4.62 -16.58
CA LEU B 192 7.52 -3.17 -16.48
C LEU B 192 8.85 -2.63 -16.99
N PRO B 193 8.84 -1.39 -17.53
CA PRO B 193 10.01 -0.69 -18.05
C PRO B 193 10.69 0.06 -16.90
N VAL B 194 10.62 -0.52 -15.69
CA VAL B 194 11.24 0.10 -14.51
C VAL B 194 11.50 -0.93 -13.41
N VAL B 195 12.03 -0.43 -12.30
CA VAL B 195 12.29 -1.29 -11.15
C VAL B 195 11.36 -0.83 -10.03
N PRO B 196 10.20 -1.49 -9.89
CA PRO B 196 9.16 -1.23 -8.90
C PRO B 196 9.70 -1.08 -7.49
N PRO B 197 9.01 -0.29 -6.64
CA PRO B 197 9.40 -0.05 -5.24
C PRO B 197 9.73 -1.29 -4.40
N THR B 198 8.84 -2.28 -4.38
CA THR B 198 9.09 -3.46 -3.58
C THR B 198 10.38 -4.17 -3.99
N VAL B 199 10.86 -3.91 -5.21
CA VAL B 199 12.09 -4.54 -5.68
C VAL B 199 13.30 -3.70 -5.30
N SER B 200 13.17 -2.39 -5.45
CA SER B 200 14.23 -1.48 -5.07
C SER B 200 14.46 -1.62 -3.57
N SER B 201 13.37 -1.71 -2.80
CA SER B 201 13.46 -1.87 -1.35
C SER B 201 14.15 -3.17 -0.95
N ARG B 202 13.67 -4.27 -1.52
CA ARG B 202 14.20 -5.59 -1.25
C ARG B 202 15.71 -5.67 -1.55
N LEU B 203 16.11 -5.21 -2.73
CA LEU B 203 17.52 -5.21 -3.08
C LEU B 203 18.33 -4.46 -2.01
N ASP B 204 17.84 -3.29 -1.61
CA ASP B 204 18.54 -2.52 -0.60
C ASP B 204 18.63 -3.30 0.72
N GLY B 205 17.48 -3.70 1.27
CA GLY B 205 17.46 -4.44 2.52
C GLY B 205 18.24 -5.74 2.53
N THR B 206 18.14 -6.51 1.46
CA THR B 206 18.87 -7.78 1.39
C THR B 206 20.37 -7.48 1.29
N LYS B 207 20.71 -6.30 0.77
CA LYS B 207 22.11 -5.94 0.65
C LYS B 207 22.67 -5.50 1.99
N ASP B 208 21.87 -4.75 2.75
CA ASP B 208 22.32 -4.28 4.06
C ASP B 208 22.56 -5.49 4.94
N TYR B 209 21.61 -6.42 4.97
CA TYR B 209 21.77 -7.60 5.79
C TYR B 209 22.98 -8.42 5.36
N PHE B 210 23.15 -8.60 4.05
CA PHE B 210 24.29 -9.37 3.54
C PHE B 210 25.63 -8.72 3.80
N GLU B 211 25.64 -7.40 3.95
CA GLU B 211 26.89 -6.69 4.21
C GLU B 211 27.31 -6.82 5.66
N GLU B 212 26.49 -6.29 6.56
CA GLU B 212 26.79 -6.33 7.98
C GLU B 212 26.90 -7.75 8.52
N THR B 213 26.07 -8.66 8.01
CA THR B 213 26.07 -10.04 8.47
C THR B 213 26.90 -10.97 7.59
N GLY B 214 26.92 -10.70 6.30
CA GLY B 214 27.67 -11.56 5.40
C GLY B 214 26.87 -12.81 5.13
N LYS B 215 25.55 -12.74 5.31
CA LYS B 215 24.69 -13.88 5.07
C LYS B 215 23.52 -13.55 4.13
N CYS B 216 22.93 -14.59 3.57
CA CYS B 216 21.81 -14.41 2.64
C CYS B 216 20.49 -14.19 3.35
N CYS B 217 19.61 -13.43 2.69
CA CYS B 217 18.30 -13.13 3.22
C CYS B 217 17.43 -14.37 3.46
N LEU B 218 16.86 -14.90 2.39
CA LEU B 218 15.98 -16.06 2.51
C LEU B 218 16.62 -17.42 2.78
N CYS B 219 17.95 -17.48 2.87
CA CYS B 219 18.59 -18.75 3.16
C CYS B 219 18.27 -19.06 4.62
N GLU B 220 18.59 -18.11 5.50
CA GLU B 220 18.32 -18.31 6.92
C GLU B 220 16.82 -18.23 7.22
N ALA B 221 16.00 -18.71 6.28
CA ALA B 221 14.54 -18.68 6.44
C ALA B 221 14.05 -19.52 7.62
N LYS B 222 14.68 -20.66 7.83
CA LYS B 222 14.33 -21.58 8.92
C LYS B 222 14.69 -21.00 10.28
N SER B 223 15.58 -20.02 10.30
CA SER B 223 16.02 -19.42 11.56
C SER B 223 15.45 -18.04 11.84
N LYS B 224 15.05 -17.34 10.79
CA LYS B 224 14.50 -15.99 10.96
C LYS B 224 12.98 -15.99 10.84
N HIS B 225 12.41 -17.11 10.39
CA HIS B 225 10.96 -17.18 10.22
C HIS B 225 10.27 -18.35 10.93
N PHE B 226 9.00 -18.55 10.60
CA PHE B 226 8.18 -19.60 11.20
C PHE B 226 7.65 -20.57 10.14
N VAL B 227 8.21 -21.77 10.13
CA VAL B 227 7.83 -22.79 9.17
C VAL B 227 6.42 -23.38 9.36
N ILE B 228 5.78 -23.67 8.24
CA ILE B 228 4.44 -24.24 8.20
C ILE B 228 4.52 -25.63 7.58
N ASP B 229 4.51 -25.68 6.25
CA ASP B 229 4.63 -26.94 5.53
C ASP B 229 5.96 -26.97 4.80
N GLU B 230 6.23 -28.07 4.11
CA GLU B 230 7.48 -28.23 3.39
C GLU B 230 7.38 -29.35 2.35
N SER B 231 8.07 -29.17 1.23
CA SER B 231 8.10 -30.15 0.16
C SER B 231 9.57 -30.47 -0.09
N SER B 232 9.87 -31.08 -1.21
CA SER B 232 11.25 -31.44 -1.54
C SER B 232 12.10 -30.24 -1.93
N HIS B 233 11.61 -29.46 -2.87
CA HIS B 233 12.35 -28.30 -3.34
C HIS B 233 11.73 -26.97 -2.93
N PHE B 234 10.87 -27.00 -1.92
CA PHE B 234 10.25 -25.78 -1.43
C PHE B 234 9.83 -25.88 0.04
N VAL B 235 9.59 -24.71 0.63
CA VAL B 235 9.16 -24.61 2.02
C VAL B 235 8.21 -23.42 2.19
N SER B 236 7.29 -23.49 3.14
CA SER B 236 6.35 -22.40 3.40
C SER B 236 6.54 -21.88 4.82
N VAL B 237 6.36 -20.57 4.99
CA VAL B 237 6.55 -19.97 6.32
C VAL B 237 5.58 -18.83 6.60
N ALA B 238 5.52 -18.46 7.87
CA ALA B 238 4.71 -17.33 8.33
C ALA B 238 5.84 -16.33 8.50
N PRO B 239 5.92 -15.34 7.59
CA PRO B 239 6.99 -14.34 7.68
C PRO B 239 7.07 -13.61 9.01
N PHE B 240 8.29 -13.42 9.47
CA PHE B 240 8.58 -12.76 10.73
C PHE B 240 7.91 -11.39 10.86
N ALA B 241 8.22 -10.50 9.93
CA ALA B 241 7.65 -9.15 9.95
C ALA B 241 6.59 -9.03 8.86
N ALA B 242 5.77 -10.07 8.74
CA ALA B 242 4.71 -10.09 7.75
C ALA B 242 3.91 -8.79 7.71
N THR B 243 3.69 -8.29 6.50
CA THR B 243 2.94 -7.07 6.28
C THR B 243 1.46 -7.29 6.61
N TYR B 244 0.94 -8.46 6.23
CA TYR B 244 -0.47 -8.79 6.39
C TYR B 244 -0.72 -9.97 7.31
N PRO B 245 -1.84 -9.96 8.04
CA PRO B 245 -2.15 -11.07 8.94
C PRO B 245 -2.33 -12.34 8.12
N PHE B 246 -1.66 -13.42 8.56
CA PHE B 246 -1.72 -14.70 7.87
C PHE B 246 -1.07 -14.69 6.49
N GLU B 247 -0.04 -13.85 6.35
CA GLU B 247 0.71 -13.74 5.11
C GLU B 247 1.56 -15.00 5.02
N ILE B 248 1.69 -15.56 3.82
CA ILE B 248 2.48 -16.76 3.67
C ILE B 248 3.50 -16.66 2.55
N TRP B 249 4.75 -16.99 2.88
CA TRP B 249 5.84 -16.99 1.89
C TRP B 249 6.25 -18.45 1.58
N ILE B 250 6.48 -18.72 0.31
CA ILE B 250 6.95 -20.03 -0.12
C ILE B 250 8.31 -19.73 -0.72
N ILE B 251 9.34 -20.11 0.01
CA ILE B 251 10.73 -19.85 -0.38
C ILE B 251 11.43 -21.03 -1.05
N PRO B 252 11.97 -20.82 -2.26
CA PRO B 252 12.65 -21.95 -2.89
C PRO B 252 13.85 -22.26 -2.00
N LYS B 253 14.24 -23.53 -1.92
CA LYS B 253 15.39 -23.89 -1.08
C LYS B 253 16.72 -23.77 -1.83
N ASP B 254 16.66 -23.83 -3.15
CA ASP B 254 17.86 -23.71 -3.96
C ASP B 254 18.16 -22.24 -4.25
N HIS B 255 18.79 -21.57 -3.28
CA HIS B 255 19.14 -20.16 -3.43
C HIS B 255 19.30 -19.78 -4.90
N SER B 256 18.25 -19.21 -5.48
CA SER B 256 18.28 -18.78 -6.86
C SER B 256 17.70 -17.37 -6.92
N SER B 257 18.35 -16.49 -7.65
CA SER B 257 17.90 -15.11 -7.77
C SER B 257 16.76 -14.98 -8.78
N HIS B 258 16.58 -16.00 -9.61
CA HIS B 258 15.53 -15.94 -10.62
C HIS B 258 14.50 -17.04 -10.51
N PHE B 259 13.23 -16.65 -10.62
CA PHE B 259 12.15 -17.60 -10.55
C PHE B 259 12.08 -18.45 -11.82
N HIS B 260 12.42 -17.86 -12.96
CA HIS B 260 12.35 -18.59 -14.22
C HIS B 260 13.43 -19.65 -14.42
N HIS B 261 14.37 -19.75 -13.48
CA HIS B 261 15.41 -20.76 -13.57
C HIS B 261 14.83 -22.08 -13.09
N LEU B 262 13.62 -22.03 -12.54
CA LEU B 262 12.96 -23.23 -12.04
C LEU B 262 12.68 -24.23 -13.17
N ASP B 263 12.84 -25.51 -12.87
CA ASP B 263 12.61 -26.57 -13.85
C ASP B 263 11.39 -27.41 -13.49
N ASP B 264 10.91 -28.19 -14.46
CA ASP B 264 9.74 -29.03 -14.28
C ASP B 264 9.69 -29.89 -13.00
N VAL B 265 10.84 -30.25 -12.45
CA VAL B 265 10.82 -31.04 -11.22
C VAL B 265 10.18 -30.20 -10.13
N LYS B 266 10.67 -28.98 -9.95
CA LYS B 266 10.15 -28.07 -8.96
C LYS B 266 8.72 -27.67 -9.25
N ALA B 267 8.49 -27.00 -10.38
CA ALA B 267 7.16 -26.54 -10.79
C ALA B 267 6.02 -27.38 -10.24
N VAL B 268 5.97 -28.66 -10.61
CA VAL B 268 4.95 -29.57 -10.15
C VAL B 268 4.94 -29.62 -8.62
N ASP B 269 6.10 -29.91 -8.03
CA ASP B 269 6.21 -29.97 -6.58
C ASP B 269 5.76 -28.64 -5.99
N LEU B 270 6.24 -27.56 -6.60
CA LEU B 270 5.87 -26.24 -6.14
C LEU B 270 4.34 -26.12 -6.23
N GLY B 271 3.78 -26.68 -7.30
CA GLY B 271 2.34 -26.64 -7.47
C GLY B 271 1.67 -27.33 -6.29
N GLY B 272 2.32 -28.39 -5.80
CA GLY B 272 1.79 -29.14 -4.68
C GLY B 272 1.80 -28.35 -3.39
N LEU B 273 2.87 -27.59 -3.16
CA LEU B 273 3.02 -26.79 -1.94
C LEU B 273 2.07 -25.60 -1.97
N LEU B 274 2.02 -24.92 -3.11
CA LEU B 274 1.14 -23.77 -3.26
C LEU B 274 -0.28 -24.20 -2.99
N LYS B 275 -0.71 -25.27 -3.65
CA LYS B 275 -2.05 -25.82 -3.47
C LYS B 275 -2.36 -26.09 -1.99
N LEU B 276 -1.41 -26.72 -1.31
CA LEU B 276 -1.53 -27.05 0.11
C LEU B 276 -1.75 -25.78 0.92
N MET B 277 -1.11 -24.70 0.50
CA MET B 277 -1.24 -23.45 1.21
C MET B 277 -2.53 -22.73 0.86
N LEU B 278 -2.94 -22.80 -0.40
CA LEU B 278 -4.17 -22.13 -0.79
C LEU B 278 -5.39 -22.79 -0.13
N GLN B 279 -5.43 -24.12 -0.17
CA GLN B 279 -6.54 -24.85 0.42
C GLN B 279 -6.61 -24.63 1.93
N LYS B 280 -5.47 -24.69 2.61
CA LYS B 280 -5.45 -24.47 4.06
C LYS B 280 -5.80 -23.02 4.38
N ILE B 281 -5.68 -22.13 3.40
CA ILE B 281 -6.03 -20.73 3.58
C ILE B 281 -7.54 -20.60 3.44
N ALA B 282 -8.07 -21.20 2.38
CA ALA B 282 -9.51 -21.16 2.13
C ALA B 282 -10.23 -21.97 3.21
N LYS B 283 -9.56 -23.01 3.72
CA LYS B 283 -10.13 -23.86 4.76
C LYS B 283 -10.11 -23.15 6.10
N GLN B 284 -8.92 -23.01 6.67
CA GLN B 284 -8.74 -22.35 7.97
C GLN B 284 -9.29 -20.92 8.04
N LEU B 285 -9.37 -20.23 6.90
CA LEU B 285 -9.88 -18.86 6.91
C LEU B 285 -11.24 -18.59 6.27
N ASN B 286 -12.00 -19.65 5.99
CA ASN B 286 -13.33 -19.47 5.42
C ASN B 286 -13.30 -18.95 3.99
N ASP B 287 -12.45 -19.54 3.17
CA ASP B 287 -12.31 -19.17 1.75
C ASP B 287 -12.24 -17.66 1.47
N PRO B 288 -11.20 -16.98 1.98
CA PRO B 288 -11.10 -15.53 1.74
C PRO B 288 -10.49 -15.28 0.37
N PRO B 289 -10.84 -14.15 -0.26
CA PRO B 289 -10.22 -13.94 -1.57
C PRO B 289 -8.74 -13.77 -1.23
N TYR B 290 -7.91 -13.56 -2.24
CA TYR B 290 -6.49 -13.35 -1.97
C TYR B 290 -5.74 -13.03 -3.23
N ASN B 291 -4.45 -12.79 -3.06
CA ASN B 291 -3.58 -12.51 -4.18
C ASN B 291 -2.25 -13.15 -3.85
N TYR B 292 -1.54 -13.59 -4.89
CA TYR B 292 -0.20 -14.07 -4.66
C TYR B 292 0.63 -13.45 -5.77
N MET B 293 1.88 -13.15 -5.45
CA MET B 293 2.76 -12.56 -6.44
C MET B 293 4.12 -13.25 -6.39
N ILE B 294 4.84 -13.20 -7.50
CA ILE B 294 6.14 -13.80 -7.55
C ILE B 294 7.19 -12.69 -7.54
N HIS B 295 7.86 -12.54 -6.40
CA HIS B 295 8.90 -11.52 -6.25
C HIS B 295 10.22 -12.08 -6.80
N THR B 296 10.61 -11.60 -7.96
CA THR B 296 11.83 -12.09 -8.60
C THR B 296 12.89 -10.99 -8.67
N SER B 297 14.05 -11.32 -9.19
CA SER B 297 15.11 -10.30 -9.29
C SER B 297 14.94 -9.44 -10.53
N PRO B 298 15.60 -8.28 -10.57
CA PRO B 298 15.46 -7.43 -11.75
C PRO B 298 16.00 -8.17 -12.99
N LEU B 299 15.54 -7.75 -14.16
CA LEU B 299 16.01 -8.37 -15.41
C LEU B 299 17.51 -8.14 -15.55
N LYS B 300 17.98 -6.99 -15.11
CA LYS B 300 19.39 -6.68 -15.21
C LYS B 300 20.09 -6.86 -13.88
N VAL B 301 19.52 -7.67 -13.00
CA VAL B 301 20.12 -7.91 -11.69
C VAL B 301 21.59 -8.23 -11.98
N THR B 302 22.49 -7.80 -11.10
CA THR B 302 23.91 -8.04 -11.33
C THR B 302 24.51 -9.18 -10.51
N GLU B 303 25.73 -9.56 -10.86
CA GLU B 303 26.44 -10.62 -10.15
C GLU B 303 26.63 -10.24 -8.69
N SER B 304 26.95 -8.97 -8.49
CA SER B 304 27.19 -8.43 -7.16
C SER B 304 25.97 -8.56 -6.25
N GLN B 305 24.78 -8.58 -6.84
CA GLN B 305 23.52 -8.69 -6.10
C GLN B 305 23.10 -10.15 -5.85
N LEU B 306 23.57 -11.02 -6.74
CA LEU B 306 23.29 -12.45 -6.71
C LEU B 306 23.34 -13.22 -5.38
N PRO B 307 24.42 -13.05 -4.60
CA PRO B 307 24.52 -13.77 -3.32
C PRO B 307 23.37 -13.49 -2.33
N TYR B 308 22.78 -12.30 -2.43
CA TYR B 308 21.69 -11.95 -1.51
C TYR B 308 20.35 -11.68 -2.18
N THR B 309 20.16 -12.22 -3.37
CA THR B 309 18.89 -12.02 -4.09
C THR B 309 18.27 -13.39 -4.25
N HIS B 310 17.19 -13.63 -3.50
CA HIS B 310 16.52 -14.93 -3.47
C HIS B 310 15.01 -14.78 -3.67
N TRP B 311 14.50 -15.26 -4.81
CA TRP B 311 13.07 -15.12 -5.10
C TRP B 311 12.13 -15.94 -4.23
N PHE B 312 10.85 -15.58 -4.27
CA PHE B 312 9.84 -16.29 -3.50
C PHE B 312 8.42 -15.92 -3.94
N LEU B 313 7.45 -16.72 -3.51
CA LEU B 313 6.07 -16.47 -3.86
C LEU B 313 5.31 -16.01 -2.60
N GLN B 314 4.69 -14.83 -2.70
CA GLN B 314 3.94 -14.26 -1.58
C GLN B 314 2.43 -14.45 -1.73
N ILE B 315 1.83 -15.10 -0.73
CA ILE B 315 0.39 -15.33 -0.71
C ILE B 315 -0.24 -14.45 0.37
N VAL B 316 -1.19 -13.61 -0.02
CA VAL B 316 -1.83 -12.74 0.95
C VAL B 316 -3.34 -12.88 0.97
N PRO B 317 -3.88 -13.53 2.01
CA PRO B 317 -5.32 -13.68 2.11
C PRO B 317 -5.90 -12.35 2.57
N GLN B 318 -6.95 -11.90 1.89
CA GLN B 318 -7.59 -10.64 2.20
C GLN B 318 -8.50 -10.80 3.44
N LEU B 319 -8.12 -10.12 4.51
CA LEU B 319 -8.87 -10.19 5.76
C LEU B 319 -9.32 -8.81 6.24
N SER B 320 -8.68 -7.77 5.73
CA SER B 320 -9.00 -6.39 6.10
C SER B 320 -8.37 -5.38 5.14
N GLY B 321 -8.93 -4.18 5.08
CA GLY B 321 -8.40 -3.15 4.19
C GLY B 321 -7.49 -2.16 4.90
N VAL B 322 -7.10 -1.11 4.19
CA VAL B 322 -6.21 -0.11 4.78
C VAL B 322 -6.88 1.22 5.02
N GLY B 323 -6.17 2.12 5.70
CA GLY B 323 -6.70 3.43 6.00
C GLY B 323 -5.70 4.55 5.83
N GLY B 324 -6.05 5.72 6.36
CA GLY B 324 -5.20 6.88 6.28
C GLY B 324 -3.83 6.67 6.89
N PHE B 325 -3.75 5.80 7.89
CA PHE B 325 -2.46 5.56 8.53
C PHE B 325 -1.50 4.90 7.56
N GLU B 326 -1.95 3.79 6.97
CA GLU B 326 -1.14 3.04 6.02
C GLU B 326 -0.79 3.86 4.79
N ILE B 327 -1.80 4.48 4.19
CA ILE B 327 -1.55 5.27 2.98
C ILE B 327 -0.53 6.38 3.22
N GLY B 328 -0.55 6.94 4.42
CA GLY B 328 0.37 8.01 4.75
C GLY B 328 1.80 7.62 5.10
N THR B 329 1.97 6.48 5.77
CA THR B 329 3.30 6.04 6.19
C THR B 329 3.92 4.93 5.33
N GLY B 330 3.08 4.00 4.89
CA GLY B 330 3.55 2.87 4.13
C GLY B 330 3.79 1.74 5.12
N CYS B 331 3.58 2.05 6.39
CA CYS B 331 3.76 1.08 7.47
C CYS B 331 2.39 0.50 7.79
N TYR B 332 2.28 -0.82 7.77
CA TYR B 332 1.02 -1.49 8.04
C TYR B 332 0.89 -1.99 9.45
N ILE B 333 -0.32 -2.36 9.83
CA ILE B 333 -0.61 -2.92 11.15
C ILE B 333 -1.05 -4.37 10.95
N ASN B 334 -0.40 -5.29 11.63
CA ASN B 334 -0.72 -6.72 11.52
C ASN B 334 -1.38 -7.19 12.82
N PRO B 335 -2.69 -7.47 12.78
CA PRO B 335 -3.42 -7.93 13.96
C PRO B 335 -3.14 -9.38 14.35
N VAL B 336 -2.18 -10.01 13.69
CA VAL B 336 -1.85 -11.41 13.97
C VAL B 336 -0.36 -11.71 13.89
N PHE B 337 0.27 -11.96 15.03
CA PHE B 337 1.71 -12.28 15.06
C PHE B 337 1.96 -13.54 14.24
N PRO B 338 3.17 -13.65 13.65
CA PRO B 338 3.49 -14.84 12.84
C PRO B 338 3.72 -16.07 13.73
N GLU B 339 4.20 -15.84 14.95
CA GLU B 339 4.44 -16.94 15.89
C GLU B 339 3.18 -17.76 16.04
N ASP B 340 2.04 -17.07 16.07
CA ASP B 340 0.75 -17.72 16.22
C ASP B 340 0.25 -18.25 14.88
N VAL B 341 0.42 -17.48 13.81
CA VAL B 341 -0.04 -17.94 12.51
C VAL B 341 0.53 -19.33 12.26
N ALA B 342 1.70 -19.57 12.82
CA ALA B 342 2.39 -20.86 12.67
C ALA B 342 1.55 -22.03 13.17
N LYS B 343 1.32 -22.08 14.48
CA LYS B 343 0.53 -23.17 15.07
C LYS B 343 -0.78 -23.45 14.35
N VAL B 344 -1.58 -22.41 14.11
CA VAL B 344 -2.86 -22.59 13.43
C VAL B 344 -2.71 -23.27 12.07
N MET B 345 -1.74 -22.83 11.29
CA MET B 345 -1.49 -23.41 9.97
C MET B 345 -0.78 -24.76 10.06
N ARG B 346 -0.01 -24.96 11.12
CA ARG B 346 0.67 -26.23 11.29
C ARG B 346 -0.35 -27.28 11.72
N GLU B 347 -1.13 -26.94 12.75
CA GLU B 347 -2.16 -27.81 13.28
C GLU B 347 -3.32 -28.01 12.34
N VAL B 348 -3.39 -27.23 11.27
CA VAL B 348 -4.48 -27.38 10.31
C VAL B 348 -4.35 -28.74 9.64
N SER B 349 -5.46 -29.44 9.51
CA SER B 349 -5.50 -30.75 8.88
C SER B 349 -6.53 -30.81 7.77
N LEU B 350 -6.15 -31.43 6.66
CA LEU B 350 -7.05 -31.55 5.51
C LEU B 350 -7.56 -32.98 5.39
ZN ZN C . -21.44 10.38 18.28
ZN ZN D . 9.07 24.19 -1.13
ZN ZN E . -15.02 -19.36 -18.46
ZN ZN F . 19.15 -17.37 -0.60
N PRO A 23 -1.30 4.62 -22.59
CA PRO A 23 -0.87 4.45 -21.18
C PRO A 23 0.42 5.23 -20.95
N GLU A 24 0.66 5.62 -19.70
CA GLU A 24 1.89 6.35 -19.37
C GLU A 24 2.30 6.25 -17.91
N LEU A 25 3.62 6.21 -17.70
CA LEU A 25 4.23 6.14 -16.37
C LEU A 25 4.68 7.56 -16.02
N ARG A 26 4.27 8.03 -14.85
CA ARG A 26 4.64 9.37 -14.41
C ARG A 26 5.28 9.33 -13.05
N LYS A 27 6.22 10.24 -12.80
CA LYS A 27 6.92 10.31 -11.53
C LYS A 27 6.94 11.70 -10.89
N ASP A 28 6.97 11.72 -9.56
CA ASP A 28 7.01 12.96 -8.80
C ASP A 28 8.10 12.82 -7.75
N PRO A 29 8.89 13.88 -7.54
CA PRO A 29 9.94 13.75 -6.52
C PRO A 29 9.30 13.49 -5.16
N VAL A 30 8.20 14.19 -4.90
CA VAL A 30 7.47 14.08 -3.64
C VAL A 30 7.05 12.65 -3.26
N THR A 31 6.78 11.82 -4.26
CA THR A 31 6.38 10.44 -3.99
C THR A 31 7.60 9.54 -4.14
N ASN A 32 8.45 9.88 -5.10
CA ASN A 32 9.65 9.11 -5.40
C ASN A 32 9.33 7.69 -5.86
N ARG A 33 8.49 7.57 -6.89
CA ARG A 33 8.12 6.28 -7.44
C ARG A 33 7.29 6.47 -8.70
N TRP A 34 7.43 5.56 -9.66
CA TRP A 34 6.65 5.67 -10.90
C TRP A 34 5.22 5.18 -10.68
N VAL A 35 4.28 5.78 -11.38
CA VAL A 35 2.89 5.34 -11.32
C VAL A 35 2.48 5.10 -12.77
N ILE A 36 1.62 4.11 -12.98
CA ILE A 36 1.16 3.84 -14.32
C ILE A 36 -0.19 4.49 -14.53
N PHE A 37 -0.32 5.26 -15.60
CA PHE A 37 -1.58 5.89 -15.91
C PHE A 37 -2.19 5.12 -17.09
N SER A 38 -3.36 4.54 -16.86
CA SER A 38 -4.04 3.76 -17.90
C SER A 38 -5.57 3.88 -17.80
N PRO A 39 -6.16 4.84 -18.53
CA PRO A 39 -7.61 5.08 -18.55
C PRO A 39 -8.46 3.95 -19.12
N PHE A 48 -16.78 8.17 -12.37
CA PHE A 48 -16.38 7.48 -11.15
C PHE A 48 -17.28 7.88 -9.99
N LYS A 49 -17.63 6.92 -9.15
CA LYS A 49 -18.49 7.17 -7.99
C LYS A 49 -18.20 6.25 -6.81
N SER A 50 -18.89 6.51 -5.71
CA SER A 50 -18.74 5.74 -4.47
C SER A 50 -19.20 4.30 -4.58
N LYS A 51 -19.17 3.58 -3.46
CA LYS A 51 -19.59 2.19 -3.40
C LYS A 51 -20.12 1.86 -2.00
N SER A 62 -26.69 9.33 18.22
CA SER A 62 -26.04 9.12 19.50
C SER A 62 -24.93 8.08 19.43
N CYS A 63 -23.88 8.29 20.21
CA CYS A 63 -22.74 7.38 20.25
C CYS A 63 -21.76 7.78 21.34
N PRO A 64 -20.90 6.84 21.79
CA PRO A 64 -19.90 7.10 22.83
C PRO A 64 -18.96 8.27 22.60
N PHE A 65 -19.05 8.90 21.43
CA PHE A 65 -18.21 10.04 21.10
C PHE A 65 -18.98 11.35 21.17
N CYS A 66 -20.27 11.26 21.49
CA CYS A 66 -21.11 12.44 21.60
C CYS A 66 -20.90 13.06 22.98
N ILE A 67 -21.13 14.37 23.07
CA ILE A 67 -20.95 15.08 24.33
C ILE A 67 -21.76 14.44 25.46
N GLY A 68 -21.22 14.49 26.68
CA GLY A 68 -21.91 13.92 27.81
C GLY A 68 -21.51 12.48 28.08
N ARG A 69 -21.07 11.79 27.04
CA ARG A 69 -20.65 10.39 27.14
C ARG A 69 -19.13 10.27 27.07
N GLU A 70 -18.43 11.10 27.84
CA GLU A 70 -16.97 11.11 27.86
C GLU A 70 -16.29 9.87 28.44
N GLN A 71 -16.76 9.41 29.59
CA GLN A 71 -16.17 8.24 30.25
C GLN A 71 -16.26 6.97 29.41
N GLU A 72 -17.19 6.93 28.47
CA GLU A 72 -17.36 5.78 27.61
C GLU A 72 -16.14 5.56 26.74
N CYS A 73 -15.12 6.40 26.92
CA CYS A 73 -13.92 6.30 26.12
C CYS A 73 -12.65 6.07 26.95
N ALA A 74 -11.62 6.86 26.65
CA ALA A 74 -10.33 6.78 27.34
C ALA A 74 -9.90 8.18 27.81
N PRO A 75 -8.89 8.26 28.70
CA PRO A 75 -8.36 9.51 29.26
C PRO A 75 -8.27 10.67 28.27
N GLU A 76 -8.72 11.86 28.70
CA GLU A 76 -8.68 13.04 27.83
C GLU A 76 -7.32 13.72 27.89
N LEU A 77 -6.89 14.27 26.76
CA LEU A 77 -5.61 14.98 26.67
C LEU A 77 -5.87 16.49 26.76
N PHE A 78 -6.87 16.96 26.01
CA PHE A 78 -7.25 18.36 26.02
C PHE A 78 -8.43 18.62 25.08
N ARG A 79 -9.28 19.55 25.48
CA ARG A 79 -10.45 19.88 24.68
C ARG A 79 -10.34 21.35 24.27
N VAL A 80 -11.26 21.78 23.41
CA VAL A 80 -11.28 23.15 22.93
C VAL A 80 -12.73 23.64 22.88
N PRO A 81 -13.06 24.68 23.67
CA PRO A 81 -12.16 25.39 24.59
C PRO A 81 -11.74 24.47 25.74
N ASP A 82 -10.60 24.77 26.35
CA ASP A 82 -10.06 23.95 27.45
C ASP A 82 -10.89 23.91 28.73
N HIS A 83 -10.75 22.82 29.47
CA HIS A 83 -11.47 22.60 30.72
C HIS A 83 -12.92 23.09 30.66
N ASP A 84 -13.54 22.93 29.50
CA ASP A 84 -14.92 23.38 29.30
C ASP A 84 -15.87 22.21 29.02
N PRO A 85 -16.95 22.10 29.82
CA PRO A 85 -17.94 21.04 29.66
C PRO A 85 -18.67 21.08 28.31
N ASN A 86 -18.84 22.29 27.78
CA ASN A 86 -19.51 22.45 26.49
C ASN A 86 -18.43 22.56 25.42
N TRP A 87 -17.67 21.48 25.26
CA TRP A 87 -16.57 21.42 24.30
C TRP A 87 -16.94 21.22 22.84
N LYS A 88 -16.08 21.71 21.95
CA LYS A 88 -16.25 21.60 20.51
C LYS A 88 -15.40 20.44 19.96
N LEU A 89 -14.41 20.02 20.75
CA LEU A 89 -13.55 18.91 20.37
C LEU A 89 -12.73 18.47 21.57
N ARG A 90 -12.52 17.15 21.69
CA ARG A 90 -11.73 16.63 22.80
C ARG A 90 -10.79 15.54 22.30
N VAL A 91 -9.50 15.87 22.28
CA VAL A 91 -8.49 14.91 21.84
C VAL A 91 -8.17 14.01 23.02
N ILE A 92 -8.42 12.72 22.87
CA ILE A 92 -8.18 11.75 23.91
C ILE A 92 -7.25 10.63 23.45
N GLU A 93 -7.03 9.67 24.33
CA GLU A 93 -6.19 8.52 24.03
C GLU A 93 -7.06 7.53 23.25
N ASN A 94 -6.44 6.75 22.37
CA ASN A 94 -7.21 5.75 21.65
C ASN A 94 -7.29 4.54 22.60
N LEU A 95 -8.51 4.10 22.87
CA LEU A 95 -8.78 3.00 23.78
C LEU A 95 -8.04 1.72 23.43
N TYR A 96 -7.97 1.41 22.13
CA TYR A 96 -7.28 0.21 21.67
C TYR A 96 -6.14 0.63 20.74
N PRO A 97 -5.06 1.18 21.32
CA PRO A 97 -3.87 1.66 20.63
C PRO A 97 -3.07 0.66 19.77
N ALA A 98 -2.49 1.17 18.70
CA ALA A 98 -1.67 0.36 17.80
C ALA A 98 -0.25 0.34 18.41
N LEU A 99 0.12 1.45 19.04
CA LEU A 99 1.41 1.58 19.70
C LEU A 99 1.08 2.01 21.13
N SER A 100 1.89 1.58 22.10
CA SER A 100 1.64 1.93 23.49
C SER A 100 2.33 3.17 24.00
N ARG A 101 1.57 4.03 24.68
CA ARG A 101 2.13 5.24 25.25
C ARG A 101 2.77 4.82 26.56
N ASN A 102 2.23 3.76 27.16
CA ASN A 102 2.74 3.29 28.43
C ASN A 102 3.87 2.28 28.31
N LEU A 103 4.90 2.62 27.53
CA LEU A 103 6.06 1.74 27.34
C LEU A 103 7.29 2.51 26.85
N GLU A 104 7.44 3.77 27.26
CA GLU A 104 8.57 4.58 26.82
C GLU A 104 9.93 4.12 27.33
N THR A 105 10.81 3.77 26.40
CA THR A 105 12.16 3.31 26.71
C THR A 105 12.94 4.32 27.53
N ARG A 116 16.10 -5.75 14.75
CA ARG A 116 15.11 -6.60 14.10
C ARG A 116 13.71 -6.36 14.69
N THR A 117 13.67 -5.95 15.95
CA THR A 117 12.42 -5.69 16.63
C THR A 117 12.54 -4.62 17.71
N ILE A 118 11.85 -3.50 17.50
CA ILE A 118 11.84 -2.39 18.46
C ILE A 118 10.66 -2.63 19.39
N VAL A 119 10.66 -1.97 20.54
CA VAL A 119 9.57 -2.11 21.49
C VAL A 119 8.32 -1.39 20.96
N GLY A 120 7.16 -2.01 21.12
CA GLY A 120 5.92 -1.45 20.63
C GLY A 120 5.53 -0.10 21.19
N PHE A 121 6.48 0.60 21.80
CA PHE A 121 6.18 1.91 22.36
C PHE A 121 5.81 2.89 21.25
N GLY A 122 4.84 3.75 21.54
CA GLY A 122 4.40 4.74 20.56
C GLY A 122 3.25 5.54 21.13
N PHE A 123 2.75 6.52 20.39
CA PHE A 123 1.62 7.32 20.86
C PHE A 123 0.49 7.24 19.85
N HIS A 124 -0.69 6.88 20.32
CA HIS A 124 -1.87 6.78 19.46
C HIS A 124 -3.03 7.55 20.10
N ASP A 125 -3.41 8.66 19.48
CA ASP A 125 -4.47 9.49 20.01
C ASP A 125 -5.60 9.74 19.00
N VAL A 126 -6.76 10.09 19.53
CA VAL A 126 -7.98 10.35 18.77
C VAL A 126 -8.47 11.80 18.91
N VAL A 127 -8.93 12.38 17.80
CA VAL A 127 -9.41 13.74 17.81
C VAL A 127 -10.89 13.78 17.43
N ILE A 128 -11.73 14.04 18.43
CA ILE A 128 -13.16 14.13 18.18
C ILE A 128 -13.39 15.51 17.60
N GLU A 129 -13.71 15.52 16.31
CA GLU A 129 -13.89 16.74 15.55
C GLU A 129 -15.19 17.47 15.77
N SER A 130 -16.04 16.95 16.64
CA SER A 130 -17.32 17.59 16.89
C SER A 130 -18.11 16.97 18.05
N PRO A 131 -18.98 17.77 18.67
CA PRO A 131 -19.83 17.36 19.78
C PRO A 131 -21.03 16.64 19.18
N VAL A 132 -21.50 17.19 18.05
CA VAL A 132 -22.64 16.67 17.31
C VAL A 132 -22.26 15.43 16.52
N HIS A 133 -23.19 14.47 16.44
CA HIS A 133 -22.94 13.22 15.74
C HIS A 133 -23.06 13.27 14.22
N SER A 134 -24.29 13.29 13.72
CA SER A 134 -24.57 13.31 12.29
C SER A 134 -23.71 14.23 11.43
N ILE A 135 -22.99 15.15 12.05
CA ILE A 135 -22.15 16.09 11.30
C ILE A 135 -20.80 15.51 10.84
N GLN A 136 -20.46 15.77 9.58
CA GLN A 136 -19.19 15.32 9.01
C GLN A 136 -18.22 16.51 9.02
N LEU A 137 -16.92 16.23 9.03
CA LEU A 137 -15.92 17.30 9.04
C LEU A 137 -16.21 18.38 8.00
N SER A 138 -16.62 17.95 6.81
CA SER A 138 -16.92 18.85 5.71
C SER A 138 -18.12 19.74 5.99
N ASP A 139 -18.96 19.33 6.93
CA ASP A 139 -20.15 20.11 7.28
C ASP A 139 -19.83 21.26 8.23
N ILE A 140 -18.62 21.28 8.76
CA ILE A 140 -18.21 22.31 9.69
C ILE A 140 -17.68 23.59 9.02
N ASP A 141 -17.85 24.72 9.71
CA ASP A 141 -17.40 26.00 9.19
C ASP A 141 -15.88 26.06 9.13
N PRO A 142 -15.33 26.78 8.13
CA PRO A 142 -13.88 26.93 7.97
C PRO A 142 -13.17 27.25 9.27
N VAL A 143 -13.79 28.10 10.10
CA VAL A 143 -13.19 28.48 11.38
C VAL A 143 -13.19 27.26 12.29
N GLY A 144 -14.22 26.42 12.15
CA GLY A 144 -14.34 25.22 12.95
C GLY A 144 -13.29 24.19 12.58
N ILE A 145 -13.01 24.07 11.29
CA ILE A 145 -11.99 23.13 10.83
C ILE A 145 -10.70 23.60 11.50
N GLY A 146 -10.46 24.91 11.41
CA GLY A 146 -9.28 25.51 11.99
C GLY A 146 -9.15 25.18 13.47
N ASP A 147 -10.27 25.04 14.15
CA ASP A 147 -10.28 24.71 15.57
C ASP A 147 -9.65 23.33 15.77
N ILE A 148 -9.71 22.50 14.73
CA ILE A 148 -9.17 21.15 14.78
C ILE A 148 -7.74 21.13 14.28
N LEU A 149 -7.48 21.91 13.22
CA LEU A 149 -6.15 22.00 12.64
C LEU A 149 -5.15 22.60 13.64
N ILE A 150 -5.61 23.54 14.47
CA ILE A 150 -4.75 24.16 15.48
C ILE A 150 -4.60 23.17 16.63
N ALA A 151 -5.58 22.29 16.76
CA ALA A 151 -5.54 21.27 17.80
C ALA A 151 -4.47 20.22 17.46
N TYR A 152 -4.39 19.80 16.19
CA TYR A 152 -3.38 18.83 15.78
C TYR A 152 -2.03 19.40 16.21
N LYS A 153 -1.82 20.65 15.84
CA LYS A 153 -0.60 21.37 16.16
C LYS A 153 -0.27 21.25 17.63
N LYS A 154 -1.25 21.56 18.47
CA LYS A 154 -1.07 21.52 19.91
C LYS A 154 -0.51 20.17 20.34
N ARG A 155 -1.19 19.10 19.96
CA ARG A 155 -0.74 17.76 20.32
C ARG A 155 0.63 17.43 19.69
N ILE A 156 0.86 17.91 18.48
CA ILE A 156 2.15 17.68 17.84
C ILE A 156 3.28 18.30 18.65
N ASN A 157 3.11 19.54 19.09
CA ASN A 157 4.17 20.19 19.88
C ASN A 157 4.47 19.47 21.18
N GLN A 158 3.44 18.86 21.78
CA GLN A 158 3.58 18.12 23.03
C GLN A 158 4.41 16.85 22.80
N ILE A 159 4.04 16.08 21.78
CA ILE A 159 4.76 14.85 21.47
C ILE A 159 6.18 15.16 20.99
N ALA A 160 6.33 16.29 20.30
CA ALA A 160 7.63 16.68 19.78
C ALA A 160 8.65 16.94 20.88
N GLN A 161 8.39 16.41 22.08
CA GLN A 161 9.32 16.61 23.18
C GLN A 161 9.88 15.32 23.74
N HIS A 162 9.46 14.19 23.17
CA HIS A 162 9.95 12.89 23.61
C HIS A 162 10.95 12.41 22.58
N ASP A 163 12.14 12.04 23.04
CA ASP A 163 13.19 11.57 22.14
C ASP A 163 12.84 10.23 21.50
N SER A 164 11.75 9.63 21.95
CA SER A 164 11.33 8.34 21.42
C SER A 164 10.58 8.46 20.08
N ILE A 165 9.93 9.59 19.86
CA ILE A 165 9.19 9.84 18.62
C ILE A 165 10.07 10.38 17.50
N ASN A 166 9.78 9.97 16.28
CA ASN A 166 10.54 10.41 15.12
C ASN A 166 9.66 10.86 13.97
N TYR A 167 8.36 10.65 14.09
CA TYR A 167 7.40 11.07 13.07
C TYR A 167 5.97 11.06 13.60
N ILE A 168 5.19 12.05 13.19
CA ILE A 168 3.81 12.14 13.62
C ILE A 168 2.94 12.08 12.39
N GLN A 169 1.99 11.16 12.39
CA GLN A 169 1.09 11.00 11.25
C GLN A 169 -0.35 11.43 11.56
N VAL A 170 -0.75 12.57 11.01
CA VAL A 170 -2.12 13.01 11.21
C VAL A 170 -2.91 12.39 10.06
N PHE A 171 -3.94 11.61 10.38
CA PHE A 171 -4.76 10.97 9.35
C PHE A 171 -6.23 10.92 9.71
N LYS A 172 -7.09 10.87 8.69
CA LYS A 172 -8.53 10.85 8.87
C LYS A 172 -9.26 9.78 8.02
N ASN A 173 -10.22 9.12 8.66
CA ASN A 173 -11.04 8.11 8.02
C ASN A 173 -12.51 8.54 8.05
N GLN A 174 -13.30 8.04 7.11
CA GLN A 174 -14.72 8.31 6.99
C GLN A 174 -15.29 7.28 6.02
N GLY A 175 -16.16 6.41 6.54
CA GLY A 175 -16.76 5.37 5.72
C GLY A 175 -16.16 4.03 6.09
N ALA A 176 -16.97 2.98 6.01
CA ALA A 176 -16.51 1.63 6.35
C ALA A 176 -15.31 1.20 5.54
N SER A 177 -15.46 1.20 4.22
CA SER A 177 -14.39 0.79 3.31
C SER A 177 -13.05 1.48 3.55
N ALA A 178 -13.09 2.78 3.84
CA ALA A 178 -11.89 3.56 4.08
C ALA A 178 -11.29 3.36 5.48
N GLY A 179 -11.87 2.45 6.24
CA GLY A 179 -11.36 2.15 7.57
C GLY A 179 -11.88 2.97 8.74
N ALA A 180 -13.08 3.55 8.61
CA ALA A 180 -13.63 4.35 9.70
C ALA A 180 -14.43 3.48 10.66
N SER A 181 -13.80 3.15 11.80
CA SER A 181 -14.41 2.33 12.82
C SER A 181 -15.70 2.93 13.38
N MET A 182 -15.65 4.18 13.81
CA MET A 182 -16.82 4.85 14.37
C MET A 182 -17.47 5.84 13.41
N SER A 183 -18.78 6.01 13.55
CA SER A 183 -19.55 6.91 12.68
C SER A 183 -19.34 8.39 13.02
N HIS A 184 -19.12 8.68 14.30
CA HIS A 184 -18.90 10.05 14.77
C HIS A 184 -17.70 10.67 14.06
N SER A 185 -17.77 11.96 13.76
CA SER A 185 -16.67 12.63 13.07
C SER A 185 -15.41 12.71 13.93
N HIS A 186 -14.31 12.21 13.39
CA HIS A 186 -13.05 12.21 14.10
C HIS A 186 -11.90 11.95 13.14
N SER A 187 -10.68 12.12 13.65
CA SER A 187 -9.47 11.89 12.88
C SER A 187 -8.52 11.29 13.90
N GLN A 188 -7.33 10.85 13.46
CA GLN A 188 -6.40 10.26 14.40
C GLN A 188 -4.97 10.75 14.25
N MET A 189 -4.18 10.54 15.29
CA MET A 189 -2.77 10.93 15.30
C MET A 189 -1.95 9.75 15.75
N MET A 190 -0.92 9.41 14.98
CA MET A 190 -0.04 8.30 15.29
C MET A 190 1.42 8.75 15.33
N ALA A 191 2.01 8.72 16.52
CA ALA A 191 3.40 9.10 16.70
C ALA A 191 4.23 7.83 16.75
N LEU A 192 5.18 7.68 15.82
CA LEU A 192 5.99 6.47 15.77
C LEU A 192 7.45 6.74 16.16
N PRO A 193 8.17 5.68 16.57
CA PRO A 193 9.58 5.81 16.96
C PRO A 193 10.51 5.79 15.74
N VAL A 194 9.97 5.44 14.57
CA VAL A 194 10.78 5.38 13.36
C VAL A 194 10.23 6.26 12.25
N VAL A 195 11.07 6.54 11.25
CA VAL A 195 10.63 7.33 10.10
C VAL A 195 10.06 6.32 9.08
N PRO A 196 8.75 6.43 8.78
CA PRO A 196 7.97 5.59 7.84
C PRO A 196 8.49 5.61 6.40
N PRO A 197 8.21 4.55 5.63
CA PRO A 197 8.66 4.46 4.23
C PRO A 197 8.23 5.62 3.32
N THR A 198 7.00 6.10 3.51
CA THR A 198 6.51 7.21 2.70
C THR A 198 7.29 8.48 2.96
N VAL A 199 8.10 8.46 4.01
CA VAL A 199 8.90 9.62 4.36
C VAL A 199 10.33 9.43 3.84
N SER A 200 10.88 8.25 4.11
CA SER A 200 12.23 7.96 3.61
C SER A 200 12.20 8.15 2.08
N SER A 201 11.08 7.78 1.45
CA SER A 201 10.96 7.93 0.00
C SER A 201 10.97 9.38 -0.42
N ARG A 202 10.11 10.17 0.23
CA ARG A 202 9.98 11.60 -0.05
C ARG A 202 11.32 12.29 0.20
N LEU A 203 12.03 11.84 1.21
CA LEU A 203 13.33 12.43 1.52
C LEU A 203 14.34 12.00 0.46
N ASP A 204 14.40 10.70 0.22
CA ASP A 204 15.32 10.15 -0.76
C ASP A 204 14.93 10.56 -2.18
N GLY A 205 13.74 11.14 -2.32
CA GLY A 205 13.27 11.56 -3.63
C GLY A 205 13.51 13.03 -3.92
N THR A 206 13.01 13.89 -3.05
CA THR A 206 13.16 15.33 -3.21
C THR A 206 14.59 15.81 -2.98
N LYS A 207 15.43 14.98 -2.38
CA LYS A 207 16.82 15.40 -2.16
C LYS A 207 17.50 15.43 -3.52
N ASP A 208 16.91 14.71 -4.47
CA ASP A 208 17.46 14.65 -5.82
C ASP A 208 16.99 15.80 -6.68
N TYR A 209 15.68 16.01 -6.72
CA TYR A 209 15.14 17.09 -7.53
C TYR A 209 15.84 18.40 -7.13
N PHE A 210 16.02 18.59 -5.83
CA PHE A 210 16.67 19.78 -5.30
C PHE A 210 18.10 19.92 -5.82
N GLU A 211 18.94 18.91 -5.58
CA GLU A 211 20.32 18.94 -6.03
C GLU A 211 20.38 19.00 -7.55
N GLU A 212 19.24 18.74 -8.19
CA GLU A 212 19.17 18.71 -9.64
C GLU A 212 18.74 20.05 -10.25
N THR A 213 17.76 20.71 -9.62
CA THR A 213 17.28 21.98 -10.14
C THR A 213 17.46 23.14 -9.19
N GLY A 214 17.98 22.85 -8.01
CA GLY A 214 18.19 23.89 -7.02
C GLY A 214 16.88 24.42 -6.44
N LYS A 215 15.78 23.75 -6.74
CA LYS A 215 14.48 24.18 -6.25
C LYS A 215 13.61 23.05 -5.71
N CYS A 216 12.64 23.42 -4.89
CA CYS A 216 11.73 22.46 -4.30
C CYS A 216 10.52 22.27 -5.19
N CYS A 217 10.25 21.01 -5.52
CA CYS A 217 9.13 20.65 -6.37
C CYS A 217 7.78 21.16 -5.86
N LEU A 218 7.56 21.18 -4.56
CA LEU A 218 6.27 21.65 -4.05
C LEU A 218 6.08 23.16 -4.07
N CYS A 219 7.17 23.91 -4.17
CA CYS A 219 7.07 25.37 -4.24
C CYS A 219 6.84 25.76 -5.69
N GLU A 220 6.12 24.89 -6.40
CA GLU A 220 5.81 25.09 -7.80
C GLU A 220 4.45 24.47 -8.11
N ALA A 221 3.75 24.04 -7.06
CA ALA A 221 2.44 23.41 -7.20
C ALA A 221 1.64 23.84 -8.43
N LYS A 222 1.67 25.13 -8.74
CA LYS A 222 0.95 25.67 -9.90
C LYS A 222 1.62 25.35 -11.23
N SER A 223 2.93 25.23 -11.20
CA SER A 223 3.69 24.95 -12.42
C SER A 223 3.86 23.46 -12.72
N LYS A 224 4.18 22.68 -11.69
CA LYS A 224 4.42 21.25 -11.83
C LYS A 224 3.16 20.37 -11.77
N HIS A 225 2.10 20.88 -11.14
CA HIS A 225 0.86 20.11 -11.01
C HIS A 225 -0.33 20.83 -11.63
N PHE A 226 -1.50 20.21 -11.55
CA PHE A 226 -2.71 20.79 -12.13
C PHE A 226 -3.62 21.44 -11.11
N VAL A 227 -3.50 22.77 -11.02
CA VAL A 227 -4.26 23.59 -10.09
C VAL A 227 -5.76 23.47 -10.23
N ILE A 228 -6.41 23.19 -9.10
CA ILE A 228 -7.86 23.08 -9.06
C ILE A 228 -8.35 24.37 -8.43
N ASP A 229 -8.19 24.49 -7.12
CA ASP A 229 -8.59 25.69 -6.42
C ASP A 229 -7.37 26.34 -5.80
N GLU A 230 -7.54 27.57 -5.32
CA GLU A 230 -6.45 28.32 -4.74
C GLU A 230 -6.90 29.19 -3.58
N SER A 231 -6.53 28.80 -2.36
CA SER A 231 -6.89 29.58 -1.19
C SER A 231 -5.96 30.79 -1.14
N SER A 232 -5.83 31.39 0.04
CA SER A 232 -4.97 32.56 0.17
C SER A 232 -3.58 32.24 0.72
N HIS A 233 -3.33 30.98 1.04
CA HIS A 233 -2.03 30.55 1.54
C HIS A 233 -1.66 29.14 1.07
N PHE A 234 -2.60 28.49 0.40
CA PHE A 234 -2.41 27.14 -0.10
C PHE A 234 -2.82 26.99 -1.56
N VAL A 235 -2.95 25.75 -1.99
CA VAL A 235 -3.37 25.41 -3.34
C VAL A 235 -3.66 23.91 -3.39
N SER A 236 -4.90 23.59 -3.76
CA SER A 236 -5.34 22.20 -3.85
C SER A 236 -5.30 21.72 -5.30
N VAL A 237 -4.46 20.73 -5.57
CA VAL A 237 -4.31 20.20 -6.93
C VAL A 237 -4.33 18.67 -7.00
N ALA A 238 -4.68 18.17 -8.18
CA ALA A 238 -4.68 16.73 -8.42
C ALA A 238 -3.24 16.48 -8.83
N PRO A 239 -2.43 15.93 -7.92
CA PRO A 239 -1.02 15.68 -8.21
C PRO A 239 -0.75 15.20 -9.63
N PHE A 240 0.45 15.51 -10.12
CA PHE A 240 0.85 15.14 -11.46
C PHE A 240 0.85 13.63 -11.65
N ALA A 241 1.70 12.95 -10.87
CA ALA A 241 1.83 11.50 -10.94
C ALA A 241 1.04 10.84 -9.82
N ALA A 242 -0.13 11.41 -9.53
CA ALA A 242 -1.01 10.91 -8.49
C ALA A 242 -1.17 9.40 -8.45
N THR A 243 -1.17 8.89 -7.22
CA THR A 243 -1.30 7.47 -6.92
C THR A 243 -2.70 6.93 -7.18
N TYR A 244 -3.69 7.59 -6.61
CA TYR A 244 -5.08 7.18 -6.70
C TYR A 244 -5.92 8.01 -7.66
N PRO A 245 -7.00 7.43 -8.19
CA PRO A 245 -7.86 8.17 -9.12
C PRO A 245 -8.47 9.34 -8.34
N PHE A 246 -8.34 10.54 -8.90
CA PHE A 246 -8.83 11.75 -8.27
C PHE A 246 -8.11 12.10 -6.98
N GLU A 247 -6.79 11.98 -6.99
CA GLU A 247 -5.99 12.32 -5.81
C GLU A 247 -5.76 13.82 -5.88
N ILE A 248 -5.68 14.46 -4.72
CA ILE A 248 -5.50 15.91 -4.65
C ILE A 248 -4.80 16.30 -3.36
N TRP A 249 -3.75 17.09 -3.48
CA TRP A 249 -3.04 17.56 -2.28
C TRP A 249 -3.33 19.04 -2.14
N ILE A 250 -3.14 19.57 -0.95
CA ILE A 250 -3.30 20.99 -0.72
C ILE A 250 -1.90 21.39 -0.29
N ILE A 251 -1.23 22.16 -1.13
CA ILE A 251 0.14 22.58 -0.87
C ILE A 251 0.23 24.02 -0.36
N PRO A 252 0.95 24.25 0.76
CA PRO A 252 1.06 25.61 1.28
C PRO A 252 1.89 26.46 0.32
N LYS A 253 1.27 27.48 -0.26
CA LYS A 253 1.96 28.34 -1.20
C LYS A 253 3.28 28.83 -0.62
N ASP A 254 3.32 28.92 0.71
CA ASP A 254 4.53 29.32 1.43
C ASP A 254 5.39 28.09 1.75
N HIS A 255 6.68 28.14 1.42
CA HIS A 255 7.56 27.02 1.68
C HIS A 255 7.67 26.80 3.18
N SER A 256 6.83 25.89 3.67
CA SER A 256 6.80 25.56 5.08
C SER A 256 7.25 24.10 5.22
N SER A 257 8.20 23.84 6.11
CA SER A 257 8.71 22.48 6.31
C SER A 257 7.79 21.55 7.08
N HIS A 258 7.43 21.96 8.29
CA HIS A 258 6.57 21.12 9.12
C HIS A 258 5.20 21.71 9.32
N PHE A 259 4.22 20.82 9.36
CA PHE A 259 2.82 21.18 9.53
C PHE A 259 2.56 22.04 10.76
N HIS A 260 3.14 21.70 11.91
CA HIS A 260 2.87 22.48 13.13
C HIS A 260 3.48 23.88 13.16
N HIS A 261 4.00 24.33 12.01
CA HIS A 261 4.56 25.66 11.88
C HIS A 261 3.37 26.54 11.50
N LEU A 262 2.20 25.91 11.51
CA LEU A 262 0.93 26.55 11.17
C LEU A 262 0.52 27.63 12.17
N ASP A 263 -0.07 28.71 11.66
CA ASP A 263 -0.54 29.80 12.50
C ASP A 263 -2.07 29.91 12.37
N ASP A 264 -2.69 30.70 13.23
CA ASP A 264 -4.15 30.85 13.23
C ASP A 264 -4.77 31.30 11.91
N VAL A 265 -4.19 32.32 11.28
CA VAL A 265 -4.73 32.81 10.01
C VAL A 265 -4.72 31.71 8.96
N LYS A 266 -3.62 30.97 8.89
CA LYS A 266 -3.49 29.90 7.92
C LYS A 266 -4.39 28.69 8.22
N ALA A 267 -4.69 28.43 9.49
CA ALA A 267 -5.55 27.29 9.86
C ALA A 267 -6.95 27.38 9.27
N VAL A 268 -7.58 28.54 9.39
CA VAL A 268 -8.93 28.74 8.84
C VAL A 268 -8.80 28.98 7.35
N ASP A 269 -7.60 29.35 6.90
CA ASP A 269 -7.38 29.57 5.47
C ASP A 269 -7.36 28.19 4.83
N LEU A 270 -6.64 27.28 5.47
CA LEU A 270 -6.54 25.90 4.98
C LEU A 270 -7.91 25.24 5.09
N GLY A 271 -8.58 25.51 6.21
CA GLY A 271 -9.90 24.93 6.43
C GLY A 271 -10.81 25.09 5.22
N GLY A 272 -11.04 26.33 4.80
CA GLY A 272 -11.89 26.58 3.65
C GLY A 272 -11.49 25.81 2.41
N LEU A 273 -10.21 25.90 2.04
CA LEU A 273 -9.73 25.19 0.87
C LEU A 273 -9.93 23.68 1.09
N LEU A 274 -9.79 23.24 2.34
CA LEU A 274 -9.98 21.83 2.68
C LEU A 274 -11.43 21.46 2.45
N LYS A 275 -12.32 22.24 3.06
CA LYS A 275 -13.76 22.03 2.94
C LYS A 275 -14.20 22.10 1.48
N LEU A 276 -13.64 23.03 0.72
CA LEU A 276 -13.99 23.17 -0.69
C LEU A 276 -13.56 21.95 -1.49
N MET A 277 -12.59 21.20 -0.96
CA MET A 277 -12.11 20.01 -1.65
C MET A 277 -12.87 18.76 -1.22
N LEU A 278 -13.25 18.68 0.06
CA LEU A 278 -14.01 17.53 0.53
C LEU A 278 -15.41 17.59 -0.10
N GLN A 279 -15.93 18.80 -0.26
CA GLN A 279 -17.26 18.98 -0.83
C GLN A 279 -17.27 18.83 -2.35
N LYS A 280 -16.35 19.49 -3.05
CA LYS A 280 -16.29 19.35 -4.49
C LYS A 280 -16.13 17.88 -4.85
N ILE A 281 -15.28 17.18 -4.10
CA ILE A 281 -15.07 15.75 -4.33
C ILE A 281 -16.39 15.03 -4.04
N ALA A 282 -16.96 15.32 -2.88
CA ALA A 282 -18.22 14.70 -2.48
C ALA A 282 -19.36 14.92 -3.48
N LYS A 283 -19.35 16.05 -4.19
CA LYS A 283 -20.41 16.30 -5.16
C LYS A 283 -20.22 15.56 -6.46
N GLN A 284 -18.98 15.59 -6.96
CA GLN A 284 -18.66 14.93 -8.22
C GLN A 284 -18.59 13.40 -8.10
N LEU A 285 -18.07 12.92 -6.97
CA LEU A 285 -17.92 11.48 -6.77
C LEU A 285 -18.99 10.84 -5.90
N ASN A 286 -20.04 11.62 -5.62
CA ASN A 286 -21.16 11.15 -4.81
C ASN A 286 -20.82 10.55 -3.46
N ASP A 287 -20.44 11.42 -2.52
CA ASP A 287 -20.11 11.03 -1.15
C ASP A 287 -19.27 9.76 -1.03
N PRO A 288 -18.17 9.67 -1.79
CA PRO A 288 -17.36 8.46 -1.68
C PRO A 288 -16.57 8.49 -0.38
N PRO A 289 -16.09 7.32 0.07
CA PRO A 289 -15.31 7.28 1.30
C PRO A 289 -13.96 7.93 0.99
N TYR A 290 -13.28 8.43 2.01
CA TYR A 290 -11.99 9.06 1.76
C TYR A 290 -11.07 9.03 2.98
N ASN A 291 -9.83 9.40 2.72
CA ASN A 291 -8.81 9.50 3.76
C ASN A 291 -7.97 10.70 3.35
N TYR A 292 -7.40 11.39 4.32
CA TYR A 292 -6.51 12.51 4.05
C TYR A 292 -5.39 12.37 5.06
N MET A 293 -4.18 12.70 4.64
CA MET A 293 -3.04 12.57 5.53
C MET A 293 -2.04 13.70 5.38
N ILE A 294 -1.59 14.20 6.52
CA ILE A 294 -0.62 15.27 6.52
C ILE A 294 0.78 14.68 6.40
N HIS A 295 1.49 15.12 5.37
CA HIS A 295 2.85 14.67 5.14
C HIS A 295 3.77 15.77 5.68
N THR A 296 4.16 15.62 6.93
CA THR A 296 5.01 16.60 7.59
C THR A 296 6.49 16.19 7.49
N SER A 297 7.29 16.55 8.48
CA SER A 297 8.70 16.20 8.46
C SER A 297 9.12 15.31 9.62
N PRO A 298 10.20 14.54 9.46
CA PRO A 298 10.59 13.70 10.58
C PRO A 298 11.24 14.61 11.62
N LEU A 299 10.64 14.67 12.80
CA LEU A 299 11.10 15.50 13.90
C LEU A 299 12.61 15.84 13.88
N LYS A 300 13.44 14.84 13.58
CA LYS A 300 14.87 15.06 13.54
C LYS A 300 15.33 15.53 12.16
N VAL A 301 14.46 16.21 11.43
CA VAL A 301 14.83 16.70 10.10
C VAL A 301 16.05 17.61 10.21
N THR A 302 16.99 17.45 9.27
CA THR A 302 18.23 18.23 9.27
C THR A 302 18.21 19.52 8.45
N GLU A 303 19.14 20.42 8.77
CA GLU A 303 19.25 21.69 8.07
C GLU A 303 19.51 21.42 6.60
N SER A 304 20.36 20.44 6.33
CA SER A 304 20.67 20.10 4.95
C SER A 304 19.53 19.31 4.32
N GLN A 305 18.33 19.48 4.87
CA GLN A 305 17.14 18.78 4.36
C GLN A 305 16.00 19.77 4.12
N LEU A 306 15.93 20.78 4.99
CA LEU A 306 14.90 21.82 4.97
C LEU A 306 14.52 22.50 3.66
N PRO A 307 15.49 22.75 2.76
CA PRO A 307 15.16 23.41 1.50
C PRO A 307 14.16 22.66 0.61
N TYR A 308 14.38 21.36 0.43
CA TYR A 308 13.49 20.56 -0.41
C TYR A 308 12.42 19.81 0.37
N THR A 309 12.26 20.13 1.65
CA THR A 309 11.24 19.47 2.46
C THR A 309 10.08 20.43 2.67
N HIS A 310 8.96 20.11 2.04
CA HIS A 310 7.74 20.93 2.05
C HIS A 310 6.57 20.01 2.42
N TRP A 311 5.80 20.39 3.44
CA TRP A 311 4.69 19.55 3.88
C TRP A 311 3.36 19.80 3.18
N PHE A 312 2.45 18.83 3.29
CA PHE A 312 1.13 18.94 2.68
C PHE A 312 0.13 17.93 3.21
N LEU A 313 -1.11 18.11 2.77
CA LEU A 313 -2.19 17.24 3.17
C LEU A 313 -2.67 16.51 1.91
N GLN A 314 -2.67 15.18 1.97
CA GLN A 314 -3.09 14.35 0.84
C GLN A 314 -4.53 13.87 1.01
N ILE A 315 -5.35 14.08 -0.02
CA ILE A 315 -6.76 13.65 0.00
C ILE A 315 -7.00 12.63 -1.12
N VAL A 316 -7.42 11.43 -0.72
CA VAL A 316 -7.69 10.35 -1.67
C VAL A 316 -9.10 9.80 -1.54
N PRO A 317 -10.00 10.22 -2.43
CA PRO A 317 -11.34 9.66 -2.30
C PRO A 317 -11.23 8.22 -2.77
N GLN A 318 -11.69 7.29 -1.94
CA GLN A 318 -11.62 5.87 -2.23
C GLN A 318 -12.59 5.48 -3.34
N LEU A 319 -12.04 4.98 -4.44
CA LEU A 319 -12.83 4.61 -5.60
C LEU A 319 -12.53 3.20 -6.11
N SER A 320 -11.51 2.56 -5.54
CA SER A 320 -11.17 1.21 -5.98
C SER A 320 -10.03 0.61 -5.19
N GLY A 321 -10.10 -0.71 -4.98
CA GLY A 321 -9.08 -1.43 -4.24
C GLY A 321 -7.93 -1.89 -5.13
N VAL A 322 -7.01 -2.64 -4.54
CA VAL A 322 -5.84 -3.12 -5.27
C VAL A 322 -5.81 -4.64 -5.45
N GLY A 323 -4.88 -5.09 -6.29
CA GLY A 323 -4.73 -6.50 -6.57
C GLY A 323 -3.28 -6.92 -6.44
N GLY A 324 -2.98 -8.13 -6.92
CA GLY A 324 -1.64 -8.68 -6.84
C GLY A 324 -0.55 -7.83 -7.46
N PHE A 325 -0.90 -7.09 -8.52
CA PHE A 325 0.08 -6.25 -9.17
C PHE A 325 0.59 -5.18 -8.21
N GLU A 326 -0.33 -4.55 -7.50
CA GLU A 326 0.05 -3.51 -6.56
C GLU A 326 0.81 -4.07 -5.36
N ILE A 327 0.27 -5.11 -4.74
CA ILE A 327 0.91 -5.70 -3.57
C ILE A 327 2.31 -6.21 -3.89
N GLY A 328 2.51 -6.67 -5.12
CA GLY A 328 3.80 -7.18 -5.52
C GLY A 328 4.83 -6.14 -5.92
N THR A 329 4.42 -5.14 -6.69
CA THR A 329 5.38 -4.13 -7.14
C THR A 329 5.41 -2.83 -6.36
N GLY A 330 4.27 -2.43 -5.82
CA GLY A 330 4.22 -1.16 -5.12
C GLY A 330 3.95 -0.13 -6.18
N CYS A 331 3.62 -0.61 -7.38
CA CYS A 331 3.30 0.27 -8.49
C CYS A 331 1.81 0.32 -8.64
N TYR A 332 1.25 1.53 -8.69
CA TYR A 332 -0.18 1.70 -8.81
C TYR A 332 -0.63 1.96 -10.23
N ILE A 333 -1.92 1.70 -10.47
CA ILE A 333 -2.51 1.91 -11.77
C ILE A 333 -3.58 2.97 -11.62
N ASN A 334 -3.31 4.15 -12.18
CA ASN A 334 -4.25 5.26 -12.10
C ASN A 334 -5.02 5.32 -13.40
N PRO A 335 -6.37 5.22 -13.31
CA PRO A 335 -7.26 5.27 -14.46
C PRO A 335 -7.51 6.67 -15.04
N VAL A 336 -7.35 7.70 -14.20
CA VAL A 336 -7.59 9.07 -14.65
C VAL A 336 -6.37 9.98 -14.57
N PHE A 337 -6.18 10.82 -15.57
CA PHE A 337 -5.05 11.74 -15.56
C PHE A 337 -5.41 12.98 -14.74
N PRO A 338 -4.41 13.61 -14.08
CA PRO A 338 -4.69 14.81 -13.28
C PRO A 338 -5.22 15.97 -14.12
N GLU A 339 -4.80 16.03 -15.38
CA GLU A 339 -5.26 17.11 -16.27
C GLU A 339 -6.79 17.08 -16.32
N ASP A 340 -7.37 15.89 -16.38
CA ASP A 340 -8.81 15.78 -16.46
C ASP A 340 -9.44 15.97 -15.08
N VAL A 341 -8.93 15.28 -14.08
CA VAL A 341 -9.50 15.45 -12.75
C VAL A 341 -9.54 16.94 -12.41
N ALA A 342 -8.50 17.67 -12.83
CA ALA A 342 -8.40 19.09 -12.57
C ALA A 342 -9.52 19.91 -13.20
N LYS A 343 -9.81 19.65 -14.48
CA LYS A 343 -10.87 20.39 -15.17
C LYS A 343 -12.21 20.09 -14.52
N VAL A 344 -12.46 18.81 -14.27
CA VAL A 344 -13.70 18.37 -13.66
C VAL A 344 -13.94 19.04 -12.32
N MET A 345 -12.93 19.02 -11.46
CA MET A 345 -13.06 19.62 -10.14
C MET A 345 -13.23 21.13 -10.24
N ARG A 346 -12.69 21.74 -11.29
CA ARG A 346 -12.81 23.17 -11.50
C ARG A 346 -14.18 23.56 -12.03
N GLU A 347 -15.05 22.58 -12.23
CA GLU A 347 -16.39 22.84 -12.76
C GLU A 347 -17.51 22.55 -11.77
N VAL A 348 -17.28 21.60 -10.87
CA VAL A 348 -18.29 21.25 -9.87
C VAL A 348 -18.81 22.53 -9.21
N SER A 349 -20.10 22.54 -8.88
CA SER A 349 -20.72 23.71 -8.26
C SER A 349 -21.21 23.44 -6.83
N LEU A 350 -20.91 24.38 -5.94
CA LEU A 350 -21.31 24.25 -4.54
C LEU A 350 -21.83 25.59 -4.00
N THR A 351 -22.92 25.53 -3.24
CA THR A 351 -23.50 26.75 -2.67
C THR A 351 -23.38 26.73 -1.15
N GLN B 21 -0.99 -9.61 22.56
CA GLN B 21 -0.19 -8.99 23.65
C GLN B 21 0.03 -7.49 23.45
N SER B 22 1.25 -7.04 23.78
CA SER B 22 1.64 -5.64 23.66
C SER B 22 2.23 -5.36 22.28
N PRO B 23 1.99 -4.16 21.74
CA PRO B 23 2.48 -3.75 20.43
C PRO B 23 3.96 -4.06 20.24
N GLU B 24 4.40 -4.07 18.98
CA GLU B 24 5.79 -4.32 18.65
C GLU B 24 6.05 -4.04 17.17
N LEU B 25 7.16 -3.36 16.89
CA LEU B 25 7.56 -3.04 15.51
C LEU B 25 8.52 -4.11 15.00
N ARG B 26 8.47 -4.39 13.71
CA ARG B 26 9.36 -5.37 13.11
C ARG B 26 9.68 -5.08 11.67
N LYS B 27 10.96 -5.08 11.35
CA LYS B 27 11.45 -4.83 10.00
C LYS B 27 12.30 -6.02 9.55
N ASP B 28 12.06 -6.50 8.33
CA ASP B 28 12.82 -7.63 7.80
C ASP B 28 13.57 -7.21 6.55
N PRO B 29 14.72 -7.85 6.27
CA PRO B 29 15.52 -7.54 5.09
C PRO B 29 14.74 -7.65 3.78
N VAL B 30 14.07 -8.78 3.59
CA VAL B 30 13.28 -9.01 2.37
C VAL B 30 12.17 -7.98 2.20
N THR B 31 11.88 -7.23 3.25
CA THR B 31 10.85 -6.21 3.16
C THR B 31 11.47 -4.82 3.20
N ASN B 32 12.52 -4.70 4.00
CA ASN B 32 13.27 -3.46 4.19
C ASN B 32 12.46 -2.32 4.78
N ARG B 33 11.53 -2.65 5.67
CA ARG B 33 10.70 -1.64 6.31
C ARG B 33 10.03 -2.17 7.57
N TRP B 34 9.70 -1.27 8.50
CA TRP B 34 9.06 -1.69 9.74
C TRP B 34 7.57 -1.92 9.57
N VAL B 35 7.07 -2.92 10.29
CA VAL B 35 5.65 -3.24 10.33
C VAL B 35 5.21 -3.19 11.81
N ILE B 36 3.99 -2.72 12.04
CA ILE B 36 3.49 -2.63 13.39
C ILE B 36 2.64 -3.85 13.71
N PHE B 37 3.01 -4.55 14.78
CA PHE B 37 2.26 -5.70 15.24
C PHE B 37 1.50 -5.21 16.45
N SER B 38 0.18 -5.14 16.33
CA SER B 38 -0.68 -4.70 17.42
C SER B 38 -1.69 -5.79 17.74
N PRO B 39 -1.40 -6.61 18.75
CA PRO B 39 -2.31 -7.68 19.16
C PRO B 39 -3.31 -7.19 20.21
N THR B 46 -8.32 -20.01 16.23
CA THR B 46 -9.00 -19.51 15.03
C THR B 46 -9.71 -18.18 15.32
N ASP B 47 -8.96 -17.19 15.78
CA ASP B 47 -9.51 -15.89 16.08
C ASP B 47 -9.95 -15.19 14.80
N PHE B 48 -9.17 -15.36 13.75
CA PHE B 48 -9.44 -14.74 12.44
C PHE B 48 -10.10 -15.68 11.44
N LYS B 49 -10.78 -15.08 10.46
CA LYS B 49 -11.46 -15.83 9.41
C LYS B 49 -11.84 -14.86 8.29
N SER B 50 -12.44 -15.40 7.24
CA SER B 50 -12.85 -14.60 6.08
C SER B 50 -13.84 -13.52 6.50
N SER B 62 -21.01 -19.15 -18.53
CA SER B 62 -19.60 -19.48 -18.63
C SER B 62 -18.86 -18.48 -19.53
N CYS B 63 -18.09 -17.59 -18.90
CA CYS B 63 -17.32 -16.57 -19.61
C CYS B 63 -16.59 -17.09 -20.85
N PRO B 64 -16.10 -16.17 -21.70
CA PRO B 64 -15.38 -16.53 -22.93
C PRO B 64 -14.07 -17.27 -22.72
N PHE B 65 -13.58 -17.30 -21.49
CA PHE B 65 -12.32 -17.99 -21.17
C PHE B 65 -12.36 -19.47 -21.49
N CYS B 66 -13.55 -20.08 -21.42
CA CYS B 66 -13.69 -21.50 -21.71
C CYS B 66 -13.43 -21.80 -23.18
N ILE B 67 -13.35 -23.09 -23.51
CA ILE B 67 -13.09 -23.51 -24.89
C ILE B 67 -14.31 -23.25 -25.78
N GLU B 72 -12.54 -15.48 -29.98
CA GLU B 72 -13.35 -14.68 -29.07
C GLU B 72 -12.48 -13.90 -28.09
N CYS B 73 -11.35 -14.47 -27.72
CA CYS B 73 -10.45 -13.81 -26.79
C CYS B 73 -9.35 -13.07 -27.55
N ALA B 74 -8.54 -12.31 -26.81
CA ALA B 74 -7.45 -11.56 -27.38
C ALA B 74 -6.39 -12.52 -27.95
N PRO B 75 -5.53 -12.00 -28.85
CA PRO B 75 -4.46 -12.79 -29.49
C PRO B 75 -3.72 -13.73 -28.53
N GLU B 76 -3.56 -14.97 -28.97
CA GLU B 76 -2.85 -15.98 -28.18
C GLU B 76 -1.34 -15.90 -28.37
N LEU B 77 -0.60 -16.29 -27.33
CA LEU B 77 0.86 -16.28 -27.40
C LEU B 77 1.25 -17.73 -27.62
N PHE B 78 0.68 -18.59 -26.80
CA PHE B 78 0.90 -20.02 -26.91
C PHE B 78 -0.09 -20.72 -25.99
N ARG B 79 0.06 -22.03 -25.86
CA ARG B 79 -0.81 -22.81 -25.00
C ARG B 79 -0.09 -24.09 -24.60
N VAL B 80 -0.76 -24.93 -23.82
CA VAL B 80 -0.17 -26.18 -23.39
C VAL B 80 -1.22 -27.26 -23.28
N PRO B 81 -1.00 -28.40 -23.96
CA PRO B 81 0.16 -28.73 -24.79
C PRO B 81 0.26 -27.79 -26.00
N ASP B 82 1.47 -27.68 -26.55
CA ASP B 82 1.69 -26.80 -27.69
C ASP B 82 0.74 -27.11 -28.82
N HIS B 83 0.32 -26.07 -29.54
CA HIS B 83 -0.59 -26.19 -30.68
C HIS B 83 -1.50 -27.41 -30.51
N ASP B 84 -2.31 -27.41 -29.46
CA ASP B 84 -3.22 -28.52 -29.21
C ASP B 84 -4.63 -28.07 -28.85
N PRO B 85 -5.62 -28.41 -29.67
CA PRO B 85 -7.03 -28.06 -29.47
C PRO B 85 -7.57 -28.38 -28.08
N ASN B 86 -7.16 -29.51 -27.51
CA ASN B 86 -7.59 -29.88 -26.16
C ASN B 86 -6.57 -29.30 -25.18
N TRP B 87 -6.67 -27.98 -24.98
CA TRP B 87 -5.75 -27.26 -24.12
C TRP B 87 -6.07 -27.23 -22.62
N LYS B 88 -5.01 -27.21 -21.82
CA LYS B 88 -5.12 -27.15 -20.36
C LYS B 88 -4.99 -25.69 -19.90
N LEU B 89 -4.21 -24.90 -20.64
CA LEU B 89 -3.99 -23.50 -20.34
C LEU B 89 -3.56 -22.74 -21.59
N ARG B 90 -3.84 -21.45 -21.61
CA ARG B 90 -3.45 -20.59 -22.73
C ARG B 90 -2.99 -19.23 -22.18
N VAL B 91 -1.99 -18.64 -22.83
CA VAL B 91 -1.50 -17.34 -22.40
C VAL B 91 -1.77 -16.38 -23.55
N ILE B 92 -2.59 -15.37 -23.29
CA ILE B 92 -2.93 -14.41 -24.32
C ILE B 92 -2.68 -12.99 -23.88
N GLU B 93 -2.85 -12.06 -24.82
CA GLU B 93 -2.67 -10.66 -24.53
C GLU B 93 -3.79 -10.33 -23.55
N ASN B 94 -3.47 -9.70 -22.43
CA ASN B 94 -4.49 -9.34 -21.47
C ASN B 94 -5.50 -8.51 -22.26
N LEU B 95 -6.78 -8.87 -22.21
CA LEU B 95 -7.81 -8.14 -22.95
C LEU B 95 -7.52 -6.64 -22.98
N TYR B 96 -7.60 -5.98 -21.82
CA TYR B 96 -7.30 -4.55 -21.72
C TYR B 96 -6.09 -4.38 -20.81
N PRO B 97 -4.90 -4.28 -21.41
CA PRO B 97 -3.62 -4.12 -20.72
C PRO B 97 -3.44 -2.87 -19.88
N ALA B 98 -2.51 -2.95 -18.93
CA ALA B 98 -2.17 -1.82 -18.08
C ALA B 98 -1.13 -1.05 -18.89
N LEU B 99 -0.26 -1.80 -19.55
CA LEU B 99 0.77 -1.23 -20.42
C LEU B 99 0.60 -1.81 -21.83
N SER B 100 0.86 -1.00 -22.85
CA SER B 100 0.71 -1.39 -24.25
C SER B 100 1.98 -1.91 -24.91
N ARG B 101 1.93 -3.14 -25.41
CA ARG B 101 3.07 -3.75 -26.08
C ARG B 101 3.40 -3.05 -27.40
N ASN B 102 2.48 -2.23 -27.90
CA ASN B 102 2.68 -1.54 -29.16
C ASN B 102 3.34 -0.16 -29.04
N LEU B 103 4.24 -0.02 -28.07
CA LEU B 103 4.94 1.25 -27.86
C LEU B 103 6.44 1.05 -27.60
N GLU B 104 6.95 -0.12 -27.99
CA GLU B 104 8.37 -0.48 -27.83
C GLU B 104 9.33 0.71 -27.75
N THR B 105 10.18 0.71 -26.72
CA THR B 105 11.14 1.78 -26.54
C THR B 105 12.03 1.51 -25.33
N ARG B 116 10.57 12.80 -16.06
CA ARG B 116 9.46 12.79 -15.12
C ARG B 116 8.38 11.80 -15.58
N THR B 117 8.33 11.55 -16.88
CA THR B 117 7.35 10.61 -17.42
C THR B 117 7.98 9.73 -18.50
N ILE B 118 7.30 8.63 -18.80
CA ILE B 118 7.74 7.69 -19.82
C ILE B 118 6.51 7.08 -20.49
N VAL B 119 6.63 6.74 -21.77
CA VAL B 119 5.52 6.15 -22.51
C VAL B 119 5.08 4.85 -21.84
N GLY B 120 3.78 4.76 -21.55
CA GLY B 120 3.22 3.58 -20.90
C GLY B 120 3.34 2.31 -21.71
N PHE B 121 4.58 1.94 -22.01
CA PHE B 121 4.87 0.74 -22.78
C PHE B 121 5.31 -0.42 -21.91
N GLY B 122 4.92 -1.62 -22.31
CA GLY B 122 5.29 -2.81 -21.58
C GLY B 122 4.52 -4.01 -22.12
N PHE B 123 4.50 -5.09 -21.34
CA PHE B 123 3.80 -6.30 -21.74
C PHE B 123 2.78 -6.69 -20.67
N HIS B 124 1.53 -6.86 -21.08
CA HIS B 124 0.46 -7.27 -20.17
C HIS B 124 -0.25 -8.48 -20.75
N ASP B 125 -0.03 -9.63 -20.14
CA ASP B 125 -0.61 -10.87 -20.61
C ASP B 125 -1.39 -11.62 -19.53
N VAL B 126 -2.19 -12.59 -19.97
CA VAL B 126 -3.00 -13.40 -19.05
C VAL B 126 -2.80 -14.89 -19.33
N VAL B 127 -2.78 -15.67 -18.26
CA VAL B 127 -2.62 -17.11 -18.37
C VAL B 127 -3.90 -17.79 -17.92
N ILE B 128 -4.79 -18.11 -18.86
CA ILE B 128 -6.05 -18.79 -18.55
C ILE B 128 -5.69 -20.15 -17.96
N GLU B 129 -5.90 -20.29 -16.66
CA GLU B 129 -5.53 -21.50 -15.93
C GLU B 129 -6.29 -22.80 -16.18
N SER B 130 -7.41 -22.75 -16.89
CA SER B 130 -8.16 -23.99 -17.14
C SER B 130 -9.33 -23.84 -18.10
N PRO B 131 -9.73 -24.95 -18.74
CA PRO B 131 -10.84 -25.00 -19.69
C PRO B 131 -12.14 -24.91 -18.90
N VAL B 132 -12.17 -25.61 -17.76
CA VAL B 132 -13.34 -25.65 -16.88
C VAL B 132 -13.54 -24.33 -16.13
N HIS B 133 -14.69 -23.70 -16.37
CA HIS B 133 -15.02 -22.43 -15.73
C HIS B 133 -15.16 -22.51 -14.20
N SER B 134 -15.68 -23.64 -13.72
CA SER B 134 -15.90 -23.83 -12.28
C SER B 134 -14.68 -24.12 -11.41
N ILE B 135 -13.69 -24.81 -11.95
CA ILE B 135 -12.50 -25.16 -11.18
C ILE B 135 -11.63 -23.95 -10.79
N GLN B 136 -11.15 -23.98 -9.54
CA GLN B 136 -10.28 -22.92 -9.04
C GLN B 136 -8.86 -23.43 -9.15
N LEU B 137 -7.88 -22.52 -9.16
CA LEU B 137 -6.47 -22.94 -9.27
C LEU B 137 -6.12 -23.92 -8.18
N SER B 138 -6.67 -23.70 -6.99
CA SER B 138 -6.39 -24.58 -5.87
C SER B 138 -6.95 -25.99 -6.04
N ASP B 139 -7.95 -26.15 -6.90
CA ASP B 139 -8.53 -27.47 -7.14
C ASP B 139 -7.70 -28.27 -8.16
N ILE B 140 -6.60 -27.68 -8.61
CA ILE B 140 -5.74 -28.35 -9.58
C ILE B 140 -4.75 -29.33 -8.92
N ASP B 141 -4.46 -30.41 -9.63
CA ASP B 141 -3.55 -31.45 -9.14
C ASP B 141 -2.15 -30.92 -8.88
N PRO B 142 -1.47 -31.48 -7.86
CA PRO B 142 -0.12 -31.08 -7.48
C PRO B 142 0.84 -30.94 -8.67
N VAL B 143 0.70 -31.84 -9.64
CA VAL B 143 1.54 -31.82 -10.84
C VAL B 143 1.04 -30.70 -11.75
N GLY B 144 -0.26 -30.51 -11.77
CA GLY B 144 -0.84 -29.47 -12.59
C GLY B 144 -0.28 -28.10 -12.23
N ILE B 145 0.04 -27.93 -10.95
CA ILE B 145 0.60 -26.66 -10.51
C ILE B 145 1.96 -26.48 -11.16
N GLY B 146 2.70 -27.59 -11.27
CA GLY B 146 4.01 -27.55 -11.89
C GLY B 146 3.85 -26.92 -13.27
N ASP B 147 2.84 -27.40 -14.01
CA ASP B 147 2.56 -26.87 -15.33
C ASP B 147 2.34 -25.37 -15.21
N ILE B 148 1.50 -24.97 -14.25
CA ILE B 148 1.21 -23.56 -14.03
C ILE B 148 2.55 -22.85 -13.86
N LEU B 149 3.30 -23.30 -12.86
CA LEU B 149 4.62 -22.76 -12.53
C LEU B 149 5.60 -22.84 -13.70
N ILE B 150 5.94 -24.04 -14.15
CA ILE B 150 6.87 -24.18 -15.27
C ILE B 150 6.51 -23.26 -16.42
N ALA B 151 5.22 -23.08 -16.68
CA ALA B 151 4.81 -22.20 -17.77
C ALA B 151 5.31 -20.76 -17.50
N TYR B 152 5.21 -20.29 -16.26
CA TYR B 152 5.67 -18.95 -15.92
C TYR B 152 7.07 -18.79 -16.53
N LYS B 153 7.93 -19.75 -16.23
CA LYS B 153 9.30 -19.79 -16.72
C LYS B 153 9.35 -19.45 -18.21
N LYS B 154 8.48 -20.10 -18.98
CA LYS B 154 8.41 -19.90 -20.42
C LYS B 154 8.27 -18.43 -20.76
N ARG B 155 7.05 -17.90 -20.62
CA ARG B 155 6.78 -16.50 -20.93
C ARG B 155 7.84 -15.54 -20.35
N ILE B 156 8.34 -15.85 -19.17
CA ILE B 156 9.36 -15.01 -18.56
C ILE B 156 10.57 -15.05 -19.48
N ASN B 157 11.06 -16.26 -19.76
CA ASN B 157 12.21 -16.42 -20.64
C ASN B 157 11.99 -15.85 -22.02
N GLN B 158 10.73 -15.56 -22.36
CA GLN B 158 10.44 -15.00 -23.66
C GLN B 158 10.58 -13.47 -23.56
N ILE B 159 9.83 -12.88 -22.65
CA ILE B 159 9.87 -11.44 -22.47
C ILE B 159 11.28 -10.93 -22.19
N ALA B 160 12.06 -11.75 -21.49
CA ALA B 160 13.42 -11.36 -21.14
C ALA B 160 14.22 -10.89 -22.36
N GLN B 161 13.92 -11.47 -23.53
CA GLN B 161 14.61 -11.12 -24.77
C GLN B 161 14.68 -9.62 -25.01
N HIS B 162 13.76 -8.87 -24.41
CA HIS B 162 13.74 -7.42 -24.58
C HIS B 162 14.49 -6.77 -23.43
N ASP B 163 15.66 -6.23 -23.73
CA ASP B 163 16.46 -5.60 -22.70
C ASP B 163 15.81 -4.29 -22.23
N SER B 164 14.58 -4.08 -22.65
CA SER B 164 13.85 -2.88 -22.28
C SER B 164 12.89 -3.19 -21.13
N ILE B 165 13.05 -4.38 -20.56
CA ILE B 165 12.23 -4.81 -19.43
C ILE B 165 13.16 -5.19 -18.28
N ASN B 166 13.03 -4.49 -17.16
CA ASN B 166 13.90 -4.76 -16.02
C ASN B 166 13.28 -5.60 -14.91
N TYR B 167 12.01 -5.96 -15.06
CA TYR B 167 11.32 -6.79 -14.06
C TYR B 167 9.96 -7.24 -14.54
N ILE B 168 9.65 -8.53 -14.35
CA ILE B 168 8.36 -9.06 -14.74
C ILE B 168 7.57 -9.38 -13.46
N GLN B 169 6.37 -8.83 -13.36
CA GLN B 169 5.55 -9.08 -12.19
C GLN B 169 4.43 -10.09 -12.49
N VAL B 170 4.55 -11.28 -11.90
CA VAL B 170 3.56 -12.35 -12.07
C VAL B 170 2.73 -12.42 -10.80
N PHE B 171 1.41 -12.53 -10.95
CA PHE B 171 0.52 -12.59 -9.80
C PHE B 171 -0.85 -13.21 -10.12
N LYS B 172 -1.60 -13.50 -9.07
CA LYS B 172 -2.92 -14.09 -9.21
C LYS B 172 -3.98 -13.43 -8.31
N ASN B 173 -5.14 -13.18 -8.89
CA ASN B 173 -6.25 -12.57 -8.16
C ASN B 173 -7.44 -13.52 -8.14
N GLN B 174 -7.97 -13.78 -6.95
CA GLN B 174 -9.13 -14.64 -6.80
C GLN B 174 -10.14 -13.95 -5.87
N GLY B 175 -11.25 -13.50 -6.46
CA GLY B 175 -12.27 -12.82 -5.69
C GLY B 175 -12.32 -11.35 -6.01
N ALA B 176 -13.43 -10.91 -6.60
CA ALA B 176 -13.60 -9.51 -6.97
C ALA B 176 -12.92 -8.51 -6.04
N SER B 177 -13.11 -8.66 -4.73
CA SER B 177 -12.51 -7.73 -3.76
C SER B 177 -10.99 -7.76 -3.77
N ALA B 178 -10.43 -8.78 -4.41
CA ALA B 178 -8.99 -8.93 -4.50
C ALA B 178 -8.52 -8.51 -5.89
N GLY B 179 -9.43 -7.99 -6.70
CA GLY B 179 -9.08 -7.56 -8.04
C GLY B 179 -9.49 -8.52 -9.14
N ALA B 180 -9.78 -9.77 -8.79
CA ALA B 180 -10.18 -10.77 -9.78
C ALA B 180 -11.45 -10.32 -10.50
N SER B 181 -11.28 -9.86 -11.74
CA SER B 181 -12.38 -9.39 -12.56
C SER B 181 -13.08 -10.51 -13.32
N MET B 182 -12.75 -11.75 -12.98
CA MET B 182 -13.36 -12.92 -13.64
C MET B 182 -13.31 -14.15 -12.74
N SER B 183 -14.40 -14.90 -12.75
CA SER B 183 -14.52 -16.11 -11.94
C SER B 183 -13.64 -17.22 -12.49
N HIS B 184 -13.39 -17.19 -13.79
CA HIS B 184 -12.55 -18.21 -14.43
C HIS B 184 -11.18 -18.15 -13.75
N SER B 185 -10.53 -19.30 -13.61
CA SER B 185 -9.23 -19.36 -12.96
C SER B 185 -8.14 -18.79 -13.88
N HIS B 186 -7.40 -17.80 -13.38
CA HIS B 186 -6.34 -17.19 -14.17
C HIS B 186 -5.41 -16.31 -13.36
N SER B 187 -4.15 -16.30 -13.76
CA SER B 187 -3.10 -15.49 -13.13
C SER B 187 -2.41 -14.76 -14.27
N GLN B 188 -2.07 -13.50 -14.04
CA GLN B 188 -1.45 -12.65 -15.05
C GLN B 188 0.03 -12.36 -14.83
N MET B 189 0.62 -11.73 -15.84
CA MET B 189 2.02 -11.35 -15.83
C MET B 189 2.15 -9.93 -16.35
N MET B 190 2.88 -9.10 -15.61
CA MET B 190 3.10 -7.71 -15.99
C MET B 190 4.60 -7.45 -16.10
N ALA B 191 5.06 -7.23 -17.33
CA ALA B 191 6.47 -6.95 -17.60
C ALA B 191 6.63 -5.44 -17.58
N LEU B 192 7.48 -4.94 -16.70
CA LEU B 192 7.67 -3.48 -16.58
C LEU B 192 9.01 -2.98 -17.09
N PRO B 193 9.03 -1.72 -17.59
CA PRO B 193 10.21 -1.03 -18.12
C PRO B 193 10.96 -0.37 -16.95
N VAL B 194 10.41 -0.51 -15.75
CA VAL B 194 11.02 0.08 -14.55
C VAL B 194 11.08 -0.91 -13.38
N VAL B 195 12.11 -0.77 -12.55
CA VAL B 195 12.21 -1.62 -11.37
C VAL B 195 11.31 -0.93 -10.34
N PRO B 196 10.20 -1.57 -9.98
CA PRO B 196 9.19 -1.11 -9.02
C PRO B 196 9.74 -0.92 -7.61
N PRO B 197 9.00 -0.18 -6.75
CA PRO B 197 9.39 0.10 -5.36
C PRO B 197 9.76 -1.11 -4.49
N THR B 198 8.90 -2.12 -4.45
CA THR B 198 9.20 -3.29 -3.64
C THR B 198 10.48 -4.00 -4.04
N VAL B 199 10.89 -3.85 -5.30
CA VAL B 199 12.11 -4.50 -5.76
C VAL B 199 13.34 -3.71 -5.33
N SER B 200 13.24 -2.38 -5.45
CA SER B 200 14.32 -1.51 -5.03
C SER B 200 14.49 -1.66 -3.52
N SER B 201 13.38 -1.71 -2.78
CA SER B 201 13.43 -1.88 -1.33
C SER B 201 14.13 -3.16 -0.92
N ARG B 202 13.66 -4.26 -1.50
CA ARG B 202 14.20 -5.59 -1.23
C ARG B 202 15.69 -5.65 -1.55
N LEU B 203 16.07 -5.12 -2.71
CA LEU B 203 17.49 -5.11 -3.08
C LEU B 203 18.31 -4.34 -2.04
N ASP B 204 17.82 -3.17 -1.64
CA ASP B 204 18.53 -2.38 -0.65
C ASP B 204 18.57 -3.11 0.70
N GLY B 205 17.41 -3.65 1.11
CA GLY B 205 17.34 -4.35 2.38
C GLY B 205 18.22 -5.58 2.49
N THR B 206 18.24 -6.40 1.44
CA THR B 206 19.07 -7.60 1.49
C THR B 206 20.54 -7.27 1.24
N LYS B 207 20.81 -6.05 0.80
CA LYS B 207 22.18 -5.62 0.54
C LYS B 207 22.80 -5.15 1.84
N ASP B 208 22.04 -4.36 2.59
CA ASP B 208 22.51 -3.83 3.87
C ASP B 208 22.58 -4.94 4.89
N TYR B 209 21.80 -6.00 4.69
CA TYR B 209 21.82 -7.11 5.61
C TYR B 209 22.94 -8.08 5.23
N PHE B 210 23.23 -8.20 3.94
CA PHE B 210 24.29 -9.10 3.51
C PHE B 210 25.64 -8.53 3.86
N GLU B 211 25.71 -7.20 3.97
CA GLU B 211 26.96 -6.54 4.32
C GLU B 211 27.25 -6.62 5.81
N GLU B 212 26.21 -6.89 6.60
CA GLU B 212 26.38 -7.00 8.04
C GLU B 212 26.58 -8.44 8.52
N THR B 213 26.18 -9.40 7.70
CA THR B 213 26.30 -10.80 8.09
C THR B 213 26.88 -11.69 7.00
N GLY B 214 26.83 -11.20 5.76
CA GLY B 214 27.33 -12.00 4.66
C GLY B 214 26.44 -13.20 4.46
N LYS B 215 25.15 -13.04 4.78
CA LYS B 215 24.18 -14.11 4.65
C LYS B 215 22.94 -13.76 3.82
N CYS B 216 22.39 -14.78 3.16
CA CYS B 216 21.19 -14.61 2.37
C CYS B 216 20.00 -14.87 3.30
N CYS B 217 19.40 -13.79 3.80
CA CYS B 217 18.27 -13.89 4.72
C CYS B 217 17.26 -14.99 4.35
N LEU B 218 16.92 -15.11 3.07
CA LEU B 218 15.97 -16.14 2.65
C LEU B 218 16.54 -17.54 2.60
N CYS B 219 17.87 -17.65 2.61
CA CYS B 219 18.52 -18.95 2.59
C CYS B 219 18.39 -19.50 4.01
N GLU B 220 17.87 -18.66 4.90
CA GLU B 220 17.70 -19.05 6.29
C GLU B 220 16.21 -19.13 6.65
N ALA B 221 15.36 -19.16 5.63
CA ALA B 221 13.92 -19.24 5.82
C ALA B 221 13.55 -20.09 7.03
N LYS B 222 13.95 -21.37 6.97
CA LYS B 222 13.72 -22.35 8.02
C LYS B 222 13.77 -21.70 9.40
N SER B 223 14.96 -21.23 9.75
CA SER B 223 15.24 -20.61 11.03
C SER B 223 14.69 -19.21 11.22
N LYS B 224 15.15 -18.28 10.37
CA LYS B 224 14.74 -16.88 10.43
C LYS B 224 13.26 -16.67 10.68
N HIS B 225 12.42 -17.25 9.83
CA HIS B 225 10.98 -17.09 9.96
C HIS B 225 10.33 -18.26 10.70
N PHE B 226 9.01 -18.39 10.56
CA PHE B 226 8.29 -19.47 11.24
C PHE B 226 7.72 -20.48 10.25
N VAL B 227 8.34 -21.65 10.23
CA VAL B 227 7.95 -22.72 9.33
C VAL B 227 6.55 -23.28 9.53
N ILE B 228 5.87 -23.49 8.40
CA ILE B 228 4.52 -24.04 8.36
C ILE B 228 4.64 -25.45 7.79
N ASP B 229 4.96 -25.53 6.50
CA ASP B 229 5.13 -26.81 5.84
C ASP B 229 6.41 -26.80 5.01
N GLU B 230 6.73 -27.94 4.42
CA GLU B 230 7.94 -28.07 3.60
C GLU B 230 7.84 -29.23 2.62
N SER B 231 8.33 -29.00 1.40
CA SER B 231 8.33 -30.03 0.37
C SER B 231 9.78 -30.31 0.04
N SER B 232 10.01 -31.04 -1.04
CA SER B 232 11.36 -31.40 -1.47
C SER B 232 12.32 -30.23 -1.61
N HIS B 233 11.91 -29.21 -2.36
CA HIS B 233 12.79 -28.08 -2.58
C HIS B 233 12.21 -26.72 -2.22
N PHE B 234 11.23 -26.71 -1.32
CA PHE B 234 10.63 -25.45 -0.88
C PHE B 234 10.13 -25.54 0.55
N VAL B 235 10.10 -24.40 1.22
CA VAL B 235 9.61 -24.34 2.59
C VAL B 235 8.67 -23.13 2.70
N SER B 236 7.59 -23.27 3.47
CA SER B 236 6.64 -22.19 3.68
C SER B 236 6.77 -21.66 5.11
N VAL B 237 6.74 -20.34 5.26
CA VAL B 237 6.88 -19.74 6.58
C VAL B 237 5.87 -18.63 6.83
N ALA B 238 5.90 -18.11 8.06
CA ALA B 238 5.05 -17.00 8.47
C ALA B 238 6.10 -15.91 8.65
N PRO B 239 6.33 -15.09 7.62
CA PRO B 239 7.34 -14.04 7.75
C PRO B 239 7.34 -13.32 9.08
N PHE B 240 8.54 -13.18 9.62
CA PHE B 240 8.80 -12.55 10.90
C PHE B 240 8.20 -11.15 11.04
N ALA B 241 8.27 -10.36 9.96
CA ALA B 241 7.72 -9.02 9.97
C ALA B 241 6.69 -8.90 8.86
N ALA B 242 5.95 -9.98 8.64
CA ALA B 242 4.94 -10.01 7.60
C ALA B 242 4.14 -8.71 7.57
N THR B 243 3.74 -8.33 6.36
CA THR B 243 2.96 -7.11 6.15
C THR B 243 1.50 -7.33 6.56
N TYR B 244 0.98 -8.50 6.20
CA TYR B 244 -0.41 -8.85 6.43
C TYR B 244 -0.61 -10.04 7.35
N PRO B 245 -1.72 -10.06 8.10
CA PRO B 245 -1.98 -11.19 9.00
C PRO B 245 -2.17 -12.46 8.19
N PHE B 246 -1.55 -13.54 8.64
CA PHE B 246 -1.62 -14.83 7.97
C PHE B 246 -1.00 -14.81 6.58
N GLU B 247 0.13 -14.12 6.47
CA GLU B 247 0.85 -14.01 5.21
C GLU B 247 1.83 -15.16 5.14
N ILE B 248 1.89 -15.81 3.98
CA ILE B 248 2.79 -16.93 3.82
C ILE B 248 3.86 -16.69 2.77
N TRP B 249 5.10 -16.94 3.16
CA TRP B 249 6.24 -16.83 2.23
C TRP B 249 6.71 -18.27 1.90
N ILE B 250 6.35 -18.79 0.73
CA ILE B 250 6.82 -20.11 0.32
C ILE B 250 8.12 -19.79 -0.42
N ILE B 251 9.24 -20.30 0.06
CA ILE B 251 10.53 -19.98 -0.54
C ILE B 251 11.35 -21.19 -1.00
N PRO B 252 12.06 -21.05 -2.14
CA PRO B 252 12.86 -22.18 -2.59
C PRO B 252 13.97 -22.41 -1.59
N LYS B 253 14.32 -23.66 -1.33
CA LYS B 253 15.38 -23.96 -0.38
C LYS B 253 16.77 -23.69 -0.93
N ASP B 254 16.89 -23.61 -2.25
CA ASP B 254 18.16 -23.33 -2.88
C ASP B 254 18.18 -21.85 -3.26
N HIS B 255 19.29 -21.18 -2.96
CA HIS B 255 19.46 -19.78 -3.27
C HIS B 255 19.47 -19.59 -4.78
N SER B 256 18.70 -18.62 -5.27
CA SER B 256 18.63 -18.33 -6.71
C SER B 256 18.03 -16.96 -6.93
N SER B 257 18.67 -16.16 -7.77
CA SER B 257 18.22 -14.80 -8.07
C SER B 257 16.83 -14.66 -8.65
N HIS B 258 16.46 -15.55 -9.55
CA HIS B 258 15.16 -15.44 -10.20
C HIS B 258 14.32 -16.70 -10.30
N PHE B 259 13.01 -16.49 -10.39
CA PHE B 259 12.04 -17.56 -10.48
C PHE B 259 12.10 -18.44 -11.74
N HIS B 260 12.30 -17.84 -12.91
CA HIS B 260 12.32 -18.60 -14.14
C HIS B 260 13.54 -19.52 -14.31
N HIS B 261 14.12 -19.92 -13.19
CA HIS B 261 15.29 -20.79 -13.17
C HIS B 261 14.88 -22.14 -12.58
N LEU B 262 13.59 -22.32 -12.32
CA LEU B 262 13.10 -23.57 -11.77
C LEU B 262 12.85 -24.62 -12.85
N ASP B 263 13.08 -25.88 -12.51
CA ASP B 263 12.87 -26.98 -13.44
C ASP B 263 11.59 -27.75 -13.11
N ASP B 264 11.28 -28.76 -13.93
CA ASP B 264 10.06 -29.55 -13.76
C ASP B 264 9.83 -30.20 -12.38
N VAL B 265 10.89 -30.68 -11.74
CA VAL B 265 10.73 -31.30 -10.42
C VAL B 265 10.39 -30.24 -9.37
N LYS B 266 11.17 -29.16 -9.37
CA LYS B 266 10.96 -28.07 -8.42
C LYS B 266 9.58 -27.44 -8.62
N ALA B 267 9.08 -27.46 -9.85
CA ALA B 267 7.77 -26.88 -10.15
C ALA B 267 6.62 -27.72 -9.61
N VAL B 268 6.77 -29.05 -9.65
CA VAL B 268 5.73 -29.93 -9.16
C VAL B 268 5.86 -30.03 -7.64
N ASP B 269 7.07 -29.81 -7.15
CA ASP B 269 7.31 -29.83 -5.72
C ASP B 269 6.71 -28.56 -5.13
N LEU B 270 7.15 -27.42 -5.67
CA LEU B 270 6.66 -26.14 -5.21
C LEU B 270 5.13 -26.20 -5.28
N GLY B 271 4.62 -26.85 -6.32
CA GLY B 271 3.19 -26.98 -6.49
C GLY B 271 2.50 -27.58 -5.27
N GLY B 272 2.98 -28.73 -4.81
CA GLY B 272 2.40 -29.37 -3.65
C GLY B 272 2.22 -28.39 -2.51
N LEU B 273 3.33 -27.85 -1.99
CA LEU B 273 3.31 -26.90 -0.89
C LEU B 273 2.37 -25.75 -1.19
N LEU B 274 2.41 -25.25 -2.43
CA LEU B 274 1.55 -24.16 -2.86
C LEU B 274 0.09 -24.55 -2.61
N LYS B 275 -0.40 -25.51 -3.40
CA LYS B 275 -1.79 -25.99 -3.27
C LYS B 275 -2.14 -26.21 -1.79
N LEU B 276 -1.19 -26.73 -1.04
CA LEU B 276 -1.36 -27.00 0.38
C LEU B 276 -1.58 -25.71 1.18
N MET B 277 -0.97 -24.63 0.71
CA MET B 277 -1.11 -23.36 1.40
C MET B 277 -2.42 -22.69 1.02
N LEU B 278 -2.88 -22.90 -0.20
CA LEU B 278 -4.14 -22.29 -0.62
C LEU B 278 -5.33 -23.05 -0.01
N GLN B 279 -5.17 -24.36 0.13
CA GLN B 279 -6.22 -25.21 0.71
C GLN B 279 -6.27 -25.10 2.22
N LYS B 280 -5.12 -24.93 2.86
CA LYS B 280 -5.11 -24.81 4.31
C LYS B 280 -5.80 -23.49 4.67
N ILE B 281 -5.26 -22.39 4.15
CA ILE B 281 -5.84 -21.08 4.39
C ILE B 281 -7.33 -21.13 4.04
N ALA B 282 -7.65 -21.97 3.04
CA ALA B 282 -9.03 -22.14 2.60
C ALA B 282 -9.93 -22.63 3.72
N LYS B 283 -9.43 -23.57 4.52
CA LYS B 283 -10.22 -24.10 5.61
C LYS B 283 -10.14 -23.19 6.84
N GLN B 284 -8.92 -23.01 7.34
CA GLN B 284 -8.66 -22.19 8.52
C GLN B 284 -9.23 -20.77 8.45
N LEU B 285 -9.14 -20.12 7.30
CA LEU B 285 -9.64 -18.75 7.18
C LEU B 285 -11.03 -18.64 6.57
N ASN B 286 -11.70 -19.76 6.38
CA ASN B 286 -13.05 -19.77 5.84
C ASN B 286 -13.11 -19.42 4.36
N ASP B 287 -12.29 -20.11 3.58
CA ASP B 287 -12.22 -19.96 2.12
C ASP B 287 -12.36 -18.53 1.60
N PRO B 288 -11.41 -17.63 1.96
CA PRO B 288 -11.45 -16.23 1.52
C PRO B 288 -10.78 -15.99 0.17
N PRO B 289 -10.89 -14.76 -0.34
CA PRO B 289 -10.26 -14.44 -1.62
C PRO B 289 -8.79 -14.30 -1.23
N TYR B 290 -7.92 -14.06 -2.20
CA TYR B 290 -6.52 -13.89 -1.86
C TYR B 290 -5.75 -13.20 -2.96
N ASN B 291 -4.45 -13.13 -2.77
CA ASN B 291 -3.55 -12.54 -3.73
C ASN B 291 -2.20 -13.22 -3.54
N TYR B 292 -1.58 -13.61 -4.64
CA TYR B 292 -0.24 -14.16 -4.53
C TYR B 292 0.53 -13.59 -5.70
N MET B 293 1.76 -13.17 -5.42
CA MET B 293 2.60 -12.60 -6.46
C MET B 293 3.97 -13.25 -6.42
N ILE B 294 4.65 -13.25 -7.56
CA ILE B 294 5.98 -13.84 -7.60
C ILE B 294 7.01 -12.75 -7.38
N HIS B 295 7.83 -12.91 -6.35
CA HIS B 295 8.90 -11.96 -6.03
C HIS B 295 10.23 -12.51 -6.55
N THR B 296 10.64 -12.02 -7.71
CA THR B 296 11.88 -12.51 -8.32
C THR B 296 12.92 -11.39 -8.44
N SER B 297 13.70 -11.39 -9.50
CA SER B 297 14.71 -10.34 -9.61
C SER B 297 14.66 -9.56 -10.90
N PRO B 298 15.29 -8.38 -10.91
CA PRO B 298 15.29 -7.58 -12.14
C PRO B 298 16.03 -8.37 -13.22
N LEU B 299 15.67 -8.13 -14.47
CA LEU B 299 16.33 -8.81 -15.57
C LEU B 299 17.79 -8.38 -15.63
N LYS B 300 18.08 -7.16 -15.19
CA LYS B 300 19.45 -6.68 -15.21
C LYS B 300 20.14 -6.85 -13.87
N VAL B 301 19.57 -7.68 -12.99
CA VAL B 301 20.18 -7.91 -11.70
C VAL B 301 21.66 -8.17 -11.94
N THR B 302 22.52 -7.42 -11.26
CA THR B 302 23.96 -7.57 -11.44
C THR B 302 24.54 -8.76 -10.70
N GLU B 303 25.81 -9.02 -10.94
CA GLU B 303 26.53 -10.11 -10.32
C GLU B 303 26.72 -9.79 -8.84
N SER B 304 26.98 -8.53 -8.56
CA SER B 304 27.20 -8.07 -7.20
C SER B 304 25.97 -8.20 -6.31
N GLN B 305 24.80 -8.37 -6.91
CA GLN B 305 23.53 -8.49 -6.17
C GLN B 305 23.24 -9.95 -5.80
N LEU B 306 23.89 -10.85 -6.54
CA LEU B 306 23.76 -12.29 -6.40
C LEU B 306 23.91 -12.91 -5.01
N PRO B 307 24.81 -12.39 -4.17
CA PRO B 307 24.94 -13.00 -2.84
C PRO B 307 23.69 -12.80 -1.97
N TYR B 308 22.94 -11.72 -2.23
CA TYR B 308 21.75 -11.47 -1.43
C TYR B 308 20.42 -11.44 -2.16
N THR B 309 20.31 -12.14 -3.28
CA THR B 309 19.06 -12.17 -4.04
C THR B 309 18.60 -13.62 -4.12
N HIS B 310 17.32 -13.84 -3.85
CA HIS B 310 16.73 -15.19 -3.81
C HIS B 310 15.20 -15.06 -3.82
N TRP B 311 14.55 -15.49 -4.90
CA TRP B 311 13.11 -15.35 -5.00
C TRP B 311 12.29 -16.05 -3.92
N PHE B 312 11.01 -15.72 -3.85
CA PHE B 312 10.11 -16.33 -2.88
C PHE B 312 8.65 -16.16 -3.29
N LEU B 313 7.76 -16.88 -2.64
CA LEU B 313 6.34 -16.79 -2.98
C LEU B 313 5.54 -16.18 -1.81
N GLN B 314 4.81 -15.12 -2.12
CA GLN B 314 3.99 -14.41 -1.13
C GLN B 314 2.51 -14.75 -1.27
N ILE B 315 1.91 -15.20 -0.17
CA ILE B 315 0.49 -15.53 -0.14
C ILE B 315 -0.23 -14.57 0.80
N VAL B 316 -1.12 -13.75 0.24
CA VAL B 316 -1.85 -12.80 1.05
C VAL B 316 -3.35 -13.06 1.07
N PRO B 317 -3.86 -13.50 2.22
CA PRO B 317 -5.29 -13.75 2.35
C PRO B 317 -5.93 -12.40 2.63
N GLN B 318 -7.01 -12.10 1.91
CA GLN B 318 -7.71 -10.84 2.07
C GLN B 318 -8.74 -10.96 3.20
N LEU B 319 -8.36 -10.43 4.36
CA LEU B 319 -9.20 -10.49 5.56
C LEU B 319 -9.50 -9.10 6.11
N SER B 320 -8.81 -8.09 5.59
CA SER B 320 -8.99 -6.72 6.04
C SER B 320 -8.35 -5.68 5.12
N GLY B 321 -8.71 -4.42 5.30
CA GLY B 321 -8.14 -3.35 4.49
C GLY B 321 -7.41 -2.35 5.38
N VAL B 322 -7.10 -1.18 4.85
CA VAL B 322 -6.39 -0.17 5.62
C VAL B 322 -7.05 1.21 5.52
N GLY B 323 -6.46 2.16 6.24
CA GLY B 323 -6.98 3.52 6.23
C GLY B 323 -5.89 4.55 5.97
N GLY B 324 -6.13 5.77 6.44
CA GLY B 324 -5.18 6.84 6.26
C GLY B 324 -3.85 6.61 6.93
N PHE B 325 -3.82 5.77 7.96
CA PHE B 325 -2.56 5.51 8.64
C PHE B 325 -1.59 4.83 7.69
N GLU B 326 -2.04 3.73 7.10
CA GLU B 326 -1.20 2.97 6.17
C GLU B 326 -0.92 3.77 4.93
N ILE B 327 -1.97 4.33 4.33
CA ILE B 327 -1.79 5.11 3.10
C ILE B 327 -0.79 6.23 3.32
N GLY B 328 -0.84 6.86 4.48
CA GLY B 328 0.06 7.96 4.78
C GLY B 328 1.51 7.63 5.09
N THR B 329 1.77 6.58 5.86
CA THR B 329 3.14 6.23 6.24
C THR B 329 3.80 5.14 5.40
N GLY B 330 2.99 4.23 4.88
CA GLY B 330 3.54 3.13 4.11
C GLY B 330 3.95 2.04 5.09
N CYS B 331 3.40 2.10 6.30
CA CYS B 331 3.68 1.13 7.36
C CYS B 331 2.38 0.47 7.76
N TYR B 332 2.30 -0.84 7.56
CA TYR B 332 1.09 -1.58 7.87
C TYR B 332 0.93 -2.02 9.32
N ILE B 333 -0.32 -2.17 9.72
CA ILE B 333 -0.66 -2.62 11.07
C ILE B 333 -1.08 -4.07 10.96
N ASN B 334 -0.35 -4.95 11.64
CA ASN B 334 -0.64 -6.38 11.62
C ASN B 334 -1.10 -6.81 13.02
N PRO B 335 -2.29 -7.41 13.12
CA PRO B 335 -2.84 -7.86 14.39
C PRO B 335 -2.40 -9.24 14.84
N VAL B 336 -1.99 -10.07 13.89
CA VAL B 336 -1.57 -11.44 14.21
C VAL B 336 -0.10 -11.75 14.00
N PHE B 337 0.56 -12.15 15.08
CA PHE B 337 1.98 -12.52 15.01
C PHE B 337 2.11 -13.78 14.15
N PRO B 338 3.23 -13.94 13.44
CA PRO B 338 3.45 -15.11 12.58
C PRO B 338 3.63 -16.43 13.35
N GLU B 339 4.19 -16.34 14.55
CA GLU B 339 4.42 -17.53 15.38
C GLU B 339 3.12 -18.31 15.51
N ASP B 340 2.03 -17.58 15.74
CA ASP B 340 0.72 -18.16 15.88
C ASP B 340 0.15 -18.60 14.54
N VAL B 341 0.36 -17.79 13.51
CA VAL B 341 -0.16 -18.15 12.19
C VAL B 341 0.39 -19.53 11.83
N ALA B 342 1.68 -19.71 12.09
CA ALA B 342 2.35 -20.97 11.78
C ALA B 342 1.74 -22.12 12.58
N LYS B 343 1.70 -21.96 13.90
CA LYS B 343 1.14 -23.00 14.75
C LYS B 343 -0.31 -23.33 14.39
N VAL B 344 -1.07 -22.34 13.91
CA VAL B 344 -2.46 -22.57 13.53
C VAL B 344 -2.57 -23.30 12.18
N MET B 345 -1.72 -22.91 11.24
CA MET B 345 -1.72 -23.53 9.90
C MET B 345 -1.11 -24.93 9.97
N ARG B 346 -0.32 -25.19 10.99
CA ARG B 346 0.30 -26.50 11.16
C ARG B 346 -0.61 -27.44 11.94
N GLU B 347 -1.92 -27.19 11.88
CA GLU B 347 -2.88 -28.00 12.60
C GLU B 347 -4.16 -28.19 11.78
N VAL B 348 -4.29 -27.40 10.73
CA VAL B 348 -5.48 -27.49 9.88
C VAL B 348 -5.70 -28.92 9.38
N SER B 349 -6.94 -29.23 9.01
CA SER B 349 -7.29 -30.54 8.50
C SER B 349 -6.99 -30.63 7.01
N LEU B 350 -5.98 -31.41 6.65
CA LEU B 350 -5.58 -31.57 5.26
C LEU B 350 -4.45 -32.59 5.15
ZN ZN C . -21.08 9.72 18.55
ZN ZN D . 8.96 23.87 -1.25
ZN ZN E . -15.21 -19.57 -18.49
ZN ZN F . 19.19 -17.54 -0.84
#